data_2YUS
#
_entry.id   2YUS
#
_entity_poly.entity_id   1
_entity_poly.type   'polypeptide(L)'
_entity_poly.pdbx_seq_one_letter_code
;GSSGSSGTLAKSKGASAGREWTEQETLLLLEALEMYKDDWNKVSEHVGSRTQDECILHFLRLPIEDPYLENSDSGPSSG
;
_entity_poly.pdbx_strand_id   A
#
# COMPACT_ATOMS: atom_id res chain seq x y z
N GLY A 1 0.53 17.81 -22.62
CA GLY A 1 -0.04 16.86 -23.56
C GLY A 1 -1.13 16.02 -22.94
N SER A 2 -2.36 16.17 -23.44
CA SER A 2 -3.49 15.43 -22.92
C SER A 2 -4.16 14.62 -24.03
N SER A 3 -4.29 13.32 -23.81
CA SER A 3 -4.92 12.43 -24.78
C SER A 3 -6.25 11.90 -24.26
N GLY A 4 -6.22 11.28 -23.09
CA GLY A 4 -7.43 10.74 -22.50
C GLY A 4 -7.74 11.34 -21.15
N SER A 5 -8.88 10.97 -20.59
CA SER A 5 -9.30 11.48 -19.29
C SER A 5 -8.26 11.17 -18.23
N SER A 6 -8.00 9.88 -18.01
CA SER A 6 -7.03 9.45 -17.02
C SER A 6 -5.65 10.03 -17.32
N GLY A 7 -4.89 10.33 -16.28
CA GLY A 7 -3.56 10.88 -16.46
C GLY A 7 -2.53 9.83 -16.77
N THR A 8 -2.51 9.37 -18.03
CA THR A 8 -1.57 8.35 -18.45
C THR A 8 -0.15 8.68 -18.01
N LEU A 9 0.59 7.65 -17.60
CA LEU A 9 1.97 7.84 -17.15
C LEU A 9 2.65 6.50 -16.92
N ALA A 10 3.98 6.50 -16.97
CA ALA A 10 4.75 5.28 -16.77
C ALA A 10 5.90 5.51 -15.79
N LYS A 11 6.27 4.47 -15.06
CA LYS A 11 7.34 4.56 -14.08
C LYS A 11 8.50 3.63 -14.46
N SER A 12 9.67 4.23 -14.66
CA SER A 12 10.86 3.46 -15.04
C SER A 12 11.86 3.42 -13.88
N LYS A 13 11.96 2.26 -13.24
CA LYS A 13 12.88 2.08 -12.12
C LYS A 13 13.80 0.89 -12.36
N GLY A 14 15.09 1.07 -12.04
CA GLY A 14 16.05 0.00 -12.22
C GLY A 14 17.40 0.33 -11.61
N ALA A 15 17.87 1.55 -11.82
CA ALA A 15 19.15 1.98 -11.28
C ALA A 15 18.96 2.76 -9.97
N SER A 16 17.97 3.63 -9.95
CA SER A 16 17.68 4.43 -8.77
C SER A 16 17.42 3.54 -7.55
N ALA A 17 18.44 3.43 -6.69
CA ALA A 17 18.33 2.60 -5.49
C ALA A 17 17.69 3.39 -4.35
N GLY A 18 17.06 2.67 -3.42
CA GLY A 18 16.43 3.32 -2.29
C GLY A 18 15.53 2.38 -1.52
N ARG A 19 14.23 2.68 -1.49
CA ARG A 19 13.27 1.85 -0.78
C ARG A 19 12.43 1.04 -1.76
N GLU A 20 11.92 -0.10 -1.29
CA GLU A 20 11.09 -0.97 -2.12
C GLU A 20 10.08 -1.73 -1.27
N TRP A 21 8.84 -1.79 -1.76
CA TRP A 21 7.78 -2.49 -1.05
C TRP A 21 7.70 -3.95 -1.47
N THR A 22 7.83 -4.85 -0.51
CA THR A 22 7.78 -6.28 -0.78
C THR A 22 6.37 -6.82 -0.59
N GLU A 23 5.98 -7.78 -1.42
CA GLU A 23 4.66 -8.39 -1.34
C GLU A 23 4.19 -8.48 0.10
N GLN A 24 5.12 -8.81 1.00
CA GLN A 24 4.79 -8.95 2.41
C GLN A 24 4.27 -7.63 2.97
N GLU A 25 5.01 -6.54 2.72
CA GLU A 25 4.61 -5.23 3.21
C GLU A 25 3.25 -4.82 2.64
N THR A 26 3.12 -4.90 1.32
CA THR A 26 1.87 -4.54 0.66
C THR A 26 0.66 -5.03 1.45
N LEU A 27 0.67 -6.30 1.81
CA LEU A 27 -0.42 -6.88 2.58
C LEU A 27 -0.61 -6.14 3.91
N LEU A 28 0.44 -6.09 4.70
CA LEU A 28 0.39 -5.41 5.99
C LEU A 28 -0.36 -4.08 5.88
N LEU A 29 0.05 -3.26 4.92
CA LEU A 29 -0.59 -1.96 4.71
C LEU A 29 -2.10 -2.09 4.69
N LEU A 30 -2.60 -3.11 3.98
CA LEU A 30 -4.03 -3.35 3.89
C LEU A 30 -4.61 -3.76 5.23
N GLU A 31 -4.03 -4.78 5.84
CA GLU A 31 -4.47 -5.27 7.14
C GLU A 31 -4.84 -4.11 8.05
N ALA A 32 -3.93 -3.15 8.18
CA ALA A 32 -4.15 -1.99 9.03
C ALA A 32 -5.20 -1.07 8.43
N LEU A 33 -5.15 -0.89 7.12
CA LEU A 33 -6.10 -0.04 6.41
C LEU A 33 -7.53 -0.39 6.80
N GLU A 34 -7.72 -1.58 7.36
CA GLU A 34 -9.04 -2.03 7.77
C GLU A 34 -9.36 -1.57 9.19
N MET A 35 -8.38 -1.68 10.09
CA MET A 35 -8.55 -1.27 11.47
C MET A 35 -8.20 0.21 11.65
N TYR A 36 -6.97 0.56 11.31
CA TYR A 36 -6.50 1.93 11.44
C TYR A 36 -6.63 2.67 10.11
N LYS A 37 -7.69 2.36 9.37
CA LYS A 37 -7.93 3.00 8.08
C LYS A 37 -7.46 4.46 8.10
N ASP A 38 -8.00 5.23 9.03
CA ASP A 38 -7.64 6.64 9.16
C ASP A 38 -6.42 6.81 10.05
N ASP A 39 -6.45 6.16 11.21
CA ASP A 39 -5.35 6.24 12.16
C ASP A 39 -4.02 5.86 11.50
N TRP A 40 -3.41 6.81 10.82
CA TRP A 40 -2.15 6.57 10.14
C TRP A 40 -1.03 6.29 11.14
N ASN A 41 -1.00 7.07 12.21
CA ASN A 41 0.02 6.91 13.25
C ASN A 41 0.27 5.44 13.53
N LYS A 42 -0.81 4.68 13.68
CA LYS A 42 -0.71 3.25 13.96
C LYS A 42 -0.31 2.48 12.71
N VAL A 43 -0.91 2.83 11.58
CA VAL A 43 -0.61 2.18 10.32
C VAL A 43 0.89 2.03 10.12
N SER A 44 1.62 3.13 10.27
CA SER A 44 3.07 3.13 10.10
C SER A 44 3.71 2.11 11.04
N GLU A 45 3.08 1.87 12.18
CA GLU A 45 3.60 0.93 13.17
C GLU A 45 3.23 -0.51 12.78
N HIS A 46 1.99 -0.69 12.31
CA HIS A 46 1.52 -2.01 11.91
C HIS A 46 2.49 -2.66 10.93
N VAL A 47 2.85 -1.92 9.88
CA VAL A 47 3.76 -2.44 8.87
C VAL A 47 5.08 -2.90 9.51
N GLY A 48 5.80 -1.97 10.11
CA GLY A 48 7.06 -2.30 10.75
C GLY A 48 8.20 -1.41 10.28
N SER A 49 8.55 -1.53 9.00
CA SER A 49 9.63 -0.74 8.42
C SER A 49 9.08 0.32 7.48
N ARG A 50 8.12 1.10 7.97
CA ARG A 50 7.51 2.16 7.17
C ARG A 50 7.00 3.29 8.07
N THR A 51 7.00 4.50 7.51
CA THR A 51 6.54 5.68 8.26
C THR A 51 5.20 6.17 7.74
N GLN A 52 4.43 6.82 8.60
CA GLN A 52 3.12 7.34 8.22
C GLN A 52 3.13 7.82 6.77
N ASP A 53 3.98 8.80 6.49
CA ASP A 53 4.07 9.34 5.13
C ASP A 53 4.17 8.23 4.11
N GLU A 54 5.26 7.47 4.17
CA GLU A 54 5.48 6.36 3.24
C GLU A 54 4.19 5.57 3.02
N CYS A 55 3.60 5.11 4.12
CA CYS A 55 2.36 4.34 4.06
C CYS A 55 1.33 5.03 3.17
N ILE A 56 1.01 6.27 3.51
CA ILE A 56 0.04 7.05 2.74
C ILE A 56 0.34 6.98 1.25
N LEU A 57 1.60 7.19 0.90
CA LEU A 57 2.01 7.16 -0.50
C LEU A 57 1.73 5.79 -1.12
N HIS A 58 2.32 4.75 -0.55
CA HIS A 58 2.11 3.39 -1.05
C HIS A 58 0.65 3.13 -1.35
N PHE A 59 -0.23 3.56 -0.43
CA PHE A 59 -1.66 3.37 -0.59
C PHE A 59 -2.13 3.91 -1.94
N LEU A 60 -1.62 5.07 -2.30
CA LEU A 60 -1.99 5.70 -3.57
C LEU A 60 -1.07 5.24 -4.70
N ARG A 61 -0.70 3.96 -4.66
CA ARG A 61 0.18 3.39 -5.68
C ARG A 61 -0.43 2.10 -6.25
N LEU A 62 -0.89 1.23 -5.36
CA LEU A 62 -1.49 -0.03 -5.77
C LEU A 62 -2.31 0.14 -7.05
N PRO A 63 -2.42 -0.94 -7.84
CA PRO A 63 -3.18 -0.94 -9.09
C PRO A 63 -4.68 -0.82 -8.87
N ILE A 64 -5.44 -0.83 -9.95
CA ILE A 64 -6.89 -0.73 -9.88
C ILE A 64 -7.51 -2.07 -9.52
N GLU A 65 -8.65 -2.03 -8.82
CA GLU A 65 -9.34 -3.25 -8.43
C GLU A 65 -10.06 -3.88 -9.61
N ASP A 66 -9.96 -5.19 -9.73
CA ASP A 66 -10.60 -5.92 -10.83
C ASP A 66 -11.56 -6.97 -10.29
N PRO A 67 -12.67 -7.19 -11.02
CA PRO A 67 -13.70 -8.16 -10.63
C PRO A 67 -13.20 -9.60 -10.76
N TYR A 68 -12.56 -9.90 -11.88
CA TYR A 68 -12.05 -11.24 -12.14
C TYR A 68 -10.83 -11.20 -13.06
N LEU A 69 -9.66 -11.48 -12.51
CA LEU A 69 -8.42 -11.47 -13.28
C LEU A 69 -7.30 -12.17 -12.52
N GLU A 70 -6.73 -13.19 -13.13
CA GLU A 70 -5.64 -13.94 -12.50
C GLU A 70 -4.43 -13.05 -12.26
N ASN A 71 -4.12 -12.81 -10.99
CA ASN A 71 -2.98 -11.97 -10.62
C ASN A 71 -1.69 -12.77 -10.61
N SER A 72 -0.56 -12.06 -10.54
CA SER A 72 0.74 -12.71 -10.52
C SER A 72 0.81 -13.76 -9.43
N ASP A 73 1.90 -14.52 -9.41
CA ASP A 73 2.10 -15.57 -8.40
C ASP A 73 3.18 -15.16 -7.41
N SER A 74 3.04 -15.62 -6.17
CA SER A 74 4.01 -15.31 -5.12
C SER A 74 5.43 -15.60 -5.60
N GLY A 75 5.62 -16.75 -6.24
CA GLY A 75 6.93 -17.11 -6.74
C GLY A 75 7.84 -17.61 -5.63
N PRO A 76 9.15 -17.67 -5.93
CA PRO A 76 10.16 -18.12 -4.96
C PRO A 76 10.37 -17.13 -3.83
N SER A 77 11.35 -17.41 -2.98
CA SER A 77 11.65 -16.54 -1.85
C SER A 77 12.70 -15.49 -2.23
N SER A 78 12.23 -14.35 -2.70
CA SER A 78 13.13 -13.26 -3.11
C SER A 78 14.02 -12.84 -1.95
N GLY A 79 15.34 -12.92 -2.18
CA GLY A 79 16.29 -12.54 -1.14
C GLY A 79 16.70 -11.09 -1.24
N GLY A 1 -14.76 19.34 6.67
CA GLY A 1 -15.38 18.07 6.32
C GLY A 1 -14.65 17.36 5.21
N SER A 2 -15.40 16.90 4.21
CA SER A 2 -14.81 16.19 3.08
C SER A 2 -13.96 15.02 3.56
N SER A 3 -14.47 14.29 4.55
CA SER A 3 -13.76 13.15 5.10
C SER A 3 -13.89 11.94 4.19
N GLY A 4 -12.97 10.98 4.34
CA GLY A 4 -13.01 9.79 3.52
C GLY A 4 -13.43 8.56 4.30
N SER A 5 -14.54 8.68 5.02
CA SER A 5 -15.05 7.57 5.83
C SER A 5 -15.05 6.28 5.02
N SER A 6 -15.57 6.34 3.81
CA SER A 6 -15.64 5.18 2.93
C SER A 6 -14.31 4.43 2.93
N GLY A 7 -14.40 3.09 3.01
CA GLY A 7 -13.19 2.28 3.02
C GLY A 7 -13.48 0.82 2.74
N THR A 8 -12.64 0.20 1.91
CA THR A 8 -12.81 -1.21 1.57
C THR A 8 -11.48 -1.84 1.18
N LEU A 9 -11.18 -2.98 1.79
CA LEU A 9 -9.94 -3.70 1.49
C LEU A 9 -9.73 -3.83 0.00
N ALA A 10 -8.48 -3.66 -0.44
CA ALA A 10 -8.15 -3.79 -1.85
C ALA A 10 -7.16 -4.92 -2.10
N LYS A 11 -7.63 -5.97 -2.76
CA LYS A 11 -6.80 -7.13 -3.05
C LYS A 11 -5.79 -6.81 -4.15
N SER A 12 -4.52 -6.71 -3.78
CA SER A 12 -3.46 -6.40 -4.73
C SER A 12 -2.70 -7.66 -5.13
N LYS A 13 -2.77 -8.01 -6.41
CA LYS A 13 -2.10 -9.19 -6.92
C LYS A 13 -1.23 -8.84 -8.12
N GLY A 14 0.00 -9.34 -8.12
CA GLY A 14 0.92 -9.08 -9.22
C GLY A 14 2.30 -8.70 -8.73
N ALA A 15 2.40 -7.52 -8.11
CA ALA A 15 3.68 -7.04 -7.59
C ALA A 15 4.67 -6.79 -8.73
N SER A 16 4.18 -6.18 -9.81
CA SER A 16 5.01 -5.89 -10.97
C SER A 16 6.39 -5.40 -10.53
N ALA A 17 7.43 -6.09 -11.00
CA ALA A 17 8.80 -5.74 -10.66
C ALA A 17 9.06 -4.26 -10.89
N GLY A 18 9.37 -3.53 -9.83
CA GLY A 18 9.63 -2.11 -9.95
C GLY A 18 8.99 -1.30 -8.83
N ARG A 19 9.04 -1.84 -7.62
CA ARG A 19 8.47 -1.17 -6.46
C ARG A 19 9.45 -1.14 -5.30
N GLU A 20 9.06 -0.47 -4.21
CA GLU A 20 9.90 -0.37 -3.03
C GLU A 20 9.29 -1.14 -1.87
N TRP A 21 8.29 -1.96 -2.16
CA TRP A 21 7.62 -2.76 -1.14
C TRP A 21 7.63 -4.24 -1.50
N THR A 22 7.34 -5.08 -0.53
CA THR A 22 7.31 -6.52 -0.75
C THR A 22 5.93 -7.10 -0.44
N GLU A 23 5.71 -8.36 -0.83
CA GLU A 23 4.44 -9.02 -0.59
C GLU A 23 4.01 -8.87 0.86
N GLN A 24 4.98 -8.94 1.76
CA GLN A 24 4.70 -8.83 3.19
C GLN A 24 4.20 -7.42 3.53
N GLU A 25 5.09 -6.44 3.40
CA GLU A 25 4.73 -5.06 3.69
C GLU A 25 3.40 -4.68 3.03
N THR A 26 3.33 -4.88 1.72
CA THR A 26 2.12 -4.56 0.97
C THR A 26 0.87 -5.02 1.72
N LEU A 27 0.77 -6.32 1.94
CA LEU A 27 -0.37 -6.89 2.64
C LEU A 27 -0.61 -6.17 3.97
N LEU A 28 0.44 -6.08 4.78
CA LEU A 28 0.35 -5.41 6.08
C LEU A 28 -0.38 -4.08 5.95
N LEU A 29 0.04 -3.28 4.98
CA LEU A 29 -0.57 -1.96 4.76
C LEU A 29 -2.09 -2.09 4.64
N LEU A 30 -2.54 -3.04 3.82
CA LEU A 30 -3.96 -3.25 3.62
C LEU A 30 -4.64 -3.70 4.92
N GLU A 31 -4.08 -4.72 5.55
CA GLU A 31 -4.63 -5.24 6.81
C GLU A 31 -4.90 -4.10 7.78
N ALA A 32 -3.91 -3.23 7.96
CA ALA A 32 -4.05 -2.09 8.86
C ALA A 32 -5.00 -1.05 8.30
N LEU A 33 -5.04 -0.95 6.98
CA LEU A 33 -5.91 0.01 6.30
C LEU A 33 -7.37 -0.25 6.63
N GLU A 34 -7.64 -1.38 7.26
CA GLU A 34 -9.00 -1.75 7.64
C GLU A 34 -9.31 -1.32 9.07
N MET A 35 -8.29 -1.35 9.92
CA MET A 35 -8.44 -0.96 11.31
C MET A 35 -7.97 0.48 11.53
N TYR A 36 -6.71 0.74 11.16
CA TYR A 36 -6.14 2.07 11.32
C TYR A 36 -6.27 2.88 10.04
N LYS A 37 -7.36 2.64 9.30
CA LYS A 37 -7.60 3.35 8.05
C LYS A 37 -7.18 4.81 8.16
N ASP A 38 -7.76 5.52 9.10
CA ASP A 38 -7.44 6.93 9.31
C ASP A 38 -6.20 7.08 10.18
N ASP A 39 -6.19 6.38 11.31
CA ASP A 39 -5.05 6.43 12.23
C ASP A 39 -3.77 6.00 11.54
N TRP A 40 -3.20 6.90 10.75
CA TRP A 40 -1.97 6.60 10.03
C TRP A 40 -0.84 6.26 11.00
N ASN A 41 -0.89 6.84 12.19
CA ASN A 41 0.13 6.61 13.21
C ASN A 41 0.38 5.12 13.38
N LYS A 42 -0.67 4.38 13.73
CA LYS A 42 -0.56 2.94 13.92
C LYS A 42 -0.07 2.25 12.65
N VAL A 43 -0.64 2.65 11.52
CA VAL A 43 -0.25 2.07 10.23
C VAL A 43 1.25 1.89 10.14
N SER A 44 1.99 2.97 10.40
CA SER A 44 3.45 2.93 10.33
C SER A 44 4.00 1.79 11.19
N GLU A 45 3.38 1.57 12.34
CA GLU A 45 3.82 0.52 13.26
C GLU A 45 3.42 -0.85 12.71
N HIS A 46 2.14 -1.02 12.40
CA HIS A 46 1.63 -2.29 11.87
C HIS A 46 2.57 -2.83 10.80
N VAL A 47 2.93 -1.97 9.84
CA VAL A 47 3.81 -2.37 8.75
C VAL A 47 5.15 -2.87 9.29
N GLY A 48 5.91 -1.97 9.91
CA GLY A 48 7.20 -2.35 10.45
C GLY A 48 8.26 -1.29 10.24
N SER A 49 8.83 -1.27 9.04
CA SER A 49 9.87 -0.29 8.70
C SER A 49 9.32 0.77 7.76
N ARG A 50 8.11 1.24 8.04
CA ARG A 50 7.47 2.25 7.22
C ARG A 50 6.94 3.39 8.09
N THR A 51 6.75 4.55 7.47
CA THR A 51 6.25 5.72 8.18
C THR A 51 4.87 6.13 7.68
N GLN A 52 4.08 6.74 8.55
CA GLN A 52 2.73 7.19 8.19
C GLN A 52 2.70 7.75 6.79
N ASP A 53 3.50 8.79 6.55
CA ASP A 53 3.56 9.43 5.24
C ASP A 53 3.76 8.40 4.15
N GLU A 54 4.78 7.55 4.31
CA GLU A 54 5.07 6.51 3.33
C GLU A 54 3.82 5.70 2.99
N CYS A 55 3.30 5.00 4.00
CA CYS A 55 2.10 4.18 3.82
C CYS A 55 1.09 4.89 2.94
N ILE A 56 0.81 6.15 3.27
CA ILE A 56 -0.15 6.95 2.51
C ILE A 56 0.20 6.97 1.02
N LEU A 57 1.48 7.18 0.74
CA LEU A 57 1.96 7.22 -0.64
C LEU A 57 1.78 5.87 -1.32
N HIS A 58 2.38 4.83 -0.74
CA HIS A 58 2.28 3.49 -1.30
C HIS A 58 0.84 3.15 -1.66
N PHE A 59 -0.08 3.51 -0.78
CA PHE A 59 -1.50 3.24 -1.01
C PHE A 59 -1.99 3.94 -2.27
N LEU A 60 -1.91 5.27 -2.27
CA LEU A 60 -2.36 6.05 -3.42
C LEU A 60 -1.82 5.46 -4.73
N ARG A 61 -0.59 4.97 -4.68
CA ARG A 61 0.04 4.37 -5.85
C ARG A 61 -0.76 3.17 -6.35
N LEU A 62 -1.18 2.31 -5.42
CA LEU A 62 -1.95 1.13 -5.76
C LEU A 62 -2.90 1.41 -6.92
N PRO A 63 -3.11 0.40 -7.77
CA PRO A 63 -3.99 0.51 -8.94
C PRO A 63 -5.46 0.61 -8.54
N ILE A 64 -6.34 0.61 -9.54
CA ILE A 64 -7.78 0.69 -9.29
C ILE A 64 -8.45 -0.66 -9.46
N GLU A 65 -9.29 -1.02 -8.50
CA GLU A 65 -10.00 -2.30 -8.54
C GLU A 65 -11.15 -2.25 -9.56
N ASP A 66 -10.99 -2.98 -10.65
CA ASP A 66 -12.01 -3.04 -11.69
C ASP A 66 -12.27 -4.47 -12.14
N PRO A 67 -13.53 -4.78 -12.43
CA PRO A 67 -13.94 -6.12 -12.88
C PRO A 67 -13.44 -6.43 -14.28
N TYR A 68 -12.93 -5.42 -14.96
CA TYR A 68 -12.42 -5.59 -16.32
C TYR A 68 -10.92 -5.31 -16.37
N LEU A 69 -10.53 -4.12 -15.97
CA LEU A 69 -9.12 -3.73 -15.97
C LEU A 69 -8.86 -2.62 -14.95
N GLU A 70 -7.83 -2.79 -14.14
CA GLU A 70 -7.47 -1.81 -13.12
C GLU A 70 -6.83 -0.59 -13.76
N ASN A 71 -5.98 -0.81 -14.76
CA ASN A 71 -5.30 0.28 -15.45
C ASN A 71 -5.57 0.23 -16.95
N SER A 72 -5.69 1.39 -17.57
CA SER A 72 -5.95 1.47 -19.00
C SER A 72 -4.66 1.67 -19.79
N ASP A 73 -4.60 1.12 -20.99
CA ASP A 73 -3.43 1.24 -21.84
C ASP A 73 -2.15 0.88 -21.06
N SER A 74 -2.23 -0.18 -20.27
CA SER A 74 -1.09 -0.63 -19.47
C SER A 74 0.11 -0.93 -20.36
N GLY A 75 1.25 -0.32 -20.03
CA GLY A 75 2.45 -0.53 -20.81
C GLY A 75 3.51 -1.31 -20.04
N PRO A 76 4.77 -1.20 -20.48
CA PRO A 76 5.90 -1.88 -19.84
C PRO A 76 6.23 -1.29 -18.47
N SER A 77 6.15 -2.12 -17.44
CA SER A 77 6.44 -1.69 -16.08
C SER A 77 7.71 -2.34 -15.55
N SER A 78 8.75 -2.35 -16.38
CA SER A 78 10.02 -2.95 -16.00
C SER A 78 11.18 -1.99 -16.29
N GLY A 79 11.92 -1.63 -15.24
CA GLY A 79 13.04 -0.72 -15.39
C GLY A 79 14.15 -1.00 -14.39
N GLY A 1 -15.24 11.19 2.67
CA GLY A 1 -15.04 9.78 2.94
C GLY A 1 -15.90 8.90 2.05
N SER A 2 -15.55 7.61 1.99
CA SER A 2 -16.29 6.66 1.17
C SER A 2 -16.95 5.59 2.05
N SER A 3 -17.70 4.71 1.41
CA SER A 3 -18.39 3.64 2.12
C SER A 3 -17.41 2.73 2.84
N GLY A 4 -16.42 2.24 2.10
CA GLY A 4 -15.42 1.36 2.68
C GLY A 4 -15.97 0.00 3.04
N SER A 5 -16.54 -0.68 2.05
CA SER A 5 -17.12 -2.01 2.27
C SER A 5 -16.31 -3.07 1.53
N SER A 6 -16.03 -2.82 0.26
CA SER A 6 -15.27 -3.76 -0.57
C SER A 6 -13.97 -4.16 0.13
N GLY A 7 -13.51 -5.38 -0.12
CA GLY A 7 -12.28 -5.86 0.48
C GLY A 7 -11.08 -5.05 0.04
N THR A 8 -10.17 -5.70 -0.68
CA THR A 8 -8.97 -5.04 -1.16
C THR A 8 -8.95 -4.95 -2.69
N LEU A 9 -8.19 -4.00 -3.21
CA LEU A 9 -8.09 -3.81 -4.65
C LEU A 9 -7.20 -4.89 -5.29
N ALA A 10 -6.06 -5.14 -4.65
CA ALA A 10 -5.13 -6.14 -5.14
C ALA A 10 -4.41 -6.84 -4.00
N LYS A 11 -4.10 -8.12 -4.18
CA LYS A 11 -3.41 -8.90 -3.16
C LYS A 11 -1.90 -8.69 -3.25
N SER A 12 -1.33 -9.04 -4.39
CA SER A 12 0.11 -8.90 -4.61
C SER A 12 0.40 -7.83 -5.66
N LYS A 13 1.32 -6.94 -5.35
CA LYS A 13 1.70 -5.87 -6.26
C LYS A 13 2.16 -6.43 -7.60
N GLY A 14 3.06 -7.41 -7.54
CA GLY A 14 3.57 -8.02 -8.76
C GLY A 14 5.04 -7.74 -8.97
N ALA A 15 5.77 -8.74 -9.47
CA ALA A 15 7.19 -8.59 -9.73
C ALA A 15 7.91 -7.98 -8.53
N SER A 16 7.52 -8.41 -7.33
CA SER A 16 8.12 -7.90 -6.11
C SER A 16 9.58 -8.32 -6.00
N ALA A 17 10.48 -7.38 -6.29
CA ALA A 17 11.91 -7.66 -6.23
C ALA A 17 12.72 -6.37 -6.16
N GLY A 18 13.47 -6.21 -5.07
CA GLY A 18 14.28 -5.01 -4.91
C GLY A 18 14.02 -4.33 -3.57
N ARG A 19 14.45 -3.07 -3.46
CA ARG A 19 14.27 -2.30 -2.24
C ARG A 19 12.92 -1.61 -2.22
N GLU A 20 11.89 -2.32 -2.68
CA GLU A 20 10.54 -1.78 -2.72
C GLU A 20 9.59 -2.62 -1.87
N TRP A 21 8.36 -2.14 -1.73
CA TRP A 21 7.35 -2.84 -0.94
C TRP A 21 7.32 -4.32 -1.29
N THR A 22 7.68 -5.15 -0.31
CA THR A 22 7.70 -6.60 -0.52
C THR A 22 6.31 -7.21 -0.31
N GLU A 23 6.13 -8.43 -0.79
CA GLU A 23 4.85 -9.12 -0.66
C GLU A 23 4.25 -8.88 0.73
N GLN A 24 5.08 -9.01 1.76
CA GLN A 24 4.63 -8.81 3.13
C GLN A 24 4.09 -7.40 3.33
N GLU A 25 4.97 -6.41 3.21
CA GLU A 25 4.58 -5.02 3.37
C GLU A 25 3.22 -4.75 2.73
N THR A 26 3.16 -4.94 1.41
CA THR A 26 1.92 -4.72 0.67
C THR A 26 0.71 -5.17 1.48
N LEU A 27 0.68 -6.45 1.83
CA LEU A 27 -0.42 -7.00 2.60
C LEU A 27 -0.61 -6.23 3.91
N LEU A 28 0.47 -6.06 4.65
CA LEU A 28 0.43 -5.33 5.92
C LEU A 28 -0.29 -4.00 5.76
N LEU A 29 0.11 -3.24 4.75
CA LEU A 29 -0.50 -1.93 4.48
C LEU A 29 -2.02 -2.03 4.53
N LEU A 30 -2.58 -2.95 3.75
CA LEU A 30 -4.02 -3.15 3.71
C LEU A 30 -4.58 -3.44 5.09
N GLU A 31 -4.12 -4.54 5.69
CA GLU A 31 -4.57 -4.93 7.03
C GLU A 31 -4.70 -3.71 7.93
N ALA A 32 -3.75 -2.80 7.84
CA ALA A 32 -3.76 -1.58 8.65
C ALA A 32 -4.70 -0.54 8.06
N LEU A 33 -4.78 -0.50 6.73
CA LEU A 33 -5.63 0.45 6.04
C LEU A 33 -7.10 0.14 6.30
N GLU A 34 -7.38 -1.08 6.75
CA GLU A 34 -8.75 -1.51 7.03
C GLU A 34 -9.08 -1.32 8.51
N MET A 35 -8.06 -1.38 9.35
CA MET A 35 -8.24 -1.23 10.79
C MET A 35 -7.89 0.19 11.23
N TYR A 36 -6.66 0.60 10.95
CA TYR A 36 -6.19 1.95 11.31
C TYR A 36 -6.24 2.88 10.11
N LYS A 37 -7.23 2.68 9.25
CA LYS A 37 -7.39 3.51 8.07
C LYS A 37 -6.97 4.95 8.34
N ASP A 38 -7.79 5.67 9.10
CA ASP A 38 -7.50 7.06 9.44
C ASP A 38 -6.34 7.14 10.43
N ASP A 39 -6.38 6.27 11.43
CA ASP A 39 -5.33 6.25 12.45
C ASP A 39 -4.00 5.78 11.86
N TRP A 40 -3.31 6.68 11.17
CA TRP A 40 -2.03 6.35 10.54
C TRP A 40 -0.94 6.19 11.60
N ASN A 41 -1.05 6.97 12.67
CA ASN A 41 -0.06 6.92 13.76
C ASN A 41 0.31 5.48 14.08
N LYS A 42 -0.67 4.58 13.99
CA LYS A 42 -0.44 3.16 14.26
C LYS A 42 -0.03 2.42 12.99
N VAL A 43 -0.71 2.71 11.89
CA VAL A 43 -0.42 2.07 10.62
C VAL A 43 1.09 1.88 10.45
N SER A 44 1.83 2.98 10.51
CA SER A 44 3.28 2.93 10.34
C SER A 44 3.88 1.79 11.17
N GLU A 45 3.40 1.64 12.40
CA GLU A 45 3.90 0.59 13.29
C GLU A 45 3.44 -0.78 12.80
N HIS A 46 2.18 -0.87 12.39
CA HIS A 46 1.63 -2.13 11.90
C HIS A 46 2.57 -2.78 10.90
N VAL A 47 3.10 -1.99 9.98
CA VAL A 47 4.01 -2.49 8.96
C VAL A 47 5.34 -2.93 9.58
N GLY A 48 6.10 -1.97 10.09
CA GLY A 48 7.37 -2.28 10.71
C GLY A 48 8.49 -1.38 10.21
N SER A 49 8.71 -1.38 8.90
CA SER A 49 9.74 -0.56 8.30
C SER A 49 9.15 0.48 7.36
N ARG A 50 8.04 1.08 7.78
CA ARG A 50 7.37 2.09 6.97
C ARG A 50 6.72 3.15 7.86
N THR A 51 6.96 4.42 7.52
CA THR A 51 6.39 5.52 8.30
C THR A 51 5.03 5.93 7.74
N GLN A 52 4.24 6.60 8.58
CA GLN A 52 2.91 7.04 8.18
C GLN A 52 2.91 7.54 6.74
N ASP A 53 3.59 8.65 6.50
CA ASP A 53 3.67 9.23 5.17
C ASP A 53 3.73 8.13 4.11
N GLU A 54 4.85 7.42 4.06
CA GLU A 54 5.03 6.34 3.10
C GLU A 54 3.75 5.56 2.89
N CYS A 55 3.29 4.90 3.95
CA CYS A 55 2.05 4.12 3.89
C CYS A 55 0.99 4.85 3.07
N ILE A 56 0.68 6.06 3.48
CA ILE A 56 -0.33 6.87 2.78
C ILE A 56 -0.04 6.94 1.28
N LEU A 57 1.24 7.12 0.95
CA LEU A 57 1.64 7.21 -0.45
C LEU A 57 1.43 5.88 -1.16
N HIS A 58 2.10 4.84 -0.68
CA HIS A 58 1.99 3.52 -1.28
C HIS A 58 0.53 3.19 -1.59
N PHE A 59 -0.35 3.45 -0.62
CA PHE A 59 -1.78 3.18 -0.79
C PHE A 59 -2.32 3.87 -2.04
N LEU A 60 -1.76 5.04 -2.34
CA LEU A 60 -2.19 5.82 -3.51
C LEU A 60 -1.36 5.45 -4.74
N ARG A 61 -0.97 4.19 -4.82
CA ARG A 61 -0.17 3.71 -5.94
C ARG A 61 -0.81 2.48 -6.58
N LEU A 62 -1.24 1.54 -5.74
CA LEU A 62 -1.88 0.32 -6.23
C LEU A 62 -2.80 0.62 -7.41
N PRO A 63 -2.85 -0.33 -8.37
CA PRO A 63 -3.68 -0.19 -9.57
C PRO A 63 -5.18 -0.28 -9.25
N ILE A 64 -5.98 -0.51 -10.29
CA ILE A 64 -7.42 -0.63 -10.11
C ILE A 64 -7.96 -1.89 -10.78
N GLU A 65 -7.32 -3.02 -10.48
CA GLU A 65 -7.73 -4.30 -11.05
C GLU A 65 -7.03 -5.46 -10.35
N ASP A 66 -7.62 -6.64 -10.44
CA ASP A 66 -7.04 -7.83 -9.82
C ASP A 66 -5.52 -7.81 -9.90
N PRO A 67 -4.86 -8.48 -8.94
CA PRO A 67 -3.40 -8.56 -8.89
C PRO A 67 -2.82 -9.41 -10.01
N TYR A 68 -3.48 -10.52 -10.30
CA TYR A 68 -3.03 -11.43 -11.35
C TYR A 68 -2.59 -10.65 -12.58
N LEU A 69 -3.45 -9.76 -13.05
CA LEU A 69 -3.15 -8.96 -14.23
C LEU A 69 -1.83 -8.24 -14.07
N GLU A 70 -0.80 -8.74 -14.75
CA GLU A 70 0.53 -8.15 -14.68
C GLU A 70 1.08 -7.86 -16.08
N ASN A 71 2.12 -7.05 -16.15
CA ASN A 71 2.74 -6.71 -17.43
C ASN A 71 4.10 -6.06 -17.22
N SER A 72 5.10 -6.57 -17.93
CA SER A 72 6.46 -6.05 -17.82
C SER A 72 7.19 -6.15 -19.15
N ASP A 73 7.72 -5.03 -19.62
CA ASP A 73 8.44 -4.99 -20.88
C ASP A 73 9.94 -4.88 -20.65
N SER A 74 10.70 -5.78 -21.26
CA SER A 74 12.15 -5.79 -21.12
C SER A 74 12.75 -4.46 -21.59
N GLY A 75 14.00 -4.21 -21.18
CA GLY A 75 14.66 -2.98 -21.56
C GLY A 75 15.80 -3.22 -22.55
N PRO A 76 16.01 -2.26 -23.46
CA PRO A 76 17.07 -2.35 -24.47
C PRO A 76 18.46 -2.22 -23.86
N SER A 77 19.42 -2.95 -24.43
CA SER A 77 20.79 -2.92 -23.94
C SER A 77 21.65 -2.02 -24.81
N SER A 78 21.61 -2.24 -26.12
CA SER A 78 22.39 -1.43 -27.05
C SER A 78 21.57 -1.11 -28.30
N GLY A 79 22.05 -0.13 -29.07
CA GLY A 79 21.35 0.26 -30.28
C GLY A 79 20.61 1.58 -30.12
N GLY A 1 -9.04 11.97 -24.43
CA GLY A 1 -8.33 11.38 -23.31
C GLY A 1 -8.33 9.86 -23.37
N SER A 2 -8.02 9.23 -22.23
CA SER A 2 -7.98 7.78 -22.15
C SER A 2 -7.40 7.18 -23.43
N SER A 3 -6.34 7.81 -23.95
CA SER A 3 -5.70 7.34 -25.16
C SER A 3 -5.18 5.92 -25.00
N GLY A 4 -4.40 5.70 -23.95
CA GLY A 4 -3.85 4.38 -23.69
C GLY A 4 -2.90 4.36 -22.52
N SER A 5 -1.78 5.08 -22.65
CA SER A 5 -0.78 5.14 -21.59
C SER A 5 -0.35 3.75 -21.16
N SER A 6 -0.14 2.88 -22.15
CA SER A 6 0.29 1.50 -21.89
C SER A 6 1.61 1.20 -22.57
N GLY A 7 2.42 0.36 -21.93
CA GLY A 7 3.71 0.00 -22.49
C GLY A 7 3.58 -0.94 -23.68
N THR A 8 4.18 -0.55 -24.81
CA THR A 8 4.13 -1.37 -26.01
C THR A 8 5.50 -1.91 -26.38
N LEU A 9 6.55 -1.21 -25.93
CA LEU A 9 7.91 -1.63 -26.20
C LEU A 9 8.10 -3.12 -25.92
N ALA A 10 8.38 -3.88 -26.97
CA ALA A 10 8.59 -5.32 -26.82
C ALA A 10 10.05 -5.65 -26.59
N LYS A 11 10.43 -5.77 -25.32
CA LYS A 11 11.81 -6.07 -24.95
C LYS A 11 11.91 -6.45 -23.48
N SER A 12 12.92 -7.25 -23.15
CA SER A 12 13.13 -7.69 -21.77
C SER A 12 14.30 -6.94 -21.14
N LYS A 13 14.38 -5.64 -21.40
CA LYS A 13 15.44 -4.81 -20.85
C LYS A 13 15.41 -4.80 -19.33
N GLY A 14 16.33 -5.52 -18.71
CA GLY A 14 16.38 -5.58 -17.26
C GLY A 14 15.13 -6.20 -16.66
N ALA A 15 15.19 -6.50 -15.37
CA ALA A 15 14.06 -7.11 -14.68
C ALA A 15 13.65 -6.27 -13.48
N SER A 16 12.36 -6.31 -13.15
CA SER A 16 11.83 -5.55 -12.02
C SER A 16 12.25 -6.18 -10.69
N ALA A 17 13.39 -5.74 -10.17
CA ALA A 17 13.90 -6.27 -8.91
C ALA A 17 14.39 -5.14 -8.01
N GLY A 18 13.78 -5.02 -6.83
CA GLY A 18 14.17 -3.98 -5.90
C GLY A 18 13.24 -2.78 -5.95
N ARG A 19 12.10 -2.87 -5.28
CA ARG A 19 11.14 -1.80 -5.25
C ARG A 19 11.05 -1.16 -3.87
N GLU A 20 10.58 0.08 -3.81
CA GLU A 20 10.45 0.79 -2.55
C GLU A 20 9.55 0.04 -1.58
N TRP A 21 8.85 -0.97 -2.10
CA TRP A 21 7.95 -1.77 -1.29
C TRP A 21 7.96 -3.22 -1.73
N THR A 22 7.49 -4.11 -0.87
CA THR A 22 7.45 -5.54 -1.17
C THR A 22 6.06 -6.12 -0.88
N GLU A 23 5.83 -7.33 -1.37
CA GLU A 23 4.54 -8.00 -1.17
C GLU A 23 4.18 -8.04 0.32
N GLN A 24 5.17 -8.34 1.15
CA GLN A 24 4.97 -8.40 2.59
C GLN A 24 4.34 -7.10 3.12
N GLU A 25 5.05 -6.00 2.92
CA GLU A 25 4.56 -4.70 3.37
C GLU A 25 3.20 -4.37 2.75
N THR A 26 3.11 -4.50 1.43
CA THR A 26 1.87 -4.22 0.72
C THR A 26 0.68 -4.81 1.46
N LEU A 27 0.78 -6.08 1.84
CA LEU A 27 -0.30 -6.76 2.55
C LEU A 27 -0.51 -6.14 3.93
N LEU A 28 0.59 -5.76 4.58
CA LEU A 28 0.51 -5.15 5.90
C LEU A 28 -0.27 -3.84 5.86
N LEU A 29 -0.02 -3.04 4.83
CA LEU A 29 -0.70 -1.77 4.67
C LEU A 29 -2.21 -1.96 4.60
N LEU A 30 -2.65 -2.88 3.74
CA LEU A 30 -4.07 -3.16 3.58
C LEU A 30 -4.67 -3.66 4.89
N GLU A 31 -4.05 -4.66 5.50
CA GLU A 31 -4.53 -5.22 6.75
C GLU A 31 -4.90 -4.10 7.73
N ALA A 32 -3.96 -3.20 7.97
CA ALA A 32 -4.17 -2.09 8.89
C ALA A 32 -5.19 -1.10 8.31
N LEU A 33 -5.12 -0.87 7.01
CA LEU A 33 -6.02 0.06 6.34
C LEU A 33 -7.47 -0.27 6.66
N GLU A 34 -7.70 -1.48 7.18
CA GLU A 34 -9.04 -1.91 7.54
C GLU A 34 -9.39 -1.49 8.97
N MET A 35 -8.43 -1.66 9.87
CA MET A 35 -8.63 -1.29 11.26
C MET A 35 -8.20 0.15 11.52
N TYR A 36 -6.95 0.45 11.19
CA TYR A 36 -6.40 1.79 11.38
C TYR A 36 -6.54 2.62 10.11
N LYS A 37 -7.61 2.37 9.35
CA LYS A 37 -7.85 3.09 8.11
C LYS A 37 -7.40 4.55 8.23
N ASP A 38 -8.11 5.31 9.06
CA ASP A 38 -7.78 6.72 9.27
C ASP A 38 -6.52 6.87 10.11
N ASP A 39 -6.52 6.24 11.28
CA ASP A 39 -5.37 6.30 12.19
C ASP A 39 -4.09 5.88 11.46
N TRP A 40 -3.42 6.85 10.85
CA TRP A 40 -2.18 6.57 10.13
C TRP A 40 -1.02 6.38 11.09
N ASN A 41 -0.92 7.26 12.08
CA ASN A 41 0.15 7.18 13.07
C ASN A 41 0.36 5.74 13.53
N LYS A 42 -0.73 4.99 13.63
CA LYS A 42 -0.66 3.59 14.05
C LYS A 42 -0.22 2.69 12.90
N VAL A 43 -0.84 2.88 11.74
CA VAL A 43 -0.51 2.09 10.56
C VAL A 43 1.00 1.89 10.44
N SER A 44 1.74 2.96 10.64
CA SER A 44 3.20 2.90 10.55
C SER A 44 3.76 1.76 11.40
N GLU A 45 3.24 1.63 12.62
CA GLU A 45 3.68 0.58 13.53
C GLU A 45 3.33 -0.80 12.97
N HIS A 46 2.06 -0.97 12.61
CA HIS A 46 1.58 -2.24 12.07
C HIS A 46 2.60 -2.83 11.09
N VAL A 47 3.01 -2.03 10.12
CA VAL A 47 3.98 -2.47 9.12
C VAL A 47 5.31 -2.83 9.78
N GLY A 48 5.88 -1.88 10.52
CA GLY A 48 7.15 -2.11 11.18
C GLY A 48 8.25 -1.19 10.68
N SER A 49 8.72 -1.43 9.46
CA SER A 49 9.77 -0.62 8.88
C SER A 49 9.20 0.38 7.87
N ARG A 50 8.12 1.05 8.27
CA ARG A 50 7.48 2.03 7.40
C ARG A 50 6.76 3.10 8.23
N THR A 51 7.02 4.36 7.92
CA THR A 51 6.41 5.47 8.62
C THR A 51 5.02 5.78 8.07
N GLN A 52 4.37 6.77 8.66
CA GLN A 52 3.03 7.16 8.21
C GLN A 52 3.03 7.52 6.74
N ASP A 53 3.79 8.56 6.38
CA ASP A 53 3.87 8.99 4.99
C ASP A 53 3.99 7.80 4.04
N GLU A 54 5.10 7.08 4.15
CA GLU A 54 5.33 5.91 3.31
C GLU A 54 4.04 5.13 3.09
N CYS A 55 3.40 4.72 4.19
CA CYS A 55 2.16 3.97 4.11
C CYS A 55 1.18 4.63 3.15
N ILE A 56 1.02 5.94 3.29
CA ILE A 56 0.11 6.70 2.42
C ILE A 56 0.61 6.71 0.98
N LEU A 57 1.92 6.82 0.82
CA LEU A 57 2.52 6.85 -0.51
C LEU A 57 2.21 5.57 -1.28
N HIS A 58 2.63 4.44 -0.73
CA HIS A 58 2.39 3.15 -1.37
C HIS A 58 0.90 2.92 -1.59
N PHE A 59 0.09 3.29 -0.61
CA PHE A 59 -1.36 3.12 -0.71
C PHE A 59 -1.89 3.78 -1.97
N LEU A 60 -1.63 5.07 -2.12
CA LEU A 60 -2.10 5.82 -3.29
C LEU A 60 -2.07 4.94 -4.53
N ARG A 61 -0.99 4.20 -4.70
CA ARG A 61 -0.84 3.31 -5.85
C ARG A 61 -1.95 2.26 -5.88
N LEU A 62 -1.95 1.38 -4.88
CA LEU A 62 -2.95 0.33 -4.79
C LEU A 62 -4.32 0.85 -5.17
N PRO A 63 -5.15 -0.02 -5.76
CA PRO A 63 -6.51 0.33 -6.19
C PRO A 63 -7.45 0.55 -5.00
N ILE A 64 -8.72 0.73 -5.31
CA ILE A 64 -9.73 0.96 -4.26
C ILE A 64 -10.22 -0.36 -3.68
N GLU A 65 -10.43 -0.38 -2.37
CA GLU A 65 -10.91 -1.58 -1.69
C GLU A 65 -12.12 -1.27 -0.82
N ASP A 66 -13.31 -1.36 -1.41
CA ASP A 66 -14.55 -1.09 -0.70
C ASP A 66 -15.69 -1.94 -1.24
N PRO A 67 -16.55 -2.43 -0.32
CA PRO A 67 -17.69 -3.27 -0.69
C PRO A 67 -18.77 -2.49 -1.43
N TYR A 68 -18.61 -1.17 -1.49
CA TYR A 68 -19.56 -0.31 -2.17
C TYR A 68 -18.99 0.23 -3.47
N LEU A 69 -17.75 0.70 -3.42
CA LEU A 69 -17.07 1.23 -4.59
C LEU A 69 -17.87 2.40 -5.18
N GLU A 70 -18.43 3.22 -4.31
CA GLU A 70 -19.21 4.38 -4.74
C GLU A 70 -18.48 5.68 -4.42
N ASN A 71 -17.18 5.71 -4.72
CA ASN A 71 -16.37 6.89 -4.46
C ASN A 71 -16.39 7.83 -5.66
N SER A 72 -16.28 9.13 -5.39
CA SER A 72 -16.30 10.14 -6.45
C SER A 72 -14.98 10.91 -6.48
N ASP A 73 -14.77 11.66 -7.55
CA ASP A 73 -13.54 12.45 -7.69
C ASP A 73 -13.56 13.67 -6.78
N SER A 74 -12.43 14.34 -6.67
CA SER A 74 -12.32 15.51 -5.82
C SER A 74 -11.40 16.56 -6.45
N GLY A 75 -11.91 17.78 -6.60
CA GLY A 75 -11.12 18.85 -7.19
C GLY A 75 -11.92 20.12 -7.36
N PRO A 76 -12.32 20.73 -6.23
CA PRO A 76 -13.11 21.97 -6.23
C PRO A 76 -12.28 23.17 -6.69
N SER A 77 -11.10 23.33 -6.13
CA SER A 77 -10.21 24.43 -6.48
C SER A 77 -8.92 23.92 -7.12
N SER A 78 -8.07 24.84 -7.54
CA SER A 78 -6.80 24.48 -8.17
C SER A 78 -5.62 24.84 -7.26
N GLY A 79 -5.58 26.09 -6.82
CA GLY A 79 -4.50 26.53 -5.95
C GLY A 79 -4.29 28.03 -6.01
N GLY A 1 -22.17 -8.73 20.10
CA GLY A 1 -23.20 -8.40 19.13
C GLY A 1 -23.31 -6.91 18.88
N SER A 2 -22.23 -6.31 18.38
CA SER A 2 -22.21 -4.88 18.10
C SER A 2 -21.84 -4.61 16.64
N SER A 3 -22.67 -3.84 15.96
CA SER A 3 -22.42 -3.51 14.56
C SER A 3 -21.15 -2.68 14.40
N GLY A 4 -20.46 -2.86 13.28
CA GLY A 4 -19.24 -2.12 13.04
C GLY A 4 -18.46 -2.66 11.86
N SER A 5 -18.67 -2.04 10.69
CA SER A 5 -17.99 -2.47 9.47
C SER A 5 -17.13 -1.34 8.90
N SER A 6 -15.82 -1.43 9.11
CA SER A 6 -14.90 -0.41 8.62
C SER A 6 -15.01 -0.27 7.11
N GLY A 7 -14.77 -1.37 6.41
CA GLY A 7 -14.83 -1.35 4.95
C GLY A 7 -16.25 -1.31 4.44
N THR A 8 -16.43 -0.77 3.24
CA THR A 8 -17.75 -0.67 2.63
C THR A 8 -17.66 -0.63 1.11
N LEU A 9 -18.39 -1.53 0.46
CA LEU A 9 -18.39 -1.60 -1.00
C LEU A 9 -17.02 -1.23 -1.56
N ALA A 10 -15.97 -1.69 -0.89
CA ALA A 10 -14.60 -1.42 -1.33
C ALA A 10 -13.61 -2.38 -0.68
N LYS A 11 -12.54 -2.70 -1.40
CA LYS A 11 -11.52 -3.60 -0.89
C LYS A 11 -10.33 -3.66 -1.84
N SER A 12 -9.14 -3.83 -1.27
CA SER A 12 -7.91 -3.91 -2.06
C SER A 12 -7.25 -5.27 -1.92
N LYS A 13 -7.58 -6.18 -2.83
CA LYS A 13 -7.01 -7.52 -2.81
C LYS A 13 -5.49 -7.48 -2.87
N GLY A 14 -4.97 -6.73 -3.83
CA GLY A 14 -3.53 -6.61 -3.98
C GLY A 14 -3.13 -5.77 -5.18
N ALA A 15 -1.83 -5.75 -5.49
CA ALA A 15 -1.34 -4.98 -6.61
C ALA A 15 0.09 -5.41 -6.98
N SER A 16 0.44 -5.23 -8.25
CA SER A 16 1.76 -5.60 -8.73
C SER A 16 2.63 -4.38 -8.96
N ALA A 17 2.08 -3.40 -9.68
CA ALA A 17 2.81 -2.17 -9.95
C ALA A 17 3.54 -1.66 -8.72
N GLY A 18 4.54 -0.82 -8.93
CA GLY A 18 5.31 -0.28 -7.83
C GLY A 18 6.28 -1.28 -7.25
N ARG A 19 7.51 -1.29 -7.76
CA ARG A 19 8.53 -2.21 -7.29
C ARG A 19 9.30 -1.61 -6.12
N GLU A 20 8.57 -0.95 -5.22
CA GLU A 20 9.18 -0.34 -4.05
C GLU A 20 8.63 -0.95 -2.76
N TRP A 21 8.00 -2.12 -2.88
CA TRP A 21 7.44 -2.80 -1.73
C TRP A 21 7.72 -4.30 -1.79
N THR A 22 7.20 -5.04 -0.82
CA THR A 22 7.40 -6.48 -0.76
C THR A 22 6.09 -7.21 -0.50
N GLU A 23 5.95 -8.39 -1.10
CA GLU A 23 4.74 -9.19 -0.93
C GLU A 23 4.20 -9.06 0.48
N GLN A 24 5.09 -9.14 1.47
CA GLN A 24 4.70 -9.04 2.87
C GLN A 24 4.23 -7.63 3.20
N GLU A 25 5.17 -6.68 3.19
CA GLU A 25 4.84 -5.29 3.49
C GLU A 25 3.49 -4.91 2.90
N THR A 26 3.32 -5.16 1.60
CA THR A 26 2.07 -4.85 0.92
C THR A 26 0.86 -5.32 1.72
N LEU A 27 0.87 -6.58 2.11
CA LEU A 27 -0.21 -7.16 2.89
C LEU A 27 -0.46 -6.36 4.16
N LEU A 28 0.58 -6.20 4.96
CA LEU A 28 0.48 -5.45 6.21
C LEU A 28 -0.17 -4.08 5.98
N LEU A 29 0.46 -3.27 5.14
CA LEU A 29 -0.06 -1.95 4.82
C LEU A 29 -1.58 -1.96 4.70
N LEU A 30 -2.07 -2.69 3.69
CA LEU A 30 -3.51 -2.79 3.47
C LEU A 30 -4.23 -3.21 4.74
N GLU A 31 -3.76 -4.30 5.35
CA GLU A 31 -4.36 -4.81 6.58
C GLU A 31 -4.65 -3.67 7.55
N ALA A 32 -3.63 -2.86 7.83
CA ALA A 32 -3.78 -1.74 8.74
C ALA A 32 -4.72 -0.67 8.17
N LEU A 33 -4.56 -0.39 6.88
CA LEU A 33 -5.39 0.60 6.21
C LEU A 33 -6.87 0.26 6.36
N GLU A 34 -7.15 -0.96 6.79
CA GLU A 34 -8.52 -1.41 6.98
C GLU A 34 -9.00 -1.14 8.40
N MET A 35 -8.08 -1.24 9.36
CA MET A 35 -8.41 -1.00 10.76
C MET A 35 -8.10 0.45 11.15
N TYR A 36 -6.84 0.84 11.01
CA TYR A 36 -6.41 2.19 11.35
C TYR A 36 -6.41 3.09 10.12
N LYS A 37 -7.34 2.84 9.22
CA LYS A 37 -7.45 3.62 7.99
C LYS A 37 -7.06 5.08 8.24
N ASP A 38 -7.78 5.73 9.15
CA ASP A 38 -7.50 7.12 9.48
C ASP A 38 -6.37 7.23 10.49
N ASP A 39 -6.32 6.29 11.43
CA ASP A 39 -5.29 6.28 12.46
C ASP A 39 -3.93 5.93 11.84
N TRP A 40 -3.39 6.84 11.06
CA TRP A 40 -2.10 6.63 10.41
C TRP A 40 -1.00 6.41 11.46
N ASN A 41 -1.19 6.99 12.63
CA ASN A 41 -0.22 6.86 13.71
C ASN A 41 0.24 5.41 13.85
N LYS A 42 -0.72 4.50 14.02
CA LYS A 42 -0.41 3.08 14.17
C LYS A 42 -0.11 2.45 12.80
N VAL A 43 -0.88 2.83 11.80
CA VAL A 43 -0.69 2.31 10.45
C VAL A 43 0.78 2.04 10.16
N SER A 44 1.63 2.96 10.59
CA SER A 44 3.08 2.82 10.39
C SER A 44 3.64 1.68 11.21
N GLU A 45 3.28 1.64 12.49
CA GLU A 45 3.76 0.60 13.39
C GLU A 45 3.30 -0.79 12.90
N HIS A 46 2.03 -0.88 12.53
CA HIS A 46 1.47 -2.14 12.05
C HIS A 46 2.43 -2.83 11.09
N VAL A 47 2.96 -2.07 10.13
CA VAL A 47 3.89 -2.61 9.15
C VAL A 47 5.26 -2.84 9.77
N GLY A 48 5.88 -1.77 10.27
CA GLY A 48 7.18 -1.88 10.88
C GLY A 48 8.26 -1.14 10.10
N SER A 49 8.54 -1.61 8.89
CA SER A 49 9.56 -0.99 8.05
C SER A 49 8.93 0.07 7.14
N ARG A 50 8.01 0.84 7.70
CA ARG A 50 7.34 1.89 6.94
C ARG A 50 6.86 3.01 7.86
N THR A 51 6.77 4.21 7.31
CA THR A 51 6.32 5.37 8.09
C THR A 51 4.96 5.85 7.64
N GLN A 52 4.27 6.58 8.50
CA GLN A 52 2.94 7.09 8.20
C GLN A 52 2.87 7.55 6.74
N ASP A 53 3.78 8.44 6.36
CA ASP A 53 3.81 8.96 5.00
C ASP A 53 3.75 7.82 3.98
N GLU A 54 4.82 7.04 3.93
CA GLU A 54 4.89 5.91 2.99
C GLU A 54 3.53 5.23 2.87
N CYS A 55 3.08 4.62 3.96
CA CYS A 55 1.79 3.93 3.98
C CYS A 55 0.75 4.69 3.16
N ILE A 56 0.69 6.00 3.37
CA ILE A 56 -0.25 6.85 2.66
C ILE A 56 0.07 6.92 1.17
N LEU A 57 1.36 7.05 0.87
CA LEU A 57 1.81 7.13 -0.52
C LEU A 57 1.50 5.83 -1.27
N HIS A 58 2.13 4.74 -0.82
CA HIS A 58 1.91 3.44 -1.45
C HIS A 58 0.44 3.21 -1.75
N PHE A 59 -0.40 3.39 -0.72
CA PHE A 59 -1.83 3.21 -0.88
C PHE A 59 -2.36 3.97 -2.08
N LEU A 60 -2.11 5.28 -2.10
CA LEU A 60 -2.56 6.13 -3.20
C LEU A 60 -2.15 5.54 -4.54
N ARG A 61 -0.96 4.94 -4.58
CA ARG A 61 -0.45 4.34 -5.81
C ARG A 61 -1.38 3.23 -6.31
N LEU A 62 -1.77 2.35 -5.39
CA LEU A 62 -2.66 1.24 -5.73
C LEU A 62 -3.74 1.69 -6.69
N PRO A 63 -4.13 0.80 -7.62
CA PRO A 63 -5.16 1.09 -8.62
C PRO A 63 -6.56 1.17 -7.99
N ILE A 64 -7.25 2.27 -8.26
CA ILE A 64 -8.59 2.47 -7.73
C ILE A 64 -9.61 1.59 -8.44
N GLU A 65 -9.36 1.33 -9.73
CA GLU A 65 -10.25 0.49 -10.52
C GLU A 65 -9.80 -0.98 -10.49
N ASP A 66 -10.48 -1.80 -11.26
CA ASP A 66 -10.16 -3.23 -11.32
C ASP A 66 -8.69 -3.44 -11.69
N PRO A 67 -8.09 -4.49 -11.12
CA PRO A 67 -6.68 -4.82 -11.35
C PRO A 67 -6.43 -5.32 -12.77
N TYR A 68 -7.48 -5.86 -13.39
CA TYR A 68 -7.39 -6.38 -14.75
C TYR A 68 -7.62 -5.29 -15.78
N LEU A 69 -6.82 -4.23 -15.69
CA LEU A 69 -6.93 -3.10 -16.62
C LEU A 69 -5.72 -3.03 -17.54
N GLU A 70 -5.76 -2.09 -18.48
CA GLU A 70 -4.66 -1.91 -19.42
C GLU A 70 -3.49 -1.18 -18.76
N ASN A 71 -2.55 -1.96 -18.23
CA ASN A 71 -1.39 -1.40 -17.57
C ASN A 71 -0.10 -1.97 -18.15
N SER A 72 0.56 -1.19 -19.01
CA SER A 72 1.79 -1.62 -19.65
C SER A 72 2.92 -1.73 -18.63
N ASP A 73 3.03 -0.71 -17.78
CA ASP A 73 4.07 -0.68 -16.75
C ASP A 73 5.41 -1.13 -17.32
N SER A 74 5.75 -0.64 -18.51
CA SER A 74 7.00 -1.00 -19.16
C SER A 74 7.45 0.11 -20.11
N GLY A 75 8.74 0.14 -20.41
CA GLY A 75 9.29 1.14 -21.30
C GLY A 75 10.69 1.56 -20.92
N PRO A 76 10.81 2.43 -19.91
CA PRO A 76 12.10 2.93 -19.43
C PRO A 76 12.91 1.85 -18.73
N SER A 77 13.73 1.13 -19.49
CA SER A 77 14.55 0.05 -18.94
C SER A 77 15.96 0.56 -18.64
N SER A 78 16.04 1.77 -18.07
CA SER A 78 17.33 2.37 -17.73
C SER A 78 17.23 3.16 -16.44
N GLY A 79 17.93 2.70 -15.40
CA GLY A 79 17.91 3.38 -14.13
C GLY A 79 18.68 4.68 -14.15
N GLY A 1 30.43 -19.89 23.12
CA GLY A 1 31.77 -19.69 22.58
C GLY A 1 32.07 -18.24 22.29
N SER A 2 31.99 -17.86 21.02
CA SER A 2 32.26 -16.49 20.61
C SER A 2 30.97 -15.74 20.32
N SER A 3 31.07 -14.42 20.15
CA SER A 3 29.91 -13.59 19.87
C SER A 3 30.12 -12.77 18.61
N GLY A 4 29.15 -12.83 17.69
CA GLY A 4 29.26 -12.09 16.45
C GLY A 4 28.71 -10.68 16.57
N SER A 5 27.59 -10.53 17.29
CA SER A 5 26.97 -9.23 17.46
C SER A 5 27.13 -8.37 16.22
N SER A 6 26.94 -8.98 15.05
CA SER A 6 27.07 -8.27 13.79
C SER A 6 25.81 -7.47 13.48
N GLY A 7 25.98 -6.16 13.34
CA GLY A 7 24.84 -5.30 13.04
C GLY A 7 23.90 -5.16 14.22
N THR A 8 24.25 -4.28 15.16
CA THR A 8 23.43 -4.06 16.35
C THR A 8 21.96 -3.86 15.96
N LEU A 9 21.72 -3.00 14.98
CA LEU A 9 20.37 -2.71 14.53
C LEU A 9 20.09 -3.39 13.19
N ALA A 10 21.02 -3.25 12.25
CA ALA A 10 20.87 -3.85 10.94
C ALA A 10 22.20 -3.85 10.18
N LYS A 11 22.27 -4.64 9.12
CA LYS A 11 23.49 -4.74 8.31
C LYS A 11 23.29 -4.04 6.97
N SER A 12 24.16 -3.07 6.68
CA SER A 12 24.08 -2.32 5.43
C SER A 12 25.46 -1.84 5.01
N LYS A 13 25.57 -1.39 3.77
CA LYS A 13 26.84 -0.89 3.23
C LYS A 13 26.98 0.61 3.45
N GLY A 14 26.03 1.37 2.90
CA GLY A 14 26.05 2.81 3.05
C GLY A 14 24.73 3.45 2.73
N ALA A 15 24.73 4.37 1.75
CA ALA A 15 23.53 5.05 1.33
C ALA A 15 22.78 4.26 0.27
N SER A 16 21.47 4.52 0.15
CA SER A 16 20.64 3.82 -0.82
C SER A 16 19.35 4.60 -1.10
N ALA A 17 18.68 4.24 -2.18
CA ALA A 17 17.43 4.91 -2.56
C ALA A 17 16.25 4.34 -1.76
N GLY A 18 16.47 4.12 -0.47
CA GLY A 18 15.42 3.58 0.37
C GLY A 18 15.31 2.08 0.27
N ARG A 19 14.20 1.53 0.78
CA ARG A 19 13.97 0.09 0.75
C ARG A 19 12.68 -0.22 -0.01
N GLU A 20 12.83 -0.83 -1.19
CA GLU A 20 11.69 -1.20 -2.01
C GLU A 20 10.71 -2.06 -1.23
N TRP A 21 9.44 -1.67 -1.25
CA TRP A 21 8.40 -2.41 -0.53
C TRP A 21 8.39 -3.88 -0.96
N THR A 22 8.01 -4.75 -0.02
CA THR A 22 7.97 -6.19 -0.30
C THR A 22 6.55 -6.72 -0.18
N GLU A 23 6.26 -7.80 -0.89
CA GLU A 23 4.95 -8.41 -0.86
C GLU A 23 4.38 -8.42 0.55
N GLN A 24 5.25 -8.69 1.53
CA GLN A 24 4.84 -8.73 2.92
C GLN A 24 4.28 -7.39 3.37
N GLU A 25 5.03 -6.31 3.11
CA GLU A 25 4.62 -4.97 3.49
C GLU A 25 3.27 -4.63 2.88
N THR A 26 3.17 -4.75 1.56
CA THR A 26 1.93 -4.46 0.85
C THR A 26 0.72 -5.00 1.61
N LEU A 27 0.76 -6.29 1.91
CA LEU A 27 -0.33 -6.94 2.63
C LEU A 27 -0.59 -6.26 3.97
N LEU A 28 0.48 -6.05 4.73
CA LEU A 28 0.38 -5.40 6.02
C LEU A 28 -0.39 -4.09 5.93
N LEU A 29 0.02 -3.23 4.99
CA LEU A 29 -0.64 -1.95 4.79
C LEU A 29 -2.16 -2.12 4.76
N LEU A 30 -2.64 -2.97 3.87
CA LEU A 30 -4.08 -3.22 3.75
C LEU A 30 -4.67 -3.66 5.07
N GLU A 31 -4.04 -4.64 5.71
CA GLU A 31 -4.51 -5.15 6.99
C GLU A 31 -4.90 -4.01 7.92
N ALA A 32 -3.91 -3.17 8.26
CA ALA A 32 -4.15 -2.03 9.13
C ALA A 32 -5.12 -1.03 8.50
N LEU A 33 -4.94 -0.78 7.21
CA LEU A 33 -5.78 0.15 6.48
C LEU A 33 -7.25 -0.14 6.73
N GLU A 34 -7.54 -1.35 7.21
CA GLU A 34 -8.91 -1.75 7.49
C GLU A 34 -9.32 -1.32 8.90
N MET A 35 -8.41 -1.46 9.84
CA MET A 35 -8.69 -1.07 11.23
C MET A 35 -8.28 0.37 11.48
N TYR A 36 -7.00 0.67 11.28
CA TYR A 36 -6.49 2.03 11.49
C TYR A 36 -6.55 2.83 10.20
N LYS A 37 -7.55 2.55 9.38
CA LYS A 37 -7.72 3.26 8.11
C LYS A 37 -7.27 4.71 8.23
N ASP A 38 -8.02 5.49 9.00
CA ASP A 38 -7.70 6.89 9.21
C ASP A 38 -6.47 7.05 10.10
N ASP A 39 -6.42 6.27 11.18
CA ASP A 39 -5.31 6.32 12.12
C ASP A 39 -4.02 5.83 11.46
N TRP A 40 -3.34 6.74 10.76
CA TRP A 40 -2.10 6.41 10.08
C TRP A 40 -1.00 6.08 11.09
N ASN A 41 -0.91 6.88 12.15
CA ASN A 41 0.09 6.68 13.19
C ASN A 41 0.32 5.20 13.44
N LYS A 42 -0.78 4.46 13.63
CA LYS A 42 -0.70 3.02 13.89
C LYS A 42 -0.24 2.28 12.64
N VAL A 43 -0.86 2.58 11.51
CA VAL A 43 -0.51 1.94 10.24
C VAL A 43 1.00 1.81 10.10
N SER A 44 1.71 2.93 10.25
CA SER A 44 3.16 2.94 10.13
C SER A 44 3.78 1.81 10.94
N GLU A 45 3.39 1.72 12.21
CA GLU A 45 3.91 0.69 13.09
C GLU A 45 3.45 -0.70 12.65
N HIS A 46 2.14 -0.88 12.53
CA HIS A 46 1.57 -2.15 12.11
C HIS A 46 2.42 -2.78 11.01
N VAL A 47 2.78 -1.97 10.01
CA VAL A 47 3.59 -2.45 8.90
C VAL A 47 4.89 -3.09 9.39
N GLY A 48 5.73 -2.28 10.03
CA GLY A 48 7.00 -2.78 10.54
C GLY A 48 8.09 -1.73 10.51
N SER A 49 8.60 -1.45 9.32
CA SER A 49 9.67 -0.46 9.17
C SER A 49 9.28 0.60 8.14
N ARG A 50 8.08 1.16 8.31
CA ARG A 50 7.59 2.18 7.39
C ARG A 50 7.08 3.40 8.17
N THR A 51 7.17 4.56 7.54
CA THR A 51 6.73 5.81 8.17
C THR A 51 5.33 6.20 7.68
N GLN A 52 4.57 6.87 8.55
CA GLN A 52 3.22 7.30 8.22
C GLN A 52 3.13 7.68 6.74
N ASP A 53 3.84 8.74 6.37
CA ASP A 53 3.83 9.22 4.98
C ASP A 53 3.93 8.04 4.01
N GLU A 54 5.08 7.38 4.00
CA GLU A 54 5.30 6.25 3.10
C GLU A 54 4.03 5.42 2.97
N CYS A 55 3.45 5.03 4.10
CA CYS A 55 2.25 4.22 4.10
C CYS A 55 1.16 4.88 3.26
N ILE A 56 0.99 6.19 3.42
CA ILE A 56 -0.01 6.94 2.69
C ILE A 56 0.28 6.91 1.18
N LEU A 57 1.55 7.08 0.83
CA LEU A 57 1.95 7.07 -0.57
C LEU A 57 1.70 5.70 -1.20
N HIS A 58 2.32 4.68 -0.63
CA HIS A 58 2.16 3.32 -1.13
C HIS A 58 0.72 3.04 -1.52
N PHE A 59 -0.21 3.50 -0.69
CA PHE A 59 -1.63 3.29 -0.94
C PHE A 59 -2.05 3.97 -2.24
N LEU A 60 -1.86 5.29 -2.30
CA LEU A 60 -2.22 6.06 -3.50
C LEU A 60 -1.80 5.32 -4.76
N ARG A 61 -0.65 4.65 -4.70
CA ARG A 61 -0.14 3.90 -5.84
C ARG A 61 -1.16 2.85 -6.31
N LEU A 62 -1.57 1.99 -5.39
CA LEU A 62 -2.53 0.94 -5.70
C LEU A 62 -3.56 1.44 -6.71
N PRO A 63 -4.03 0.52 -7.57
CA PRO A 63 -5.03 0.84 -8.61
C PRO A 63 -6.40 1.12 -8.01
N ILE A 64 -6.94 2.29 -8.32
CA ILE A 64 -8.25 2.69 -7.82
C ILE A 64 -9.32 1.68 -8.23
N GLU A 65 -9.19 1.13 -9.44
CA GLU A 65 -10.14 0.16 -9.95
C GLU A 65 -10.07 -1.14 -9.15
N ASP A 66 -10.84 -1.20 -8.06
CA ASP A 66 -10.87 -2.38 -7.21
C ASP A 66 -11.93 -3.36 -7.69
N PRO A 67 -11.60 -4.66 -7.62
CA PRO A 67 -12.51 -5.73 -8.04
C PRO A 67 -13.70 -5.88 -7.10
N TYR A 68 -13.43 -5.83 -5.80
CA TYR A 68 -14.48 -5.97 -4.79
C TYR A 68 -14.58 -4.70 -3.95
N LEU A 69 -15.41 -3.76 -4.40
CA LEU A 69 -15.60 -2.50 -3.69
C LEU A 69 -16.97 -2.45 -3.02
N GLU A 70 -17.49 -3.63 -2.66
CA GLU A 70 -18.79 -3.72 -2.02
C GLU A 70 -18.65 -4.23 -0.59
N ASN A 71 -19.10 -3.42 0.37
CA ASN A 71 -19.03 -3.77 1.78
C ASN A 71 -20.34 -3.48 2.48
N SER A 72 -21.21 -4.49 2.55
CA SER A 72 -22.52 -4.34 3.20
C SER A 72 -22.64 -5.29 4.38
N ASP A 73 -22.34 -4.79 5.57
CA ASP A 73 -22.41 -5.59 6.78
C ASP A 73 -22.15 -4.74 8.02
N SER A 74 -23.18 -4.56 8.84
CA SER A 74 -23.06 -3.76 10.06
C SER A 74 -21.82 -4.17 10.85
N GLY A 75 -20.77 -3.37 10.77
CA GLY A 75 -19.55 -3.67 11.50
C GLY A 75 -19.64 -3.33 12.97
N PRO A 76 -19.18 -2.12 13.33
CA PRO A 76 -19.20 -1.65 14.71
C PRO A 76 -20.62 -1.35 15.21
N SER A 77 -21.31 -2.39 15.65
CA SER A 77 -22.67 -2.24 16.15
C SER A 77 -22.69 -1.61 17.53
N SER A 78 -23.82 -1.01 17.88
CA SER A 78 -23.96 -0.36 19.19
C SER A 78 -24.23 -1.38 20.28
N GLY A 79 -23.41 -1.32 21.33
CA GLY A 79 -23.58 -2.26 22.44
C GLY A 79 -22.27 -2.92 22.83
N GLY A 1 34.76 19.34 19.73
CA GLY A 1 36.15 19.71 19.91
C GLY A 1 36.95 19.61 18.63
N SER A 2 36.84 20.64 17.79
CA SER A 2 37.56 20.66 16.52
C SER A 2 39.06 20.79 16.73
N SER A 3 39.84 20.06 15.95
CA SER A 3 41.28 20.08 16.07
C SER A 3 41.93 20.21 14.69
N GLY A 4 41.44 19.44 13.73
CA GLY A 4 41.99 19.48 12.39
C GLY A 4 42.21 18.10 11.81
N SER A 5 41.25 17.21 12.02
CA SER A 5 41.35 15.84 11.52
C SER A 5 40.22 15.54 10.54
N SER A 6 40.53 14.81 9.48
CA SER A 6 39.54 14.45 8.47
C SER A 6 39.84 13.08 7.87
N GLY A 7 38.96 12.11 8.16
CA GLY A 7 39.16 10.77 7.65
C GLY A 7 38.28 9.75 8.35
N THR A 8 36.98 10.02 8.39
CA THR A 8 36.05 9.12 9.04
C THR A 8 34.90 8.75 8.11
N LEU A 9 34.96 7.55 7.56
CA LEU A 9 33.94 7.06 6.64
C LEU A 9 33.42 5.70 7.06
N ALA A 10 32.42 5.71 7.96
CA ALA A 10 31.83 4.46 8.45
C ALA A 10 30.38 4.33 8.00
N LYS A 11 30.18 3.88 6.77
CA LYS A 11 28.84 3.72 6.23
C LYS A 11 27.92 3.05 7.24
N SER A 12 28.36 1.90 7.76
CA SER A 12 27.57 1.16 8.75
C SER A 12 26.20 0.80 8.18
N LYS A 13 26.18 0.36 6.93
CA LYS A 13 24.94 -0.02 6.27
C LYS A 13 23.85 1.03 6.51
N GLY A 14 24.23 2.29 6.44
CA GLY A 14 23.28 3.37 6.65
C GLY A 14 22.87 4.04 5.36
N ALA A 15 23.84 4.42 4.55
CA ALA A 15 23.57 5.07 3.28
C ALA A 15 22.44 4.37 2.53
N SER A 16 22.55 3.05 2.41
CA SER A 16 21.53 2.26 1.72
C SER A 16 20.13 2.66 2.17
N ALA A 17 19.35 3.19 1.23
CA ALA A 17 17.99 3.61 1.53
C ALA A 17 16.99 2.47 1.31
N GLY A 18 17.17 1.73 0.21
CA GLY A 18 16.29 0.62 -0.09
C GLY A 18 14.83 1.03 -0.06
N ARG A 19 14.48 2.06 -0.81
CA ARG A 19 13.11 2.54 -0.86
C ARG A 19 12.25 1.65 -1.75
N GLU A 20 11.66 0.62 -1.17
CA GLU A 20 10.82 -0.31 -1.91
C GLU A 20 10.03 -1.21 -0.97
N TRP A 21 8.75 -1.40 -1.27
CA TRP A 21 7.88 -2.23 -0.45
C TRP A 21 7.85 -3.66 -0.98
N THR A 22 7.93 -4.63 -0.07
CA THR A 22 7.91 -6.04 -0.44
C THR A 22 6.49 -6.57 -0.48
N GLU A 23 6.24 -7.51 -1.39
CA GLU A 23 4.91 -8.10 -1.52
C GLU A 23 4.24 -8.25 -0.17
N GLN A 24 4.99 -8.73 0.81
CA GLN A 24 4.47 -8.92 2.16
C GLN A 24 4.04 -7.59 2.77
N GLU A 25 4.99 -6.68 2.93
CA GLU A 25 4.71 -5.37 3.51
C GLU A 25 3.41 -4.80 2.94
N THR A 26 3.29 -4.84 1.61
CA THR A 26 2.10 -4.33 0.94
C THR A 26 0.82 -4.78 1.65
N LEU A 27 0.68 -6.10 1.80
CA LEU A 27 -0.49 -6.66 2.46
C LEU A 27 -0.72 -6.01 3.82
N LEU A 28 0.31 -6.04 4.66
CA LEU A 28 0.22 -5.45 5.99
C LEU A 28 -0.45 -4.08 5.95
N LEU A 29 0.04 -3.23 5.05
CA LEU A 29 -0.51 -1.88 4.90
C LEU A 29 -2.02 -1.93 4.73
N LEU A 30 -2.48 -2.69 3.74
CA LEU A 30 -3.92 -2.82 3.48
C LEU A 30 -4.64 -3.35 4.71
N GLU A 31 -4.05 -4.34 5.37
CA GLU A 31 -4.64 -4.94 6.56
C GLU A 31 -5.00 -3.86 7.59
N ALA A 32 -3.99 -3.09 7.98
CA ALA A 32 -4.20 -2.02 8.95
C ALA A 32 -5.16 -0.96 8.42
N LEU A 33 -5.06 -0.69 7.12
CA LEU A 33 -5.92 0.30 6.49
C LEU A 33 -7.39 0.02 6.78
N GLU A 34 -7.68 -1.20 7.22
CA GLU A 34 -9.05 -1.60 7.53
C GLU A 34 -9.40 -1.24 8.97
N MET A 35 -8.44 -1.42 9.88
CA MET A 35 -8.65 -1.11 11.28
C MET A 35 -8.21 0.31 11.60
N TYR A 36 -6.96 0.62 11.29
CA TYR A 36 -6.43 1.96 11.55
C TYR A 36 -6.53 2.83 10.31
N LYS A 37 -7.58 2.61 9.52
CA LYS A 37 -7.82 3.38 8.31
C LYS A 37 -7.38 4.83 8.50
N ASP A 38 -8.03 5.52 9.43
CA ASP A 38 -7.72 6.92 9.71
C ASP A 38 -6.47 7.02 10.58
N ASP A 39 -6.47 6.31 11.70
CA ASP A 39 -5.33 6.32 12.62
C ASP A 39 -4.06 5.87 11.91
N TRP A 40 -3.46 6.78 11.16
CA TRP A 40 -2.23 6.48 10.42
C TRP A 40 -1.06 6.28 11.40
N ASN A 41 -0.99 7.12 12.41
CA ASN A 41 0.08 7.04 13.40
C ASN A 41 0.39 5.58 13.73
N LYS A 42 -0.64 4.81 14.05
CA LYS A 42 -0.48 3.41 14.39
C LYS A 42 -0.03 2.60 13.17
N VAL A 43 -0.68 2.84 12.03
CA VAL A 43 -0.36 2.15 10.79
C VAL A 43 1.15 1.98 10.64
N SER A 44 1.88 3.09 10.78
CA SER A 44 3.33 3.07 10.66
C SER A 44 3.92 1.84 11.35
N GLU A 45 3.50 1.61 12.59
CA GLU A 45 3.98 0.46 13.35
C GLU A 45 3.55 -0.85 12.72
N HIS A 46 2.24 -1.00 12.51
CA HIS A 46 1.70 -2.21 11.90
C HIS A 46 2.66 -2.75 10.83
N VAL A 47 3.04 -1.89 9.90
CA VAL A 47 3.94 -2.29 8.82
C VAL A 47 5.31 -2.67 9.37
N GLY A 48 5.95 -1.75 10.08
CA GLY A 48 7.26 -2.01 10.65
C GLY A 48 8.14 -0.78 10.68
N SER A 49 8.77 -0.48 9.56
CA SER A 49 9.66 0.68 9.47
C SER A 49 9.18 1.65 8.39
N ARG A 50 7.87 1.88 8.35
CA ARG A 50 7.28 2.78 7.36
C ARG A 50 6.52 3.92 8.05
N THR A 51 6.94 5.14 7.79
CA THR A 51 6.31 6.32 8.39
C THR A 51 4.93 6.56 7.77
N GLN A 52 4.02 7.11 8.57
CA GLN A 52 2.67 7.40 8.11
C GLN A 52 2.68 7.83 6.65
N ASP A 53 3.39 8.91 6.35
CA ASP A 53 3.47 9.43 4.99
C ASP A 53 3.68 8.29 4.00
N GLU A 54 4.74 7.52 4.19
CA GLU A 54 5.05 6.41 3.30
C GLU A 54 3.84 5.49 3.15
N CYS A 55 3.41 4.90 4.25
CA CYS A 55 2.26 4.00 4.25
C CYS A 55 1.16 4.53 3.34
N ILE A 56 0.94 5.84 3.40
CA ILE A 56 -0.10 6.47 2.58
C ILE A 56 0.24 6.38 1.10
N LEU A 57 1.45 6.83 0.75
CA LEU A 57 1.90 6.80 -0.64
C LEU A 57 1.74 5.40 -1.23
N HIS A 58 2.41 4.43 -0.63
CA HIS A 58 2.35 3.04 -1.09
C HIS A 58 0.93 2.69 -1.53
N PHE A 59 -0.05 3.09 -0.73
CA PHE A 59 -1.45 2.82 -1.03
C PHE A 59 -1.86 3.47 -2.35
N LEU A 60 -1.78 4.78 -2.40
CA LEU A 60 -2.14 5.52 -3.61
C LEU A 60 -1.61 4.83 -4.86
N ARG A 61 -0.43 4.23 -4.75
CA ARG A 61 0.20 3.53 -5.86
C ARG A 61 -0.60 2.29 -6.23
N LEU A 62 -0.99 1.52 -5.21
CA LEU A 62 -1.76 0.30 -5.43
C LEU A 62 -2.73 0.47 -6.60
N PRO A 63 -3.08 -0.66 -7.24
CA PRO A 63 -4.01 -0.67 -8.37
C PRO A 63 -5.44 -0.34 -7.95
N ILE A 64 -5.98 0.75 -8.49
CA ILE A 64 -7.34 1.16 -8.17
C ILE A 64 -8.31 0.77 -9.27
N GLU A 65 -9.47 0.24 -8.89
CA GLU A 65 -10.47 -0.18 -9.84
C GLU A 65 -11.27 1.02 -10.35
N ASP A 66 -11.84 0.88 -11.54
CA ASP A 66 -12.63 1.95 -12.14
C ASP A 66 -13.54 1.41 -13.24
N PRO A 67 -14.78 1.92 -13.29
CA PRO A 67 -15.77 1.50 -14.28
C PRO A 67 -15.41 1.96 -15.69
N TYR A 68 -14.89 3.18 -15.79
CA TYR A 68 -14.50 3.75 -17.08
C TYR A 68 -13.00 3.61 -17.31
N LEU A 69 -12.47 2.42 -17.02
CA LEU A 69 -11.06 2.15 -17.20
C LEU A 69 -10.76 1.68 -18.62
N GLU A 70 -10.60 2.65 -19.53
CA GLU A 70 -10.32 2.33 -20.92
C GLU A 70 -8.81 2.38 -21.20
N ASN A 71 -8.17 1.22 -21.10
CA ASN A 71 -6.73 1.13 -21.34
C ASN A 71 -6.30 -0.33 -21.50
N SER A 72 -5.32 -0.55 -22.38
CA SER A 72 -4.82 -1.90 -22.63
C SER A 72 -3.31 -1.96 -22.42
N ASP A 73 -2.90 -2.36 -21.21
CA ASP A 73 -1.49 -2.46 -20.88
C ASP A 73 -0.77 -3.42 -21.83
N SER A 74 -1.36 -4.59 -22.03
CA SER A 74 -0.78 -5.60 -22.91
C SER A 74 -1.66 -5.81 -24.14
N GLY A 75 -1.04 -6.29 -25.22
CA GLY A 75 -1.77 -6.53 -26.44
C GLY A 75 -1.62 -7.95 -26.96
N PRO A 76 -1.90 -8.17 -28.25
CA PRO A 76 -1.80 -9.48 -28.87
C PRO A 76 -0.35 -9.96 -29.02
N SER A 77 -0.08 -11.16 -28.53
CA SER A 77 1.27 -11.72 -28.60
C SER A 77 1.33 -12.84 -29.63
N SER A 78 2.55 -13.26 -29.97
CA SER A 78 2.76 -14.33 -30.94
C SER A 78 1.98 -15.58 -30.54
N GLY A 79 2.01 -15.90 -29.25
CA GLY A 79 1.30 -17.07 -28.77
C GLY A 79 1.26 -17.15 -27.25
N GLY A 1 -12.53 9.59 -13.96
CA GLY A 1 -11.86 9.46 -12.68
C GLY A 1 -12.67 8.69 -11.66
N SER A 2 -12.08 8.45 -10.49
CA SER A 2 -12.75 7.70 -9.44
C SER A 2 -13.06 8.60 -8.25
N SER A 3 -14.12 8.27 -7.52
CA SER A 3 -14.53 9.05 -6.36
C SER A 3 -15.08 8.14 -5.26
N GLY A 4 -15.27 8.71 -4.07
CA GLY A 4 -15.80 7.93 -2.96
C GLY A 4 -14.71 7.44 -2.03
N SER A 5 -15.02 7.35 -0.75
CA SER A 5 -14.06 6.89 0.25
C SER A 5 -14.52 5.58 0.88
N SER A 6 -13.84 4.50 0.53
CA SER A 6 -14.19 3.18 1.06
C SER A 6 -13.11 2.15 0.70
N GLY A 7 -13.11 1.03 1.42
CA GLY A 7 -12.14 -0.02 1.15
C GLY A 7 -12.76 -1.40 1.13
N THR A 8 -12.43 -2.18 0.10
CA THR A 8 -12.97 -3.52 -0.04
C THR A 8 -11.93 -4.46 -0.65
N LEU A 9 -12.14 -5.76 -0.48
CA LEU A 9 -11.23 -6.77 -1.00
C LEU A 9 -10.79 -6.40 -2.42
N ALA A 10 -9.50 -6.55 -2.69
CA ALA A 10 -8.95 -6.24 -4.00
C ALA A 10 -7.73 -7.10 -4.30
N LYS A 11 -7.61 -7.54 -5.55
CA LYS A 11 -6.49 -8.37 -5.97
C LYS A 11 -5.17 -7.73 -5.60
N SER A 12 -4.43 -8.37 -4.69
CA SER A 12 -3.14 -7.85 -4.24
C SER A 12 -2.00 -8.64 -4.86
N LYS A 13 -2.06 -9.96 -4.75
CA LYS A 13 -1.03 -10.83 -5.30
C LYS A 13 -0.67 -10.41 -6.72
N GLY A 14 0.60 -10.60 -7.09
CA GLY A 14 1.06 -10.24 -8.42
C GLY A 14 1.56 -8.81 -8.48
N ALA A 15 2.66 -8.54 -7.77
CA ALA A 15 3.24 -7.20 -7.75
C ALA A 15 4.59 -7.19 -8.45
N SER A 16 4.57 -7.11 -9.78
CA SER A 16 5.79 -7.09 -10.56
C SER A 16 6.10 -5.69 -11.05
N ALA A 17 5.89 -4.70 -10.19
CA ALA A 17 6.14 -3.31 -10.53
C ALA A 17 6.58 -2.52 -9.30
N GLY A 18 7.76 -1.90 -9.40
CA GLY A 18 8.27 -1.11 -8.30
C GLY A 18 8.91 -1.98 -7.23
N ARG A 19 10.19 -1.72 -6.94
CA ARG A 19 10.92 -2.48 -5.94
C ARG A 19 11.07 -1.68 -4.65
N GLU A 20 9.98 -1.01 -4.24
CA GLU A 20 10.00 -0.21 -3.03
C GLU A 20 9.14 -0.84 -1.94
N TRP A 21 8.37 -1.85 -2.33
CA TRP A 21 7.49 -2.55 -1.38
C TRP A 21 7.43 -4.04 -1.69
N THR A 22 7.60 -4.86 -0.66
CA THR A 22 7.56 -6.31 -0.83
C THR A 22 6.18 -6.87 -0.49
N GLU A 23 5.78 -7.91 -1.21
CA GLU A 23 4.47 -8.54 -0.99
C GLU A 23 4.13 -8.55 0.50
N GLN A 24 5.13 -8.78 1.33
CA GLN A 24 4.94 -8.83 2.78
C GLN A 24 4.45 -7.49 3.30
N GLU A 25 5.23 -6.44 3.06
CA GLU A 25 4.87 -5.09 3.51
C GLU A 25 3.58 -4.62 2.83
N THR A 26 3.53 -4.76 1.52
CA THR A 26 2.36 -4.35 0.75
C THR A 26 1.07 -4.77 1.45
N LEU A 27 1.00 -6.04 1.84
CA LEU A 27 -0.18 -6.57 2.52
C LEU A 27 -0.39 -5.87 3.85
N LEU A 28 0.64 -5.89 4.70
CA LEU A 28 0.56 -5.25 6.01
C LEU A 28 -0.22 -3.95 5.94
N LEU A 29 -0.01 -3.20 4.87
CA LEU A 29 -0.70 -1.92 4.68
C LEU A 29 -2.21 -2.12 4.63
N LEU A 30 -2.65 -3.02 3.76
CA LEU A 30 -4.08 -3.31 3.62
C LEU A 30 -4.70 -3.70 4.96
N GLU A 31 -4.07 -4.64 5.64
CA GLU A 31 -4.56 -5.09 6.95
C GLU A 31 -4.92 -3.91 7.83
N ALA A 32 -3.97 -3.00 8.03
CA ALA A 32 -4.20 -1.82 8.86
C ALA A 32 -5.27 -0.92 8.24
N LEU A 33 -5.17 -0.72 6.93
CA LEU A 33 -6.12 0.12 6.21
C LEU A 33 -7.56 -0.21 6.62
N GLU A 34 -7.76 -1.41 7.15
CA GLU A 34 -9.08 -1.84 7.58
C GLU A 34 -9.36 -1.39 9.00
N MET A 35 -8.35 -1.46 9.86
CA MET A 35 -8.49 -1.06 11.25
C MET A 35 -7.96 0.36 11.46
N TYR A 36 -6.69 0.57 11.11
CA TYR A 36 -6.07 1.88 11.26
C TYR A 36 -6.27 2.73 10.01
N LYS A 37 -7.38 2.49 9.32
CA LYS A 37 -7.70 3.23 8.11
C LYS A 37 -7.22 4.69 8.21
N ASP A 38 -7.95 5.48 9.00
CA ASP A 38 -7.61 6.88 9.19
C ASP A 38 -6.40 7.03 10.11
N ASP A 39 -6.40 6.27 11.21
CA ASP A 39 -5.30 6.31 12.17
C ASP A 39 -3.99 5.93 11.50
N TRP A 40 -3.39 6.88 10.78
CA TRP A 40 -2.13 6.65 10.09
C TRP A 40 -1.01 6.37 11.09
N ASN A 41 -1.10 6.99 12.26
CA ASN A 41 -0.09 6.81 13.30
C ASN A 41 0.20 5.33 13.51
N LYS A 42 -0.85 4.53 13.60
CA LYS A 42 -0.71 3.09 13.80
C LYS A 42 -0.24 2.41 12.52
N VAL A 43 -0.90 2.73 11.42
CA VAL A 43 -0.55 2.14 10.12
C VAL A 43 0.96 1.96 9.99
N SER A 44 1.71 2.89 10.56
CA SER A 44 3.17 2.84 10.50
C SER A 44 3.70 1.71 11.38
N GLU A 45 3.26 1.68 12.63
CA GLU A 45 3.69 0.65 13.57
C GLU A 45 3.25 -0.73 13.11
N HIS A 46 2.07 -0.80 12.49
CA HIS A 46 1.54 -2.06 12.00
C HIS A 46 2.49 -2.72 11.01
N VAL A 47 3.06 -1.90 10.12
CA VAL A 47 3.99 -2.40 9.13
C VAL A 47 5.31 -2.82 9.77
N GLY A 48 6.04 -1.83 10.29
CA GLY A 48 7.32 -2.11 10.92
C GLY A 48 8.42 -1.21 10.42
N SER A 49 8.86 -1.43 9.18
CA SER A 49 9.92 -0.64 8.59
C SER A 49 9.35 0.41 7.64
N ARG A 50 8.24 1.02 8.04
CA ARG A 50 7.59 2.04 7.23
C ARG A 50 6.95 3.11 8.10
N THR A 51 6.97 4.35 7.63
CA THR A 51 6.39 5.46 8.38
C THR A 51 5.03 5.84 7.81
N GLN A 52 4.34 6.75 8.50
CA GLN A 52 3.03 7.21 8.07
C GLN A 52 3.04 7.58 6.58
N ASP A 53 3.79 8.63 6.24
CA ASP A 53 3.90 9.08 4.86
C ASP A 53 4.06 7.90 3.92
N GLU A 54 5.21 7.23 4.00
CA GLU A 54 5.49 6.08 3.15
C GLU A 54 4.24 5.25 2.94
N CYS A 55 3.62 4.81 4.02
CA CYS A 55 2.41 4.00 3.96
C CYS A 55 1.34 4.70 3.13
N ILE A 56 1.12 5.98 3.41
CA ILE A 56 0.13 6.77 2.69
C ILE A 56 0.39 6.75 1.19
N LEU A 57 1.64 6.95 0.81
CA LEU A 57 2.03 6.96 -0.60
C LEU A 57 1.74 5.61 -1.24
N HIS A 58 2.43 4.57 -0.78
CA HIS A 58 2.24 3.23 -1.31
C HIS A 58 0.76 2.93 -1.53
N PHE A 59 -0.07 3.39 -0.60
CA PHE A 59 -1.52 3.17 -0.69
C PHE A 59 -2.09 3.88 -1.91
N LEU A 60 -1.97 5.20 -1.94
CA LEU A 60 -2.48 5.99 -3.06
C LEU A 60 -2.17 5.32 -4.40
N ARG A 61 -1.02 4.67 -4.46
CA ARG A 61 -0.60 4.00 -5.69
C ARG A 61 -1.64 2.97 -6.12
N LEU A 62 -1.97 2.06 -5.21
CA LEU A 62 -2.95 1.01 -5.50
C LEU A 62 -4.07 1.56 -6.39
N PRO A 63 -4.57 0.69 -7.30
CA PRO A 63 -5.65 1.06 -8.22
C PRO A 63 -6.99 1.24 -7.51
N ILE A 64 -7.99 1.65 -8.26
CA ILE A 64 -9.32 1.86 -7.71
C ILE A 64 -10.27 0.73 -8.11
N GLU A 65 -11.00 0.21 -7.13
CA GLU A 65 -11.94 -0.88 -7.38
C GLU A 65 -12.62 -0.69 -8.73
N ASP A 66 -12.74 -1.79 -9.48
CA ASP A 66 -13.38 -1.76 -10.79
C ASP A 66 -14.77 -1.12 -10.71
N PRO A 67 -15.13 -0.37 -11.75
CA PRO A 67 -16.43 0.31 -11.82
C PRO A 67 -17.59 -0.67 -11.99
N TYR A 68 -17.26 -1.95 -12.12
CA TYR A 68 -18.27 -2.98 -12.29
C TYR A 68 -18.20 -4.01 -11.17
N LEU A 69 -17.00 -4.52 -10.91
CA LEU A 69 -16.79 -5.51 -9.86
C LEU A 69 -16.38 -4.84 -8.55
N GLU A 70 -17.38 -4.49 -7.74
CA GLU A 70 -17.12 -3.84 -6.46
C GLU A 70 -16.58 -4.84 -5.44
N ASN A 71 -17.37 -5.88 -5.16
CA ASN A 71 -16.97 -6.90 -4.21
C ASN A 71 -17.55 -8.26 -4.59
N SER A 72 -16.72 -9.30 -4.55
CA SER A 72 -17.15 -10.64 -4.90
C SER A 72 -18.57 -10.90 -4.39
N ASP A 73 -18.76 -10.77 -3.09
CA ASP A 73 -20.06 -10.99 -2.47
C ASP A 73 -20.92 -9.74 -2.55
N SER A 74 -22.21 -9.92 -2.83
CA SER A 74 -23.13 -8.80 -2.94
C SER A 74 -23.84 -8.55 -1.61
N GLY A 75 -24.49 -9.58 -1.09
CA GLY A 75 -25.20 -9.45 0.17
C GLY A 75 -25.89 -10.74 0.58
N PRO A 76 -26.68 -10.67 1.66
CA PRO A 76 -27.43 -11.82 2.17
C PRO A 76 -28.57 -12.24 1.25
N SER A 77 -29.05 -13.46 1.44
CA SER A 77 -30.14 -13.98 0.62
C SER A 77 -30.87 -15.12 1.33
N SER A 78 -32.15 -15.27 1.05
CA SER A 78 -32.96 -16.32 1.67
C SER A 78 -32.33 -17.69 1.43
N GLY A 79 -32.32 -18.52 2.46
CA GLY A 79 -31.75 -19.85 2.36
C GLY A 79 -31.35 -20.42 3.70
N GLY A 1 -8.93 28.15 -5.33
CA GLY A 1 -9.78 27.26 -4.53
C GLY A 1 -9.19 25.87 -4.41
N SER A 2 -9.62 25.14 -3.39
CA SER A 2 -9.14 23.78 -3.15
C SER A 2 -10.30 22.82 -2.93
N SER A 3 -9.99 21.53 -2.90
CA SER A 3 -11.00 20.50 -2.70
C SER A 3 -10.52 19.45 -1.70
N GLY A 4 -11.47 18.80 -1.03
CA GLY A 4 -11.13 17.79 -0.06
C GLY A 4 -12.30 17.40 0.82
N SER A 5 -12.83 16.20 0.62
CA SER A 5 -13.97 15.72 1.39
C SER A 5 -13.91 14.20 1.57
N SER A 6 -14.05 13.76 2.81
CA SER A 6 -14.01 12.33 3.11
C SER A 6 -15.42 11.75 3.22
N GLY A 7 -15.57 10.49 2.83
CA GLY A 7 -16.88 9.85 2.88
C GLY A 7 -16.77 8.35 3.10
N THR A 8 -17.84 7.64 2.77
CA THR A 8 -17.86 6.19 2.92
C THR A 8 -17.08 5.50 1.81
N LEU A 9 -16.28 4.51 2.18
CA LEU A 9 -15.47 3.77 1.21
C LEU A 9 -15.58 2.27 1.44
N ALA A 10 -15.40 1.49 0.38
CA ALA A 10 -15.48 0.04 0.47
C ALA A 10 -14.10 -0.59 0.29
N LYS A 11 -14.02 -1.90 0.52
CA LYS A 11 -12.76 -2.62 0.38
C LYS A 11 -12.83 -3.60 -0.80
N SER A 12 -11.73 -3.69 -1.55
CA SER A 12 -11.66 -4.59 -2.70
C SER A 12 -10.26 -5.17 -2.85
N LYS A 13 -10.17 -6.28 -3.58
CA LYS A 13 -8.89 -6.93 -3.81
C LYS A 13 -8.57 -7.02 -5.30
N GLY A 14 -7.29 -7.11 -5.62
CA GLY A 14 -6.88 -7.19 -7.02
C GLY A 14 -5.39 -7.39 -7.17
N ALA A 15 -4.85 -6.96 -8.31
CA ALA A 15 -3.42 -7.09 -8.58
C ALA A 15 -2.64 -5.96 -7.94
N SER A 16 -1.36 -6.21 -7.67
CA SER A 16 -0.50 -5.22 -7.04
C SER A 16 0.97 -5.55 -7.27
N ALA A 17 1.62 -4.79 -8.14
CA ALA A 17 3.03 -5.00 -8.44
C ALA A 17 3.92 -4.49 -7.32
N GLY A 18 3.84 -3.19 -7.04
CA GLY A 18 4.64 -2.60 -6.00
C GLY A 18 6.13 -2.72 -6.25
N ARG A 19 6.64 -1.96 -7.22
CA ARG A 19 8.04 -1.99 -7.56
C ARG A 19 8.89 -1.31 -6.49
N GLU A 20 8.23 -0.86 -5.43
CA GLU A 20 8.92 -0.19 -4.33
C GLU A 20 8.64 -0.89 -3.00
N TRP A 21 7.66 -1.79 -3.01
CA TRP A 21 7.30 -2.53 -1.81
C TRP A 21 7.27 -4.03 -2.08
N THR A 22 7.37 -4.83 -1.02
CA THR A 22 7.35 -6.28 -1.15
C THR A 22 5.98 -6.84 -0.83
N GLU A 23 5.70 -8.04 -1.33
CA GLU A 23 4.42 -8.69 -1.10
C GLU A 23 4.04 -8.64 0.38
N GLN A 24 5.03 -8.85 1.24
CA GLN A 24 4.81 -8.83 2.68
C GLN A 24 4.32 -7.47 3.13
N GLU A 25 5.20 -6.46 3.06
CA GLU A 25 4.85 -5.11 3.46
C GLU A 25 3.54 -4.66 2.81
N THR A 26 3.49 -4.76 1.48
CA THR A 26 2.31 -4.36 0.74
C THR A 26 1.03 -4.75 1.49
N LEU A 27 0.79 -6.05 1.62
CA LEU A 27 -0.39 -6.54 2.31
C LEU A 27 -0.54 -5.89 3.68
N LEU A 28 0.49 -6.04 4.52
CA LEU A 28 0.47 -5.45 5.85
C LEU A 28 -0.24 -4.10 5.85
N LEU A 29 0.17 -3.23 4.93
CA LEU A 29 -0.43 -1.90 4.83
C LEU A 29 -1.95 -1.99 4.77
N LEU A 30 -2.46 -2.84 3.88
CA LEU A 30 -3.90 -3.01 3.73
C LEU A 30 -4.53 -3.42 5.05
N GLU A 31 -4.08 -4.54 5.61
CA GLU A 31 -4.61 -5.03 6.88
C GLU A 31 -4.83 -3.87 7.85
N ALA A 32 -3.85 -2.98 7.94
CA ALA A 32 -3.94 -1.84 8.83
C ALA A 32 -4.88 -0.78 8.28
N LEU A 33 -4.97 -0.70 6.96
CA LEU A 33 -5.84 0.27 6.30
C LEU A 33 -7.31 -0.01 6.62
N GLU A 34 -7.56 -1.16 7.25
CA GLU A 34 -8.92 -1.54 7.62
C GLU A 34 -9.22 -1.17 9.07
N MET A 35 -8.18 -1.13 9.89
CA MET A 35 -8.32 -0.80 11.31
C MET A 35 -7.97 0.66 11.55
N TYR A 36 -6.77 1.05 11.15
CA TYR A 36 -6.30 2.42 11.33
C TYR A 36 -6.39 3.20 10.02
N LYS A 37 -7.41 2.91 9.23
CA LYS A 37 -7.61 3.59 7.95
C LYS A 37 -7.18 5.04 8.03
N ASP A 38 -7.81 5.79 8.93
CA ASP A 38 -7.50 7.20 9.12
C ASP A 38 -6.40 7.38 10.17
N ASP A 39 -6.31 6.43 11.09
CA ASP A 39 -5.30 6.48 12.15
C ASP A 39 -3.95 6.01 11.64
N TRP A 40 -3.52 6.58 10.52
CA TRP A 40 -2.23 6.23 9.92
C TRP A 40 -1.14 6.12 10.99
N ASN A 41 -1.19 7.03 11.97
CA ASN A 41 -0.21 7.03 13.05
C ASN A 41 0.18 5.62 13.44
N LYS A 42 -0.79 4.71 13.37
CA LYS A 42 -0.55 3.31 13.73
C LYS A 42 -0.08 2.52 12.50
N VAL A 43 -0.80 2.65 11.39
CA VAL A 43 -0.46 1.95 10.16
C VAL A 43 1.06 1.83 10.01
N SER A 44 1.78 2.83 10.50
CA SER A 44 3.23 2.84 10.40
C SER A 44 3.83 1.73 11.27
N GLU A 45 3.40 1.67 12.53
CA GLU A 45 3.89 0.66 13.46
C GLU A 45 3.43 -0.73 13.04
N HIS A 46 2.19 -0.82 12.58
CA HIS A 46 1.62 -2.09 12.16
C HIS A 46 2.55 -2.79 11.16
N VAL A 47 3.00 -2.04 10.16
CA VAL A 47 3.89 -2.59 9.14
C VAL A 47 5.20 -3.09 9.76
N GLY A 48 5.99 -2.16 10.28
CA GLY A 48 7.26 -2.53 10.89
C GLY A 48 8.30 -1.43 10.78
N SER A 49 8.79 -1.21 9.57
CA SER A 49 9.81 -0.18 9.33
C SER A 49 9.34 0.80 8.26
N ARG A 50 8.12 1.31 8.42
CA ARG A 50 7.56 2.26 7.48
C ARG A 50 6.91 3.44 8.20
N THR A 51 7.23 4.65 7.74
CA THR A 51 6.68 5.86 8.36
C THR A 51 5.25 6.11 7.89
N GLN A 52 4.45 6.69 8.78
CA GLN A 52 3.05 6.99 8.46
C GLN A 52 2.91 7.46 7.01
N ASP A 53 3.57 8.56 6.68
CA ASP A 53 3.51 9.11 5.34
C ASP A 53 3.65 8.01 4.29
N GLU A 54 4.82 7.35 4.29
CA GLU A 54 5.08 6.27 3.34
C GLU A 54 3.82 5.44 3.09
N CYS A 55 3.32 4.83 4.15
CA CYS A 55 2.12 4.00 4.05
C CYS A 55 1.04 4.70 3.22
N ILE A 56 0.79 5.96 3.55
CA ILE A 56 -0.21 6.75 2.84
C ILE A 56 0.08 6.79 1.34
N LEU A 57 1.35 6.97 1.00
CA LEU A 57 1.76 7.03 -0.39
C LEU A 57 1.59 5.67 -1.07
N HIS A 58 2.39 4.70 -0.65
CA HIS A 58 2.32 3.36 -1.21
C HIS A 58 0.88 2.97 -1.50
N PHE A 59 -0.05 3.44 -0.67
CA PHE A 59 -1.46 3.14 -0.84
C PHE A 59 -2.00 3.77 -2.12
N LEU A 60 -1.75 5.06 -2.29
CA LEU A 60 -2.21 5.78 -3.48
C LEU A 60 -1.89 5.00 -4.75
N ARG A 61 -0.72 4.38 -4.78
CA ARG A 61 -0.31 3.59 -5.94
C ARG A 61 -1.34 2.52 -6.27
N LEU A 62 -1.68 1.71 -5.27
CA LEU A 62 -2.65 0.64 -5.46
C LEU A 62 -3.75 1.06 -6.44
N PRO A 63 -4.24 0.10 -7.24
CA PRO A 63 -5.29 0.35 -8.23
C PRO A 63 -6.63 0.63 -7.58
N ILE A 64 -7.01 1.90 -7.53
CA ILE A 64 -8.28 2.30 -6.93
C ILE A 64 -9.45 1.87 -7.81
N GLU A 65 -10.49 1.33 -7.17
CA GLU A 65 -11.67 0.87 -7.90
C GLU A 65 -12.23 1.99 -8.78
N ASP A 66 -12.35 1.70 -10.08
CA ASP A 66 -12.86 2.67 -11.03
C ASP A 66 -13.92 2.04 -11.94
N PRO A 67 -15.15 1.93 -11.43
CA PRO A 67 -16.26 1.36 -12.18
C PRO A 67 -16.71 2.23 -13.34
N TYR A 68 -16.22 3.46 -13.37
CA TYR A 68 -16.57 4.41 -14.42
C TYR A 68 -15.34 4.74 -15.29
N LEU A 69 -14.66 3.69 -15.74
CA LEU A 69 -13.48 3.86 -16.58
C LEU A 69 -13.80 3.52 -18.04
N GLU A 70 -14.95 3.99 -18.52
CA GLU A 70 -15.36 3.73 -19.89
C GLU A 70 -16.18 4.90 -20.44
N ASN A 71 -15.79 5.38 -21.61
CA ASN A 71 -16.48 6.49 -22.25
C ASN A 71 -16.24 6.50 -23.76
N SER A 72 -17.24 6.96 -24.50
CA SER A 72 -17.13 7.01 -25.96
C SER A 72 -15.99 7.93 -26.40
N ASP A 73 -14.84 7.31 -26.70
CA ASP A 73 -13.68 8.07 -27.13
C ASP A 73 -12.90 7.31 -28.20
N SER A 74 -12.91 7.84 -29.42
CA SER A 74 -12.22 7.21 -30.54
C SER A 74 -10.88 7.90 -30.80
N GLY A 75 -9.93 7.13 -31.34
CA GLY A 75 -8.62 7.68 -31.64
C GLY A 75 -7.76 6.74 -32.46
N PRO A 76 -6.44 6.96 -32.44
CA PRO A 76 -5.49 6.13 -33.18
C PRO A 76 -5.36 4.73 -32.60
N SER A 77 -6.10 3.78 -33.18
CA SER A 77 -6.08 2.40 -32.71
C SER A 77 -5.04 1.59 -33.48
N SER A 78 -5.00 1.79 -34.80
CA SER A 78 -4.06 1.07 -35.65
C SER A 78 -2.82 1.93 -35.94
N GLY A 79 -1.70 1.26 -36.18
CA GLY A 79 -0.47 1.97 -36.45
C GLY A 79 0.46 1.19 -37.38
N GLY A 1 40.32 11.96 20.08
CA GLY A 1 40.87 11.60 18.79
C GLY A 1 42.26 12.17 18.56
N SER A 2 43.20 11.31 18.20
CA SER A 2 44.57 11.75 17.96
C SER A 2 44.96 11.53 16.50
N SER A 3 44.56 10.40 15.94
CA SER A 3 44.87 10.07 14.55
C SER A 3 43.65 10.31 13.65
N GLY A 4 43.91 10.70 12.41
CA GLY A 4 42.83 10.95 11.48
C GLY A 4 43.22 10.65 10.05
N SER A 5 42.52 9.70 9.43
CA SER A 5 42.81 9.32 8.06
C SER A 5 41.54 8.90 7.33
N SER A 6 41.50 9.12 6.03
CA SER A 6 40.34 8.77 5.22
C SER A 6 40.68 7.71 4.19
N GLY A 7 39.67 7.19 3.51
CA GLY A 7 39.89 6.17 2.50
C GLY A 7 38.62 5.75 1.80
N THR A 8 38.61 4.54 1.27
CA THR A 8 37.45 4.01 0.56
C THR A 8 36.46 3.37 1.54
N LEU A 9 35.27 3.05 1.05
CA LEU A 9 34.24 2.44 1.88
C LEU A 9 33.49 1.35 1.09
N ALA A 10 33.25 0.23 1.75
CA ALA A 10 32.55 -0.88 1.12
C ALA A 10 31.05 -0.82 1.42
N LYS A 11 30.29 -0.28 0.49
CA LYS A 11 28.84 -0.16 0.65
C LYS A 11 28.13 -1.31 -0.03
N SER A 12 27.56 -2.21 0.78
CA SER A 12 26.86 -3.38 0.26
C SER A 12 25.36 -3.11 0.22
N LYS A 13 24.91 -2.43 -0.83
CA LYS A 13 23.50 -2.11 -0.99
C LYS A 13 23.24 -1.46 -2.35
N GLY A 14 22.13 -1.83 -2.98
CA GLY A 14 21.78 -1.27 -4.27
C GLY A 14 20.60 -0.32 -4.20
N ALA A 15 20.80 0.83 -3.56
CA ALA A 15 19.74 1.82 -3.43
C ALA A 15 20.31 3.23 -3.43
N SER A 16 19.59 4.15 -4.07
CA SER A 16 20.02 5.54 -4.16
C SER A 16 19.64 6.31 -2.89
N ALA A 17 18.36 6.30 -2.57
CA ALA A 17 17.86 6.99 -1.38
C ALA A 17 17.56 6.00 -0.26
N GLY A 18 16.72 5.01 -0.55
CA GLY A 18 16.37 4.02 0.44
C GLY A 18 15.69 2.80 -0.17
N ARG A 19 15.85 1.65 0.47
CA ARG A 19 15.25 0.41 0.00
C ARG A 19 13.80 0.64 -0.45
N GLU A 20 13.28 -0.30 -1.22
CA GLU A 20 11.91 -0.19 -1.71
C GLU A 20 10.98 -1.14 -0.94
N TRP A 21 9.68 -1.01 -1.19
CA TRP A 21 8.69 -1.84 -0.52
C TRP A 21 8.80 -3.28 -0.99
N THR A 22 8.03 -4.17 -0.36
CA THR A 22 8.03 -5.58 -0.72
C THR A 22 6.61 -6.13 -0.81
N GLU A 23 6.47 -7.30 -1.42
CA GLU A 23 5.16 -7.93 -1.57
C GLU A 23 4.51 -8.17 -0.21
N GLN A 24 5.31 -8.68 0.74
CA GLN A 24 4.80 -8.96 2.08
C GLN A 24 4.27 -7.68 2.73
N GLU A 25 5.05 -6.61 2.65
CA GLU A 25 4.66 -5.33 3.24
C GLU A 25 3.28 -4.91 2.73
N THR A 26 3.07 -5.05 1.43
CA THR A 26 1.80 -4.67 0.81
C THR A 26 0.62 -5.18 1.65
N LEU A 27 0.55 -6.50 1.81
CA LEU A 27 -0.53 -7.10 2.58
C LEU A 27 -0.72 -6.39 3.91
N LEU A 28 0.37 -6.21 4.64
CA LEU A 28 0.32 -5.53 5.94
C LEU A 28 -0.41 -4.21 5.83
N LEU A 29 0.07 -3.34 4.94
CA LEU A 29 -0.54 -2.03 4.74
C LEU A 29 -2.06 -2.14 4.66
N LEU A 30 -2.53 -3.09 3.87
CA LEU A 30 -3.97 -3.31 3.71
C LEU A 30 -4.65 -3.54 5.06
N GLU A 31 -4.14 -4.53 5.80
CA GLU A 31 -4.70 -4.86 7.10
C GLU A 31 -4.91 -3.60 7.94
N ALA A 32 -3.82 -2.90 8.24
CA ALA A 32 -3.89 -1.68 9.03
C ALA A 32 -4.82 -0.66 8.38
N LEU A 33 -4.81 -0.62 7.06
CA LEU A 33 -5.66 0.31 6.31
C LEU A 33 -7.13 0.07 6.62
N GLU A 34 -7.44 -1.12 7.11
CA GLU A 34 -8.81 -1.49 7.44
C GLU A 34 -9.13 -1.11 8.88
N MET A 35 -8.15 -1.24 9.76
CA MET A 35 -8.33 -0.90 11.17
C MET A 35 -7.92 0.53 11.44
N TYR A 36 -6.66 0.85 11.18
CA TYR A 36 -6.14 2.20 11.41
C TYR A 36 -6.24 3.04 10.13
N LYS A 37 -7.26 2.74 9.32
CA LYS A 37 -7.46 3.47 8.07
C LYS A 37 -7.07 4.94 8.23
N ASP A 38 -7.85 5.67 9.03
CA ASP A 38 -7.59 7.08 9.26
C ASP A 38 -6.36 7.27 10.15
N ASP A 39 -6.34 6.54 11.26
CA ASP A 39 -5.23 6.62 12.21
C ASP A 39 -3.93 6.15 11.56
N TRP A 40 -3.37 6.99 10.69
CA TRP A 40 -2.13 6.65 10.00
C TRP A 40 -1.00 6.42 11.00
N ASN A 41 -1.10 7.07 12.16
CA ASN A 41 -0.08 6.93 13.20
C ASN A 41 0.27 5.46 13.41
N LYS A 42 -0.73 4.65 13.68
CA LYS A 42 -0.53 3.22 13.90
C LYS A 42 -0.28 2.49 12.59
N VAL A 43 -0.97 2.92 11.54
CA VAL A 43 -0.82 2.31 10.22
C VAL A 43 0.65 2.04 9.91
N SER A 44 1.53 2.90 10.41
CA SER A 44 2.96 2.75 10.18
C SER A 44 3.54 1.63 11.03
N GLU A 45 3.38 1.76 12.35
CA GLU A 45 3.89 0.76 13.27
C GLU A 45 3.37 -0.63 12.91
N HIS A 46 2.13 -0.69 12.42
CA HIS A 46 1.52 -1.96 12.02
C HIS A 46 2.41 -2.71 11.05
N VAL A 47 2.91 -2.01 10.04
CA VAL A 47 3.78 -2.61 9.04
C VAL A 47 5.06 -3.15 9.67
N GLY A 48 5.90 -2.25 10.16
CA GLY A 48 7.14 -2.65 10.78
C GLY A 48 8.17 -1.54 10.81
N SER A 49 8.91 -1.39 9.71
CA SER A 49 9.93 -0.36 9.61
C SER A 49 9.55 0.70 8.57
N ARG A 50 8.28 1.10 8.59
CA ARG A 50 7.78 2.10 7.65
C ARG A 50 7.18 3.29 8.39
N THR A 51 7.32 4.48 7.82
CA THR A 51 6.80 5.69 8.42
C THR A 51 5.36 5.94 8.00
N GLN A 52 4.68 6.82 8.72
CA GLN A 52 3.29 7.15 8.41
C GLN A 52 3.14 7.59 6.96
N ASP A 53 3.84 8.68 6.61
CA ASP A 53 3.78 9.20 5.25
C ASP A 53 3.83 8.08 4.23
N GLU A 54 4.96 7.37 4.18
CA GLU A 54 5.14 6.26 3.25
C GLU A 54 3.83 5.50 3.06
N CYS A 55 3.27 5.01 4.17
CA CYS A 55 2.03 4.25 4.13
C CYS A 55 0.98 4.97 3.28
N ILE A 56 0.79 6.26 3.56
CA ILE A 56 -0.18 7.06 2.82
C ILE A 56 0.02 6.92 1.31
N LEU A 57 1.23 7.24 0.85
CA LEU A 57 1.55 7.15 -0.56
C LEU A 57 1.49 5.70 -1.05
N HIS A 58 2.36 4.86 -0.49
CA HIS A 58 2.41 3.46 -0.87
C HIS A 58 1.00 2.93 -1.13
N PHE A 59 0.03 3.40 -0.37
CA PHE A 59 -1.36 2.98 -0.53
C PHE A 59 -1.90 3.39 -1.90
N LEU A 60 -2.00 4.69 -2.12
CA LEU A 60 -2.50 5.21 -3.39
C LEU A 60 -1.84 4.50 -4.57
N ARG A 61 -0.59 4.12 -4.39
CA ARG A 61 0.16 3.45 -5.44
C ARG A 61 -0.44 2.06 -5.72
N LEU A 62 -0.82 1.36 -4.66
CA LEU A 62 -1.40 0.04 -4.79
C LEU A 62 -2.31 -0.05 -6.02
N PRO A 63 -2.41 -1.25 -6.59
CA PRO A 63 -3.24 -1.49 -7.78
C PRO A 63 -4.73 -1.39 -7.48
N ILE A 64 -5.43 -0.54 -8.23
CA ILE A 64 -6.86 -0.35 -8.05
C ILE A 64 -7.66 -1.32 -8.92
N GLU A 65 -8.86 -1.67 -8.46
CA GLU A 65 -9.72 -2.59 -9.19
C GLU A 65 -9.65 -2.32 -10.69
N ASP A 66 -9.02 -3.23 -11.42
CA ASP A 66 -8.87 -3.09 -12.87
C ASP A 66 -9.48 -4.28 -13.59
N PRO A 67 -10.82 -4.27 -13.75
CA PRO A 67 -11.56 -5.35 -14.42
C PRO A 67 -11.28 -5.38 -15.92
N TYR A 68 -10.40 -4.50 -16.37
CA TYR A 68 -10.05 -4.43 -17.79
C TYR A 68 -8.57 -4.11 -17.97
N LEU A 69 -7.80 -5.12 -18.34
CA LEU A 69 -6.37 -4.95 -18.55
C LEU A 69 -6.00 -5.19 -20.02
N GLU A 70 -5.17 -4.30 -20.56
CA GLU A 70 -4.74 -4.42 -21.95
C GLU A 70 -3.64 -3.40 -22.27
N ASN A 71 -2.54 -3.88 -22.83
CA ASN A 71 -1.42 -3.01 -23.18
C ASN A 71 -0.57 -3.63 -24.29
N SER A 72 0.44 -2.90 -24.73
CA SER A 72 1.33 -3.39 -25.78
C SER A 72 2.78 -3.00 -25.50
N ASP A 73 3.70 -3.58 -26.26
CA ASP A 73 5.12 -3.30 -26.08
C ASP A 73 5.74 -2.82 -27.39
N SER A 74 6.95 -2.29 -27.30
CA SER A 74 7.65 -1.78 -28.47
C SER A 74 8.06 -2.92 -29.39
N GLY A 75 8.55 -2.57 -30.58
CA GLY A 75 8.96 -3.57 -31.54
C GLY A 75 10.36 -3.32 -32.09
N PRO A 76 10.48 -2.32 -32.98
CA PRO A 76 11.76 -1.96 -33.59
C PRO A 76 12.72 -1.31 -32.60
N SER A 77 13.98 -1.20 -32.98
CA SER A 77 14.99 -0.61 -32.12
C SER A 77 14.45 0.61 -31.40
N SER A 78 14.89 0.81 -30.17
CA SER A 78 14.44 1.94 -29.36
C SER A 78 15.29 2.10 -28.10
N GLY A 79 15.49 3.34 -27.67
CA GLY A 79 16.29 3.60 -26.49
C GLY A 79 16.23 5.04 -26.05
N GLY A 1 -16.86 -6.65 3.32
CA GLY A 1 -16.71 -6.70 1.89
C GLY A 1 -15.56 -7.59 1.46
N SER A 2 -15.26 -7.60 0.16
CA SER A 2 -14.18 -8.42 -0.37
C SER A 2 -13.30 -7.61 -1.32
N SER A 3 -11.98 -7.76 -1.16
CA SER A 3 -11.03 -7.04 -1.99
C SER A 3 -9.63 -7.60 -1.82
N GLY A 4 -8.95 -7.85 -2.93
CA GLY A 4 -7.61 -8.40 -2.88
C GLY A 4 -7.10 -8.82 -4.25
N SER A 5 -6.46 -7.88 -4.95
CA SER A 5 -5.93 -8.17 -6.28
C SER A 5 -4.41 -8.00 -6.31
N SER A 6 -3.94 -6.88 -5.77
CA SER A 6 -2.51 -6.59 -5.73
C SER A 6 -1.72 -7.83 -5.29
N GLY A 7 -0.51 -7.98 -5.82
CA GLY A 7 0.32 -9.11 -5.47
C GLY A 7 1.74 -8.96 -5.97
N THR A 8 1.92 -8.92 -7.28
CA THR A 8 3.23 -8.78 -7.87
C THR A 8 3.33 -7.52 -8.73
N LEU A 9 3.93 -6.48 -8.17
CA LEU A 9 4.08 -5.20 -8.87
C LEU A 9 5.27 -5.26 -9.83
N ALA A 10 5.35 -6.35 -10.59
CA ALA A 10 6.42 -6.52 -11.56
C ALA A 10 6.18 -5.68 -12.81
N LYS A 11 6.57 -4.41 -12.75
CA LYS A 11 6.40 -3.50 -13.88
C LYS A 11 7.72 -2.83 -14.26
N SER A 12 7.80 -2.37 -15.50
CA SER A 12 9.02 -1.71 -15.97
C SER A 12 9.36 -0.50 -15.10
N LYS A 13 10.59 -0.01 -15.25
CA LYS A 13 11.04 1.14 -14.48
C LYS A 13 10.51 2.44 -15.08
N GLY A 14 10.28 3.43 -14.22
CA GLY A 14 9.78 4.72 -14.68
C GLY A 14 8.92 5.41 -13.64
N ALA A 15 8.03 4.64 -13.01
CA ALA A 15 7.14 5.19 -12.00
C ALA A 15 7.76 5.08 -10.61
N SER A 16 8.12 3.85 -10.23
CA SER A 16 8.73 3.61 -8.92
C SER A 16 10.24 3.79 -8.98
N ALA A 17 10.77 4.57 -8.05
CA ALA A 17 12.21 4.82 -8.00
C ALA A 17 12.72 4.80 -6.56
N GLY A 18 14.03 4.71 -6.39
CA GLY A 18 14.63 4.68 -5.07
C GLY A 18 14.16 3.49 -4.25
N ARG A 19 13.65 3.75 -3.06
CA ARG A 19 13.17 2.70 -2.18
C ARG A 19 11.98 1.97 -2.80
N GLU A 20 11.99 0.64 -2.70
CA GLU A 20 10.91 -0.17 -3.25
C GLU A 20 10.15 -0.90 -2.14
N TRP A 21 8.91 -1.25 -2.41
CA TRP A 21 8.07 -1.95 -1.44
C TRP A 21 8.06 -3.46 -1.71
N THR A 22 7.83 -4.24 -0.67
CA THR A 22 7.79 -5.69 -0.80
C THR A 22 6.38 -6.23 -0.56
N GLU A 23 6.13 -7.44 -1.04
CA GLU A 23 4.82 -8.06 -0.88
C GLU A 23 4.43 -8.13 0.59
N GLN A 24 5.27 -8.76 1.40
CA GLN A 24 5.01 -8.90 2.83
C GLN A 24 4.39 -7.62 3.39
N GLU A 25 4.93 -6.48 2.97
CA GLU A 25 4.44 -5.18 3.44
C GLU A 25 3.07 -4.88 2.85
N THR A 26 2.94 -5.04 1.53
CA THR A 26 1.69 -4.78 0.84
C THR A 26 0.50 -5.24 1.67
N LEU A 27 0.55 -6.49 2.12
CA LEU A 27 -0.53 -7.05 2.93
C LEU A 27 -0.66 -6.31 4.25
N LEU A 28 0.47 -6.06 4.90
CA LEU A 28 0.48 -5.35 6.18
C LEU A 28 -0.20 -4.00 6.06
N LEU A 29 0.15 -3.26 5.02
CA LEU A 29 -0.44 -1.94 4.78
C LEU A 29 -1.96 -2.02 4.72
N LEU A 30 -2.47 -2.83 3.80
CA LEU A 30 -3.91 -2.99 3.65
C LEU A 30 -4.56 -3.41 4.97
N GLU A 31 -4.09 -4.52 5.53
CA GLU A 31 -4.63 -5.02 6.78
C GLU A 31 -4.95 -3.87 7.73
N ALA A 32 -3.97 -3.00 7.95
CA ALA A 32 -4.14 -1.85 8.83
C ALA A 32 -5.11 -0.83 8.23
N LEU A 33 -5.02 -0.64 6.92
CA LEU A 33 -5.89 0.30 6.22
C LEU A 33 -7.36 -0.03 6.46
N GLU A 34 -7.61 -1.22 7.00
CA GLU A 34 -8.97 -1.66 7.28
C GLU A 34 -9.37 -1.33 8.72
N MET A 35 -8.39 -1.41 9.62
CA MET A 35 -8.63 -1.12 11.03
C MET A 35 -8.23 0.32 11.37
N TYR A 36 -6.96 0.63 11.12
CA TYR A 36 -6.44 1.97 11.39
C TYR A 36 -6.54 2.85 10.16
N LYS A 37 -7.54 2.60 9.33
CA LYS A 37 -7.75 3.38 8.11
C LYS A 37 -7.34 4.83 8.32
N ASP A 38 -7.95 5.48 9.31
CA ASP A 38 -7.65 6.88 9.62
C ASP A 38 -6.41 6.98 10.49
N ASP A 39 -6.41 6.27 11.62
CA ASP A 39 -5.28 6.29 12.54
C ASP A 39 -4.01 5.82 11.85
N TRP A 40 -3.39 6.71 11.08
CA TRP A 40 -2.17 6.38 10.37
C TRP A 40 -1.00 6.19 11.33
N ASN A 41 -0.93 7.06 12.34
CA ASN A 41 0.14 6.99 13.32
C ASN A 41 0.47 5.55 13.67
N LYS A 42 -0.56 4.72 13.77
CA LYS A 42 -0.38 3.30 14.09
C LYS A 42 -0.06 2.50 12.83
N VAL A 43 -0.68 2.89 11.72
CA VAL A 43 -0.47 2.20 10.45
C VAL A 43 1.03 2.06 10.15
N SER A 44 1.83 2.91 10.77
CA SER A 44 3.27 2.88 10.57
C SER A 44 3.92 1.75 11.36
N GLU A 45 3.36 1.47 12.54
CA GLU A 45 3.88 0.42 13.40
C GLU A 45 3.46 -0.95 12.89
N HIS A 46 2.25 -1.04 12.34
CA HIS A 46 1.73 -2.29 11.81
C HIS A 46 2.67 -2.87 10.76
N VAL A 47 3.17 -2.00 9.89
CA VAL A 47 4.08 -2.42 8.82
C VAL A 47 5.40 -2.90 9.40
N GLY A 48 6.09 -2.02 10.13
CA GLY A 48 7.36 -2.37 10.72
C GLY A 48 8.42 -1.32 10.48
N SER A 49 8.87 -1.20 9.24
CA SER A 49 9.89 -0.23 8.89
C SER A 49 9.35 0.80 7.90
N ARG A 50 8.22 1.42 8.24
CA ARG A 50 7.60 2.42 7.38
C ARG A 50 6.86 3.46 8.21
N THR A 51 6.86 4.70 7.73
CA THR A 51 6.18 5.79 8.44
C THR A 51 4.82 6.07 7.81
N GLN A 52 3.99 6.82 8.54
CA GLN A 52 2.65 7.17 8.06
C GLN A 52 2.70 7.62 6.60
N ASP A 53 3.40 8.72 6.36
CA ASP A 53 3.53 9.26 5.01
C ASP A 53 3.72 8.14 3.99
N GLU A 54 4.87 7.48 4.05
CA GLU A 54 5.17 6.38 3.13
C GLU A 54 3.96 5.47 2.94
N CYS A 55 3.50 4.89 4.04
CA CYS A 55 2.34 4.00 4.01
C CYS A 55 1.23 4.58 3.14
N ILE A 56 0.97 5.87 3.30
CA ILE A 56 -0.06 6.55 2.53
C ILE A 56 0.27 6.57 1.05
N LEU A 57 1.52 6.91 0.75
CA LEU A 57 1.98 6.98 -0.64
C LEU A 57 1.85 5.62 -1.32
N HIS A 58 2.43 4.59 -0.69
CA HIS A 58 2.37 3.24 -1.22
C HIS A 58 0.95 2.87 -1.63
N PHE A 59 -0.01 3.25 -0.79
CA PHE A 59 -1.42 2.96 -1.06
C PHE A 59 -1.92 3.74 -2.27
N LEU A 60 -2.02 5.06 -2.11
CA LEU A 60 -2.49 5.92 -3.19
C LEU A 60 -2.02 5.41 -4.54
N ARG A 61 -0.81 4.87 -4.59
CA ARG A 61 -0.24 4.34 -5.83
C ARG A 61 -0.98 3.09 -6.26
N LEU A 62 -1.15 2.15 -5.32
CA LEU A 62 -1.84 0.89 -5.61
C LEU A 62 -3.00 1.12 -6.58
N PRO A 63 -3.29 0.10 -7.39
CA PRO A 63 -4.38 0.16 -8.39
C PRO A 63 -5.76 0.17 -7.74
N ILE A 64 -6.55 1.18 -8.06
CA ILE A 64 -7.90 1.30 -7.51
C ILE A 64 -8.89 0.42 -8.27
N GLU A 65 -9.78 -0.24 -7.53
CA GLU A 65 -10.77 -1.10 -8.14
C GLU A 65 -11.68 -0.32 -9.08
N ASP A 66 -11.36 -0.35 -10.36
CA ASP A 66 -12.15 0.36 -11.37
C ASP A 66 -13.29 -0.51 -11.88
N PRO A 67 -14.43 0.12 -12.18
CA PRO A 67 -15.62 -0.57 -12.68
C PRO A 67 -15.43 -1.10 -14.10
N TYR A 68 -14.62 -0.40 -14.88
CA TYR A 68 -14.36 -0.79 -16.26
C TYR A 68 -13.15 -1.74 -16.33
N LEU A 69 -13.18 -2.80 -15.54
CA LEU A 69 -12.09 -3.77 -15.52
C LEU A 69 -12.51 -5.08 -16.18
N GLU A 70 -12.18 -5.21 -17.46
CA GLU A 70 -12.51 -6.42 -18.22
C GLU A 70 -11.26 -7.21 -18.57
N ASN A 71 -10.37 -7.38 -17.59
CA ASN A 71 -9.14 -8.11 -17.81
C ASN A 71 -8.89 -9.10 -16.67
N SER A 72 -8.61 -10.35 -17.03
CA SER A 72 -8.36 -11.39 -16.05
C SER A 72 -7.93 -12.69 -16.72
N ASP A 73 -6.77 -13.20 -16.33
CA ASP A 73 -6.24 -14.43 -16.89
C ASP A 73 -6.03 -15.49 -15.81
N SER A 74 -7.06 -16.28 -15.55
CA SER A 74 -7.00 -17.33 -14.53
C SER A 74 -6.48 -18.63 -15.13
N GLY A 75 -7.02 -18.99 -16.29
CA GLY A 75 -6.60 -20.21 -16.95
C GLY A 75 -5.13 -20.53 -16.72
N PRO A 76 -4.80 -21.82 -16.66
CA PRO A 76 -3.43 -22.28 -16.44
C PRO A 76 -2.53 -22.01 -17.65
N SER A 77 -1.25 -22.30 -17.50
CA SER A 77 -0.28 -22.09 -18.58
C SER A 77 0.12 -23.41 -19.22
N SER A 78 0.80 -23.32 -20.35
CA SER A 78 1.24 -24.51 -21.07
C SER A 78 2.25 -25.31 -20.25
N GLY A 79 2.09 -26.63 -20.23
CA GLY A 79 3.00 -27.48 -19.47
C GLY A 79 4.45 -27.20 -19.79
N GLY A 1 -34.30 2.18 -9.52
CA GLY A 1 -33.52 3.39 -9.38
C GLY A 1 -32.76 3.43 -8.07
N SER A 2 -32.16 2.31 -7.69
CA SER A 2 -31.41 2.22 -6.44
C SER A 2 -29.94 1.90 -6.72
N SER A 3 -29.09 2.20 -5.74
CA SER A 3 -27.66 1.94 -5.87
C SER A 3 -27.12 2.54 -7.17
N GLY A 4 -27.57 3.75 -7.49
CA GLY A 4 -27.13 4.41 -8.70
C GLY A 4 -25.66 4.79 -8.65
N SER A 5 -25.36 5.91 -8.00
CA SER A 5 -23.99 6.38 -7.89
C SER A 5 -23.16 5.44 -7.02
N SER A 6 -23.64 5.18 -5.81
CA SER A 6 -22.94 4.29 -4.88
C SER A 6 -21.46 4.64 -4.80
N GLY A 7 -21.17 5.94 -4.79
CA GLY A 7 -19.78 6.38 -4.72
C GLY A 7 -19.09 5.89 -3.47
N THR A 8 -18.37 4.78 -3.58
CA THR A 8 -17.65 4.21 -2.45
C THR A 8 -16.23 3.81 -2.85
N LEU A 9 -15.39 3.56 -1.84
CA LEU A 9 -14.01 3.17 -2.09
C LEU A 9 -13.89 1.66 -2.24
N ALA A 10 -13.67 1.20 -3.47
CA ALA A 10 -13.54 -0.22 -3.75
C ALA A 10 -12.17 -0.73 -3.32
N LYS A 11 -12.15 -1.84 -2.59
CA LYS A 11 -10.91 -2.44 -2.12
C LYS A 11 -10.99 -3.96 -2.14
N SER A 12 -10.14 -4.59 -2.95
CA SER A 12 -10.12 -6.04 -3.07
C SER A 12 -8.69 -6.55 -3.15
N LYS A 13 -8.51 -7.83 -2.85
CA LYS A 13 -7.20 -8.46 -2.89
C LYS A 13 -6.66 -8.52 -4.32
N GLY A 14 -5.44 -8.04 -4.51
CA GLY A 14 -4.84 -8.06 -5.83
C GLY A 14 -3.92 -6.88 -6.07
N ALA A 15 -3.13 -6.54 -5.06
CA ALA A 15 -2.20 -5.41 -5.16
C ALA A 15 -0.98 -5.79 -6.00
N SER A 16 -1.01 -5.44 -7.27
CA SER A 16 0.10 -5.74 -8.18
C SER A 16 0.82 -4.46 -8.59
N ALA A 17 1.06 -3.58 -7.63
CA ALA A 17 1.75 -2.32 -7.88
C ALA A 17 3.20 -2.56 -8.28
N GLY A 18 3.94 -1.48 -8.48
CA GLY A 18 5.34 -1.60 -8.86
C GLY A 18 6.16 -2.33 -7.83
N ARG A 19 7.47 -2.37 -8.05
CA ARG A 19 8.38 -3.06 -7.13
C ARG A 19 8.96 -2.07 -6.11
N GLU A 20 8.08 -1.43 -5.35
CA GLU A 20 8.51 -0.46 -4.35
C GLU A 20 8.17 -0.96 -2.94
N TRP A 21 7.34 -1.99 -2.87
CA TRP A 21 6.94 -2.56 -1.58
C TRP A 21 7.04 -4.08 -1.60
N THR A 22 7.52 -4.66 -0.51
CA THR A 22 7.66 -6.10 -0.40
C THR A 22 6.31 -6.79 -0.34
N GLU A 23 6.26 -8.03 -0.80
CA GLU A 23 5.02 -8.80 -0.80
C GLU A 23 4.31 -8.69 0.55
N GLN A 24 5.09 -8.68 1.63
CA GLN A 24 4.55 -8.58 2.97
C GLN A 24 4.09 -7.15 3.27
N GLU A 25 5.06 -6.25 3.41
CA GLU A 25 4.76 -4.86 3.70
C GLU A 25 3.49 -4.41 2.98
N THR A 26 3.33 -4.86 1.73
CA THR A 26 2.16 -4.50 0.95
C THR A 26 0.87 -4.91 1.65
N LEU A 27 0.79 -6.16 2.06
CA LEU A 27 -0.38 -6.68 2.76
C LEU A 27 -0.58 -5.97 4.09
N LEU A 28 0.49 -5.89 4.88
CA LEU A 28 0.43 -5.24 6.18
C LEU A 28 -0.31 -3.91 6.09
N LEU A 29 0.06 -3.10 5.10
CA LEU A 29 -0.57 -1.80 4.91
C LEU A 29 -2.07 -1.96 4.62
N LEU A 30 -2.39 -2.88 3.72
CA LEU A 30 -3.78 -3.13 3.36
C LEU A 30 -4.60 -3.56 4.57
N GLU A 31 -4.00 -4.43 5.40
CA GLU A 31 -4.67 -4.91 6.60
C GLU A 31 -5.03 -3.76 7.53
N ALA A 32 -4.01 -3.02 7.97
CA ALA A 32 -4.21 -1.89 8.87
C ALA A 32 -5.19 -0.88 8.27
N LEU A 33 -5.11 -0.70 6.95
CA LEU A 33 -5.99 0.24 6.26
C LEU A 33 -7.45 -0.08 6.55
N GLU A 34 -7.71 -1.26 7.09
CA GLU A 34 -9.06 -1.68 7.41
C GLU A 34 -9.42 -1.32 8.85
N MET A 35 -8.44 -1.41 9.73
CA MET A 35 -8.64 -1.09 11.14
C MET A 35 -8.21 0.35 11.44
N TYR A 36 -6.97 0.67 11.13
CA TYR A 36 -6.44 2.00 11.37
C TYR A 36 -6.51 2.85 10.10
N LYS A 37 -7.55 2.63 9.31
CA LYS A 37 -7.74 3.37 8.07
C LYS A 37 -7.26 4.82 8.21
N ASP A 38 -7.86 5.54 9.16
CA ASP A 38 -7.48 6.93 9.40
C ASP A 38 -6.26 7.02 10.29
N ASP A 39 -6.28 6.28 11.41
CA ASP A 39 -5.16 6.27 12.34
C ASP A 39 -3.89 5.79 11.66
N TRP A 40 -3.23 6.68 10.93
CA TRP A 40 -2.00 6.35 10.22
C TRP A 40 -0.88 6.05 11.21
N ASN A 41 -0.74 6.90 12.23
CA ASN A 41 0.29 6.73 13.24
C ASN A 41 0.50 5.25 13.56
N LYS A 42 -0.59 4.57 13.87
CA LYS A 42 -0.53 3.14 14.20
C LYS A 42 -0.08 2.32 12.99
N VAL A 43 -0.67 2.62 11.83
CA VAL A 43 -0.33 1.91 10.60
C VAL A 43 1.18 1.72 10.48
N SER A 44 1.91 2.82 10.59
CA SER A 44 3.37 2.78 10.49
C SER A 44 3.94 1.60 11.27
N GLU A 45 3.41 1.38 12.47
CA GLU A 45 3.86 0.30 13.32
C GLU A 45 3.46 -1.05 12.74
N HIS A 46 2.19 -1.17 12.37
CA HIS A 46 1.67 -2.41 11.80
C HIS A 46 2.63 -2.98 10.75
N VAL A 47 2.99 -2.15 9.78
CA VAL A 47 3.91 -2.56 8.73
C VAL A 47 5.21 -3.08 9.30
N GLY A 48 5.96 -2.20 9.96
CA GLY A 48 7.22 -2.59 10.55
C GLY A 48 8.25 -1.48 10.53
N SER A 49 8.82 -1.23 9.35
CA SER A 49 9.82 -0.18 9.18
C SER A 49 9.33 0.89 8.21
N ARG A 50 8.11 1.35 8.41
CA ARG A 50 7.52 2.38 7.56
C ARG A 50 6.96 3.52 8.40
N THR A 51 6.55 4.60 7.73
CA THR A 51 5.98 5.76 8.41
C THR A 51 4.64 6.15 7.80
N GLN A 52 3.97 7.09 8.45
CA GLN A 52 2.66 7.55 7.97
C GLN A 52 2.72 7.87 6.47
N ASP A 53 3.55 8.84 6.12
CA ASP A 53 3.69 9.24 4.72
C ASP A 53 3.82 8.02 3.82
N GLU A 54 4.96 7.33 3.92
CA GLU A 54 5.21 6.14 3.10
C GLU A 54 3.93 5.32 2.94
N CYS A 55 3.33 4.94 4.06
CA CYS A 55 2.10 4.15 4.04
C CYS A 55 1.03 4.84 3.21
N ILE A 56 0.94 6.16 3.33
CA ILE A 56 -0.04 6.93 2.59
C ILE A 56 0.24 6.90 1.09
N LEU A 57 1.51 7.05 0.73
CA LEU A 57 1.92 7.03 -0.66
C LEU A 57 1.66 5.66 -1.30
N HIS A 58 2.28 4.63 -0.74
CA HIS A 58 2.12 3.27 -1.25
C HIS A 58 0.66 2.97 -1.50
N PHE A 59 -0.21 3.44 -0.60
CA PHE A 59 -1.64 3.20 -0.73
C PHE A 59 -2.18 3.84 -2.02
N LEU A 60 -1.94 5.13 -2.18
CA LEU A 60 -2.40 5.85 -3.37
C LEU A 60 -1.91 5.17 -4.64
N ARG A 61 -0.70 4.61 -4.58
CA ARG A 61 -0.13 3.93 -5.73
C ARG A 61 -0.96 2.71 -6.11
N LEU A 62 -1.39 1.95 -5.12
CA LEU A 62 -2.19 0.76 -5.35
C LEU A 62 -3.19 0.99 -6.48
N PRO A 63 -3.45 -0.08 -7.26
CA PRO A 63 -4.39 -0.02 -8.39
C PRO A 63 -5.83 0.13 -7.93
N ILE A 64 -6.52 1.13 -8.47
CA ILE A 64 -7.91 1.37 -8.12
C ILE A 64 -8.86 0.66 -9.08
N GLU A 65 -9.98 0.18 -8.56
CA GLU A 65 -10.96 -0.52 -9.36
C GLU A 65 -11.96 0.45 -9.98
N ASP A 66 -11.98 0.52 -11.31
CA ASP A 66 -12.88 1.41 -12.02
C ASP A 66 -14.33 1.02 -11.78
N PRO A 67 -15.21 2.03 -11.68
CA PRO A 67 -16.64 1.82 -11.46
C PRO A 67 -17.34 1.19 -12.66
N TYR A 68 -16.70 1.29 -13.83
CA TYR A 68 -17.27 0.73 -15.05
C TYR A 68 -16.67 -0.64 -15.34
N LEU A 69 -16.35 -1.38 -14.28
CA LEU A 69 -15.78 -2.71 -14.43
C LEU A 69 -16.51 -3.72 -13.55
N GLU A 70 -17.09 -4.73 -14.19
CA GLU A 70 -17.82 -5.77 -13.46
C GLU A 70 -16.94 -6.43 -12.40
N ASN A 71 -17.44 -6.48 -11.17
CA ASN A 71 -16.69 -7.08 -10.08
C ASN A 71 -16.52 -8.58 -10.29
N SER A 72 -15.27 -9.04 -10.22
CA SER A 72 -14.97 -10.46 -10.40
C SER A 72 -15.18 -11.24 -9.11
N ASP A 73 -14.50 -10.83 -8.05
CA ASP A 73 -14.61 -11.48 -6.76
C ASP A 73 -14.45 -10.48 -5.62
N SER A 74 -15.35 -10.55 -4.64
CA SER A 74 -15.31 -9.65 -3.50
C SER A 74 -15.61 -10.40 -2.20
N GLY A 75 -15.54 -9.68 -1.09
CA GLY A 75 -15.79 -10.30 0.20
C GLY A 75 -17.27 -10.30 0.55
N PRO A 76 -17.71 -11.34 1.28
CA PRO A 76 -19.10 -11.49 1.70
C PRO A 76 -19.51 -10.47 2.74
N SER A 77 -18.58 -10.12 3.63
CA SER A 77 -18.84 -9.15 4.68
C SER A 77 -18.14 -7.83 4.39
N SER A 78 -16.88 -7.91 3.97
CA SER A 78 -16.09 -6.72 3.66
C SER A 78 -15.90 -6.57 2.15
N GLY A 79 -15.40 -5.42 1.74
CA GLY A 79 -15.18 -5.17 0.32
C GLY A 79 -15.93 -3.96 -0.19
N GLY A 1 -11.19 -10.31 9.78
CA GLY A 1 -10.00 -9.98 9.03
C GLY A 1 -9.37 -11.19 8.37
N SER A 2 -8.08 -11.10 8.04
CA SER A 2 -7.38 -12.20 7.40
C SER A 2 -8.20 -12.78 6.26
N SER A 3 -8.76 -11.91 5.43
CA SER A 3 -9.58 -12.34 4.30
C SER A 3 -8.74 -12.43 3.03
N GLY A 4 -8.30 -13.64 2.71
CA GLY A 4 -7.49 -13.85 1.51
C GLY A 4 -6.05 -14.18 1.84
N SER A 5 -5.48 -15.13 1.11
CA SER A 5 -4.10 -15.54 1.33
C SER A 5 -3.50 -16.14 0.06
N SER A 6 -2.22 -16.48 0.13
CA SER A 6 -1.53 -17.06 -1.02
C SER A 6 -1.17 -18.52 -0.76
N GLY A 7 -0.62 -18.78 0.43
CA GLY A 7 -0.25 -20.14 0.79
C GLY A 7 1.23 -20.27 1.09
N THR A 8 2.06 -20.09 0.06
CA THR A 8 3.51 -20.19 0.23
C THR A 8 4.22 -19.12 -0.59
N LEU A 9 5.51 -18.92 -0.30
CA LEU A 9 6.30 -17.94 -1.01
C LEU A 9 7.03 -18.56 -2.19
N ALA A 10 6.73 -18.07 -3.39
CA ALA A 10 7.35 -18.59 -4.61
C ALA A 10 8.87 -18.57 -4.49
N LYS A 11 9.41 -17.46 -4.00
CA LYS A 11 10.85 -17.31 -3.83
C LYS A 11 11.18 -16.30 -2.74
N SER A 12 12.00 -16.71 -1.77
CA SER A 12 12.39 -15.84 -0.68
C SER A 12 12.86 -14.48 -1.20
N LYS A 13 12.90 -13.50 -0.31
CA LYS A 13 13.33 -12.16 -0.67
C LYS A 13 14.78 -12.16 -1.17
N GLY A 14 15.12 -11.19 -2.01
CA GLY A 14 16.47 -11.11 -2.54
C GLY A 14 16.68 -9.88 -3.41
N ALA A 15 16.97 -8.75 -2.76
CA ALA A 15 17.19 -7.51 -3.48
C ALA A 15 18.33 -6.71 -2.86
N SER A 16 18.71 -5.61 -3.50
CA SER A 16 19.78 -4.77 -3.01
C SER A 16 19.38 -3.29 -3.03
N ALA A 17 18.74 -2.87 -4.12
CA ALA A 17 18.30 -1.50 -4.27
C ALA A 17 17.38 -1.09 -3.12
N GLY A 18 16.45 -1.96 -2.77
CA GLY A 18 15.54 -1.67 -1.69
C GLY A 18 14.59 -0.54 -2.01
N ARG A 19 13.99 0.05 -0.98
CA ARG A 19 13.06 1.15 -1.17
C ARG A 19 11.83 0.69 -1.96
N GLU A 20 11.37 -0.52 -1.68
CA GLU A 20 10.21 -1.08 -2.37
C GLU A 20 9.37 -1.92 -1.41
N TRP A 21 8.12 -2.15 -1.81
CA TRP A 21 7.21 -2.95 -0.98
C TRP A 21 7.10 -4.37 -1.52
N THR A 22 7.27 -5.35 -0.63
CA THR A 22 7.18 -6.75 -1.02
C THR A 22 5.83 -7.34 -0.64
N GLU A 23 5.49 -8.48 -1.26
CA GLU A 23 4.23 -9.14 -1.00
C GLU A 23 3.83 -8.99 0.47
N GLN A 24 4.79 -9.22 1.35
CA GLN A 24 4.53 -9.11 2.79
C GLN A 24 4.15 -7.69 3.16
N GLU A 25 5.12 -6.77 3.09
CA GLU A 25 4.87 -5.37 3.42
C GLU A 25 3.58 -4.87 2.78
N THR A 26 3.50 -5.01 1.46
CA THR A 26 2.32 -4.57 0.72
C THR A 26 1.04 -4.94 1.46
N LEU A 27 0.92 -6.20 1.85
CA LEU A 27 -0.25 -6.68 2.56
C LEU A 27 -0.39 -5.98 3.91
N LEU A 28 0.64 -6.10 4.74
CA LEU A 28 0.63 -5.47 6.06
C LEU A 28 -0.09 -4.12 6.02
N LEU A 29 0.18 -3.35 4.98
CA LEU A 29 -0.44 -2.03 4.82
C LEU A 29 -1.97 -2.16 4.80
N LEU A 30 -2.47 -2.94 3.85
CA LEU A 30 -3.91 -3.15 3.72
C LEU A 30 -4.53 -3.50 5.07
N GLU A 31 -4.06 -4.59 5.67
CA GLU A 31 -4.57 -5.03 6.96
C GLU A 31 -4.89 -3.84 7.86
N ALA A 32 -3.89 -3.01 8.12
CA ALA A 32 -4.06 -1.84 8.95
C ALA A 32 -5.03 -0.85 8.32
N LEU A 33 -4.83 -0.58 7.03
CA LEU A 33 -5.69 0.36 6.30
C LEU A 33 -7.16 0.05 6.56
N GLU A 34 -7.44 -1.17 7.01
CA GLU A 34 -8.81 -1.58 7.29
C GLU A 34 -9.23 -1.18 8.70
N MET A 35 -8.30 -1.35 9.65
CA MET A 35 -8.57 -1.00 11.04
C MET A 35 -8.16 0.44 11.33
N TYR A 36 -6.89 0.75 11.10
CA TYR A 36 -6.38 2.08 11.34
C TYR A 36 -6.45 2.93 10.07
N LYS A 37 -7.46 2.67 9.25
CA LYS A 37 -7.63 3.41 8.01
C LYS A 37 -7.20 4.87 8.16
N ASP A 38 -7.89 5.60 9.03
CA ASP A 38 -7.59 6.99 9.28
C ASP A 38 -6.37 7.13 10.20
N ASP A 39 -6.39 6.39 11.30
CA ASP A 39 -5.29 6.43 12.26
C ASP A 39 -3.99 5.96 11.62
N TRP A 40 -3.40 6.83 10.79
CA TRP A 40 -2.16 6.50 10.11
C TRP A 40 -1.04 6.20 11.12
N ASN A 41 -1.09 6.87 12.26
CA ASN A 41 -0.09 6.67 13.31
C ASN A 41 0.24 5.19 13.46
N LYS A 42 -0.79 4.38 13.67
CA LYS A 42 -0.60 2.94 13.84
C LYS A 42 -0.29 2.28 12.49
N VAL A 43 -0.92 2.78 11.44
CA VAL A 43 -0.71 2.23 10.10
C VAL A 43 0.78 2.10 9.79
N SER A 44 1.58 2.95 10.41
CA SER A 44 3.03 2.92 10.20
C SER A 44 3.68 1.79 10.98
N GLU A 45 3.36 1.71 12.27
CA GLU A 45 3.92 0.67 13.14
C GLU A 45 3.48 -0.71 12.67
N HIS A 46 2.23 -0.81 12.22
CA HIS A 46 1.69 -2.08 11.74
C HIS A 46 2.61 -2.70 10.68
N VAL A 47 3.06 -1.88 9.75
CA VAL A 47 3.94 -2.34 8.69
C VAL A 47 5.27 -2.82 9.25
N GLY A 48 6.01 -1.91 9.87
CA GLY A 48 7.31 -2.25 10.44
C GLY A 48 8.37 -1.23 10.14
N SER A 49 8.90 -1.26 8.92
CA SER A 49 9.94 -0.33 8.51
C SER A 49 9.36 0.76 7.60
N ARG A 50 8.29 1.39 8.07
CA ARG A 50 7.64 2.45 7.29
C ARG A 50 7.17 3.58 8.21
N THR A 51 6.67 4.66 7.60
CA THR A 51 6.18 5.80 8.36
C THR A 51 4.75 6.16 7.97
N GLN A 52 4.15 7.08 8.70
CA GLN A 52 2.78 7.51 8.42
C GLN A 52 2.65 7.98 6.97
N ASP A 53 3.56 8.85 6.55
CA ASP A 53 3.54 9.38 5.19
C ASP A 53 3.79 8.26 4.17
N GLU A 54 4.94 7.62 4.26
CA GLU A 54 5.30 6.54 3.35
C GLU A 54 4.10 5.61 3.11
N CYS A 55 3.46 5.21 4.21
CA CYS A 55 2.31 4.32 4.12
C CYS A 55 1.23 4.91 3.21
N ILE A 56 0.88 6.17 3.45
CA ILE A 56 -0.13 6.84 2.66
C ILE A 56 0.23 6.83 1.18
N LEU A 57 1.47 7.19 0.88
CA LEU A 57 1.96 7.21 -0.50
C LEU A 57 1.79 5.84 -1.15
N HIS A 58 2.48 4.84 -0.61
CA HIS A 58 2.41 3.49 -1.14
C HIS A 58 0.96 3.07 -1.36
N PHE A 59 0.09 3.42 -0.43
CA PHE A 59 -1.32 3.08 -0.51
C PHE A 59 -1.94 3.65 -1.78
N LEU A 60 -1.90 4.97 -1.91
CA LEU A 60 -2.45 5.65 -3.07
C LEU A 60 -2.08 4.92 -4.36
N ARG A 61 -0.85 4.44 -4.43
CA ARG A 61 -0.37 3.71 -5.60
C ARG A 61 -1.28 2.51 -5.90
N LEU A 62 -1.36 1.60 -4.94
CA LEU A 62 -2.20 0.40 -5.11
C LEU A 62 -3.50 0.74 -5.81
N PRO A 63 -4.00 -0.20 -6.63
CA PRO A 63 -5.26 -0.03 -7.36
C PRO A 63 -6.48 -0.02 -6.44
N ILE A 64 -6.84 1.15 -5.95
CA ILE A 64 -7.99 1.28 -5.06
C ILE A 64 -9.22 1.77 -5.82
N GLU A 65 -8.99 2.60 -6.83
CA GLU A 65 -10.08 3.13 -7.64
C GLU A 65 -10.73 2.05 -8.49
N ASP A 66 -12.05 2.05 -8.55
CA ASP A 66 -12.79 1.06 -9.32
C ASP A 66 -13.84 1.73 -10.21
N PRO A 67 -14.04 1.16 -11.40
CA PRO A 67 -15.01 1.69 -12.37
C PRO A 67 -16.44 1.49 -11.92
N TYR A 68 -16.72 0.33 -11.33
CA TYR A 68 -18.06 0.00 -10.86
C TYR A 68 -18.04 -0.32 -9.36
N LEU A 69 -17.29 -1.34 -8.99
CA LEU A 69 -17.19 -1.75 -7.60
C LEU A 69 -16.30 -0.80 -6.81
N GLU A 70 -16.88 0.33 -6.38
CA GLU A 70 -16.13 1.32 -5.61
C GLU A 70 -16.80 1.59 -4.26
N ASN A 71 -15.99 1.91 -3.26
CA ASN A 71 -16.50 2.19 -1.93
C ASN A 71 -17.24 3.52 -1.89
N SER A 72 -18.57 3.46 -1.98
CA SER A 72 -19.40 4.65 -1.95
C SER A 72 -19.32 5.34 -0.60
N ASP A 73 -19.70 4.62 0.45
CA ASP A 73 -19.67 5.17 1.80
C ASP A 73 -19.63 4.05 2.83
N SER A 74 -19.07 4.34 4.00
CA SER A 74 -18.97 3.36 5.08
C SER A 74 -20.30 3.21 5.81
N GLY A 75 -20.84 4.35 6.27
CA GLY A 75 -22.11 4.32 6.98
C GLY A 75 -21.92 4.32 8.48
N PRO A 76 -21.73 5.52 9.05
CA PRO A 76 -21.52 5.68 10.50
C PRO A 76 -22.80 5.40 11.29
N SER A 77 -23.93 5.84 10.76
CA SER A 77 -25.22 5.64 11.42
C SER A 77 -25.97 4.46 10.81
N SER A 78 -25.64 3.26 11.28
CA SER A 78 -26.28 2.05 10.78
C SER A 78 -25.99 0.86 11.70
N GLY A 79 -27.04 0.18 12.13
CA GLY A 79 -26.88 -0.95 13.02
C GLY A 79 -27.12 -0.60 14.47
N GLY A 1 22.88 28.38 29.65
CA GLY A 1 21.82 27.49 29.23
C GLY A 1 22.26 26.50 28.17
N SER A 2 21.42 26.31 27.15
CA SER A 2 21.73 25.38 26.08
C SER A 2 23.05 25.75 25.42
N SER A 3 23.91 24.75 25.21
CA SER A 3 25.20 24.96 24.58
C SER A 3 25.26 24.32 23.20
N GLY A 4 25.93 25.00 22.27
CA GLY A 4 26.05 24.47 20.92
C GLY A 4 27.33 23.71 20.69
N SER A 5 27.22 22.40 20.53
CA SER A 5 28.39 21.55 20.31
C SER A 5 28.71 21.43 18.83
N SER A 6 29.79 20.73 18.52
CA SER A 6 30.20 20.54 17.13
C SER A 6 30.66 19.10 16.89
N GLY A 7 30.01 18.43 15.94
CA GLY A 7 30.37 17.05 15.63
C GLY A 7 29.15 16.18 15.41
N THR A 8 28.73 16.05 14.15
CA THR A 8 27.57 15.24 13.80
C THR A 8 27.87 14.35 12.61
N LEU A 9 28.18 13.08 12.88
CA LEU A 9 28.48 12.13 11.81
C LEU A 9 27.38 11.08 11.70
N ALA A 10 26.64 11.12 10.59
CA ALA A 10 25.56 10.17 10.36
C ALA A 10 24.99 10.32 8.95
N LYS A 11 25.23 9.33 8.10
CA LYS A 11 24.73 9.35 6.73
C LYS A 11 23.97 8.08 6.40
N SER A 12 23.03 8.18 5.47
CA SER A 12 22.22 7.04 5.08
C SER A 12 21.37 7.37 3.85
N LYS A 13 21.20 6.40 2.96
CA LYS A 13 20.41 6.59 1.76
C LYS A 13 19.20 5.68 1.75
N GLY A 14 19.43 4.40 2.00
CA GLY A 14 18.34 3.43 2.03
C GLY A 14 17.70 3.24 0.67
N ALA A 15 18.18 2.26 -0.08
CA ALA A 15 17.64 1.98 -1.40
C ALA A 15 16.81 0.70 -1.40
N SER A 16 16.04 0.51 -2.46
CA SER A 16 15.18 -0.67 -2.58
C SER A 16 15.47 -1.43 -3.87
N ALA A 17 15.71 -2.72 -3.75
CA ALA A 17 16.00 -3.57 -4.92
C ALA A 17 14.71 -3.97 -5.63
N GLY A 18 14.83 -4.27 -6.92
CA GLY A 18 13.67 -4.67 -7.70
C GLY A 18 12.55 -3.65 -7.62
N ARG A 19 11.59 -3.89 -6.73
CA ARG A 19 10.45 -2.99 -6.57
C ARG A 19 10.66 -2.07 -5.37
N GLU A 20 9.85 -1.01 -5.29
CA GLU A 20 9.95 -0.07 -4.19
C GLU A 20 9.32 -0.63 -2.92
N TRP A 21 8.50 -1.66 -3.09
CA TRP A 21 7.83 -2.29 -1.96
C TRP A 21 7.84 -3.81 -2.10
N THR A 22 7.51 -4.51 -1.01
CA THR A 22 7.48 -5.96 -1.01
C THR A 22 6.09 -6.48 -0.67
N GLU A 23 5.79 -7.70 -1.13
CA GLU A 23 4.49 -8.31 -0.88
C GLU A 23 4.20 -8.35 0.62
N GLN A 24 5.16 -8.85 1.39
CA GLN A 24 5.01 -8.94 2.84
C GLN A 24 4.42 -7.65 3.42
N GLU A 25 4.99 -6.52 3.00
CA GLU A 25 4.53 -5.22 3.47
C GLU A 25 3.15 -4.90 2.93
N THR A 26 3.03 -4.84 1.60
CA THR A 26 1.76 -4.55 0.95
C THR A 26 0.59 -5.14 1.73
N LEU A 27 0.65 -6.44 1.97
CA LEU A 27 -0.41 -7.13 2.70
C LEU A 27 -0.69 -6.44 4.02
N LEU A 28 0.38 -6.07 4.72
CA LEU A 28 0.25 -5.40 6.02
C LEU A 28 -0.44 -4.05 5.86
N LEU A 29 0.01 -3.27 4.86
CA LEU A 29 -0.57 -1.96 4.60
C LEU A 29 -2.09 -2.04 4.47
N LEU A 30 -2.56 -3.06 3.77
CA LEU A 30 -3.99 -3.26 3.57
C LEU A 30 -4.65 -3.82 4.83
N GLU A 31 -3.91 -4.68 5.54
CA GLU A 31 -4.42 -5.29 6.77
C GLU A 31 -4.69 -4.22 7.82
N ALA A 32 -3.88 -3.17 7.82
CA ALA A 32 -4.03 -2.09 8.79
C ALA A 32 -4.92 -0.98 8.22
N LEU A 33 -4.87 -0.80 6.91
CA LEU A 33 -5.66 0.23 6.23
C LEU A 33 -7.16 -0.02 6.44
N GLU A 34 -7.50 -1.21 6.93
CA GLU A 34 -8.89 -1.57 7.17
C GLU A 34 -9.28 -1.27 8.62
N MET A 35 -8.31 -1.37 9.52
CA MET A 35 -8.55 -1.12 10.93
C MET A 35 -8.15 0.31 11.30
N TYR A 36 -6.90 0.65 11.02
CA TYR A 36 -6.38 1.98 11.33
C TYR A 36 -6.45 2.89 10.11
N LYS A 37 -7.43 2.65 9.26
CA LYS A 37 -7.61 3.45 8.05
C LYS A 37 -7.21 4.89 8.30
N ASP A 38 -7.88 5.54 9.24
CA ASP A 38 -7.60 6.93 9.57
C ASP A 38 -6.41 7.03 10.52
N ASP A 39 -6.40 6.17 11.53
CA ASP A 39 -5.32 6.17 12.51
C ASP A 39 -3.99 5.80 11.86
N TRP A 40 -3.42 6.73 11.12
CA TRP A 40 -2.15 6.51 10.44
C TRP A 40 -1.03 6.23 11.44
N ASN A 41 -0.96 7.07 12.47
CA ASN A 41 0.07 6.91 13.50
C ASN A 41 0.31 5.45 13.81
N LYS A 42 -0.76 4.66 13.81
CA LYS A 42 -0.68 3.24 14.11
C LYS A 42 -0.25 2.46 12.86
N VAL A 43 -0.80 2.84 11.72
CA VAL A 43 -0.47 2.18 10.45
C VAL A 43 1.03 1.96 10.32
N SER A 44 1.79 3.05 10.40
CA SER A 44 3.24 2.98 10.28
C SER A 44 3.80 1.87 11.18
N GLU A 45 3.36 1.84 12.43
CA GLU A 45 3.82 0.84 13.38
C GLU A 45 3.47 -0.57 12.89
N HIS A 46 2.21 -0.77 12.53
CA HIS A 46 1.75 -2.06 12.05
C HIS A 46 2.76 -2.67 11.06
N VAL A 47 3.09 -1.91 10.02
CA VAL A 47 4.04 -2.37 9.02
C VAL A 47 5.36 -2.75 9.65
N GLY A 48 6.03 -1.76 10.25
CA GLY A 48 7.31 -2.02 10.88
C GLY A 48 8.41 -1.09 10.38
N SER A 49 8.83 -1.30 9.14
CA SER A 49 9.88 -0.48 8.54
C SER A 49 9.28 0.54 7.58
N ARG A 50 8.17 1.15 7.98
CA ARG A 50 7.50 2.15 7.16
C ARG A 50 6.87 3.23 8.02
N THR A 51 7.00 4.48 7.59
CA THR A 51 6.45 5.61 8.32
C THR A 51 5.06 5.97 7.81
N GLN A 52 4.33 6.77 8.58
CA GLN A 52 2.99 7.19 8.20
C GLN A 52 2.94 7.60 6.73
N ASP A 53 3.62 8.68 6.40
CA ASP A 53 3.66 9.19 5.04
C ASP A 53 3.89 8.04 4.04
N GLU A 54 5.05 7.40 4.15
CA GLU A 54 5.39 6.29 3.27
C GLU A 54 4.18 5.40 3.01
N CYS A 55 3.53 4.98 4.10
CA CYS A 55 2.35 4.12 3.99
C CYS A 55 1.27 4.78 3.14
N ILE A 56 0.97 6.04 3.45
CA ILE A 56 -0.05 6.77 2.72
C ILE A 56 0.23 6.75 1.22
N LEU A 57 1.48 7.04 0.86
CA LEU A 57 1.89 7.05 -0.54
C LEU A 57 1.64 5.70 -1.20
N HIS A 58 2.40 4.68 -0.77
CA HIS A 58 2.25 3.35 -1.32
C HIS A 58 0.79 3.02 -1.61
N PHE A 59 -0.09 3.49 -0.72
CA PHE A 59 -1.52 3.25 -0.87
C PHE A 59 -2.07 3.98 -2.11
N LEU A 60 -1.69 5.24 -2.25
CA LEU A 60 -2.14 6.06 -3.37
C LEU A 60 -1.98 5.30 -4.68
N ARG A 61 -0.86 4.57 -4.81
CA ARG A 61 -0.59 3.80 -6.02
C ARG A 61 -1.66 2.73 -6.23
N LEU A 62 -1.97 1.99 -5.17
CA LEU A 62 -2.97 0.93 -5.24
C LEU A 62 -4.11 1.33 -6.18
N PRO A 63 -4.78 0.31 -6.76
CA PRO A 63 -5.89 0.52 -7.68
C PRO A 63 -7.13 1.06 -6.97
N ILE A 64 -8.27 1.01 -7.66
CA ILE A 64 -9.52 1.49 -7.09
C ILE A 64 -10.14 0.46 -6.15
N GLU A 65 -10.51 0.90 -4.96
CA GLU A 65 -11.12 0.01 -3.97
C GLU A 65 -12.59 0.37 -3.75
N ASP A 66 -13.22 -0.31 -2.80
CA ASP A 66 -14.62 -0.07 -2.49
C ASP A 66 -14.95 1.41 -2.56
N PRO A 67 -16.16 1.73 -3.04
CA PRO A 67 -16.63 3.12 -3.16
C PRO A 67 -16.87 3.78 -1.82
N TYR A 68 -17.19 2.97 -0.82
CA TYR A 68 -17.46 3.48 0.52
C TYR A 68 -16.20 3.42 1.38
N LEU A 69 -15.21 4.24 1.02
CA LEU A 69 -13.96 4.28 1.77
C LEU A 69 -13.75 5.64 2.41
N GLU A 70 -14.84 6.40 2.54
CA GLU A 70 -14.79 7.72 3.15
C GLU A 70 -15.89 7.89 4.20
N ASN A 71 -15.74 8.91 5.04
CA ASN A 71 -16.72 9.18 6.08
C ASN A 71 -17.65 10.33 5.67
N SER A 72 -17.08 11.51 5.49
CA SER A 72 -17.85 12.68 5.12
C SER A 72 -16.94 13.78 4.57
N ASP A 73 -17.53 14.75 3.88
CA ASP A 73 -16.79 15.85 3.30
C ASP A 73 -16.60 16.97 4.32
N SER A 74 -15.44 17.60 4.31
CA SER A 74 -15.13 18.69 5.23
C SER A 74 -15.09 20.02 4.50
N GLY A 75 -15.68 20.07 3.31
CA GLY A 75 -15.69 21.29 2.53
C GLY A 75 -15.02 21.12 1.18
N PRO A 76 -15.77 20.59 0.21
CA PRO A 76 -15.25 20.37 -1.15
C PRO A 76 -15.02 21.68 -1.90
N SER A 77 -15.39 22.79 -1.28
CA SER A 77 -15.22 24.11 -1.89
C SER A 77 -14.03 24.84 -1.29
N SER A 78 -12.96 24.94 -2.06
CA SER A 78 -11.74 25.61 -1.60
C SER A 78 -12.08 26.96 -0.97
N GLY A 79 -11.97 27.03 0.35
CA GLY A 79 -12.26 28.26 1.06
C GLY A 79 -11.33 28.49 2.23
N GLY A 1 -19.96 -2.22 -7.50
CA GLY A 1 -19.81 -2.92 -6.24
C GLY A 1 -18.42 -2.79 -5.65
N SER A 2 -18.30 -2.01 -4.58
CA SER A 2 -17.01 -1.80 -3.93
C SER A 2 -16.97 -2.47 -2.56
N SER A 3 -16.38 -3.65 -2.50
CA SER A 3 -16.29 -4.40 -1.25
C SER A 3 -14.94 -5.09 -1.13
N GLY A 4 -14.59 -5.50 0.08
CA GLY A 4 -13.32 -6.18 0.31
C GLY A 4 -12.94 -7.09 -0.84
N SER A 5 -11.64 -7.19 -1.11
CA SER A 5 -11.15 -8.03 -2.20
C SER A 5 -10.32 -9.19 -1.65
N SER A 6 -10.03 -10.15 -2.52
CA SER A 6 -9.24 -11.31 -2.13
C SER A 6 -8.13 -11.58 -3.14
N GLY A 7 -6.88 -11.50 -2.68
CA GLY A 7 -5.75 -11.74 -3.56
C GLY A 7 -4.51 -12.17 -2.80
N THR A 8 -3.84 -13.20 -3.30
CA THR A 8 -2.64 -13.72 -2.66
C THR A 8 -1.39 -13.27 -3.41
N LEU A 9 -1.49 -13.21 -4.74
CA LEU A 9 -0.36 -12.79 -5.57
C LEU A 9 -0.46 -11.30 -5.89
N ALA A 10 0.22 -10.48 -5.10
CA ALA A 10 0.22 -9.04 -5.31
C ALA A 10 0.86 -8.68 -6.66
N LYS A 11 2.13 -9.05 -6.81
CA LYS A 11 2.85 -8.77 -8.05
C LYS A 11 3.91 -9.82 -8.31
N SER A 12 3.93 -10.37 -9.51
CA SER A 12 4.90 -11.39 -9.88
C SER A 12 6.23 -10.76 -10.28
N LYS A 13 6.66 -9.78 -9.50
CA LYS A 13 7.92 -9.09 -9.77
C LYS A 13 8.74 -8.94 -8.48
N GLY A 14 10.04 -8.73 -8.65
CA GLY A 14 10.92 -8.57 -7.49
C GLY A 14 11.48 -7.17 -7.39
N ALA A 15 12.65 -7.05 -6.76
CA ALA A 15 13.30 -5.76 -6.60
C ALA A 15 14.70 -5.78 -7.18
N SER A 16 14.81 -5.55 -8.49
CA SER A 16 16.11 -5.55 -9.16
C SER A 16 17.01 -4.45 -8.61
N ALA A 17 16.53 -3.21 -8.67
CA ALA A 17 17.29 -2.07 -8.17
C ALA A 17 16.43 -1.19 -7.27
N GLY A 18 16.88 -0.98 -6.04
CA GLY A 18 16.15 -0.16 -5.10
C GLY A 18 15.25 -0.98 -4.20
N ARG A 19 15.19 -0.61 -2.92
CA ARG A 19 14.35 -1.32 -1.96
C ARG A 19 12.96 -0.72 -1.90
N GLU A 20 12.00 -1.41 -2.50
CA GLU A 20 10.62 -0.94 -2.52
C GLU A 20 9.71 -1.89 -1.74
N TRP A 21 8.51 -1.42 -1.41
CA TRP A 21 7.55 -2.22 -0.66
C TRP A 21 7.60 -3.67 -1.11
N THR A 22 7.72 -4.58 -0.14
CA THR A 22 7.77 -6.01 -0.43
C THR A 22 6.40 -6.65 -0.27
N GLU A 23 6.20 -7.79 -0.93
CA GLU A 23 4.93 -8.51 -0.86
C GLU A 23 4.37 -8.47 0.56
N GLN A 24 5.21 -8.78 1.53
CA GLN A 24 4.80 -8.79 2.93
C GLN A 24 4.27 -7.42 3.35
N GLU A 25 5.13 -6.41 3.24
CA GLU A 25 4.75 -5.05 3.62
C GLU A 25 3.44 -4.65 2.94
N THR A 26 3.36 -4.85 1.63
CA THR A 26 2.17 -4.50 0.87
C THR A 26 0.91 -5.02 1.56
N LEU A 27 0.87 -6.33 1.80
CA LEU A 27 -0.27 -6.95 2.45
C LEU A 27 -0.57 -6.28 3.79
N LEU A 28 0.47 -6.05 4.58
CA LEU A 28 0.32 -5.40 5.88
C LEU A 28 -0.39 -4.06 5.74
N LEU A 29 0.08 -3.24 4.80
CA LEU A 29 -0.52 -1.93 4.57
C LEU A 29 -2.05 -2.02 4.56
N LEU A 30 -2.58 -2.94 3.77
CA LEU A 30 -4.01 -3.13 3.67
C LEU A 30 -4.62 -3.43 5.03
N GLU A 31 -4.26 -4.58 5.60
CA GLU A 31 -4.76 -4.98 6.90
C GLU A 31 -4.89 -3.78 7.83
N ALA A 32 -3.80 -3.02 7.97
CA ALA A 32 -3.79 -1.85 8.82
C ALA A 32 -4.75 -0.78 8.31
N LEU A 33 -4.73 -0.56 6.99
CA LEU A 33 -5.60 0.44 6.37
C LEU A 33 -7.06 0.18 6.72
N GLU A 34 -7.33 -1.00 7.25
CA GLU A 34 -8.70 -1.37 7.64
C GLU A 34 -8.96 -1.03 9.11
N MET A 35 -7.94 -1.27 9.95
CA MET A 35 -8.07 -0.99 11.37
C MET A 35 -7.60 0.43 11.69
N TYR A 36 -6.36 0.75 11.33
CA TYR A 36 -5.81 2.06 11.57
C TYR A 36 -5.94 2.95 10.34
N LYS A 37 -6.99 2.73 9.57
CA LYS A 37 -7.25 3.51 8.36
C LYS A 37 -6.79 4.95 8.55
N ASP A 38 -7.57 5.72 9.30
CA ASP A 38 -7.25 7.13 9.56
C ASP A 38 -6.16 7.25 10.62
N ASP A 39 -6.07 6.23 11.48
CA ASP A 39 -5.08 6.23 12.55
C ASP A 39 -3.70 5.87 12.01
N TRP A 40 -3.31 6.53 10.91
CA TRP A 40 -2.01 6.28 10.30
C TRP A 40 -0.92 6.14 11.35
N ASN A 41 -0.93 7.04 12.33
CA ASN A 41 0.07 7.02 13.39
C ASN A 41 0.38 5.59 13.81
N LYS A 42 -0.65 4.78 13.96
CA LYS A 42 -0.49 3.38 14.35
C LYS A 42 -0.06 2.53 13.17
N VAL A 43 -0.65 2.81 12.00
CA VAL A 43 -0.32 2.07 10.79
C VAL A 43 1.17 1.77 10.71
N SER A 44 1.99 2.82 10.82
CA SER A 44 3.44 2.66 10.74
C SER A 44 3.89 1.40 11.49
N GLU A 45 3.25 1.14 12.64
CA GLU A 45 3.58 -0.03 13.44
C GLU A 45 3.12 -1.31 12.76
N HIS A 46 1.81 -1.46 12.60
CA HIS A 46 1.24 -2.63 11.97
C HIS A 46 2.11 -3.09 10.80
N VAL A 47 2.51 -2.14 9.96
CA VAL A 47 3.35 -2.45 8.80
C VAL A 47 4.67 -3.07 9.23
N GLY A 48 5.49 -2.28 9.93
CA GLY A 48 6.78 -2.76 10.39
C GLY A 48 7.79 -1.64 10.56
N SER A 49 8.46 -1.30 9.47
CA SER A 49 9.47 -0.24 9.50
C SER A 49 9.11 0.88 8.52
N ARG A 50 7.83 1.24 8.49
CA ARG A 50 7.36 2.29 7.61
C ARG A 50 6.84 3.48 8.41
N THR A 51 6.43 4.53 7.70
CA THR A 51 5.91 5.74 8.35
C THR A 51 4.53 6.09 7.83
N GLN A 52 3.88 7.06 8.47
CA GLN A 52 2.55 7.50 8.06
C GLN A 52 2.51 7.85 6.59
N ASP A 53 3.29 8.86 6.20
CA ASP A 53 3.34 9.29 4.82
C ASP A 53 3.62 8.12 3.89
N GLU A 54 4.80 7.52 4.03
CA GLU A 54 5.19 6.38 3.20
C GLU A 54 4.00 5.45 2.97
N CYS A 55 3.34 5.08 4.06
CA CYS A 55 2.19 4.18 3.98
C CYS A 55 1.10 4.77 3.08
N ILE A 56 0.80 6.05 3.28
CA ILE A 56 -0.22 6.73 2.49
C ILE A 56 0.14 6.71 1.01
N LEU A 57 1.39 7.02 0.70
CA LEU A 57 1.86 7.03 -0.68
C LEU A 57 1.68 5.65 -1.34
N HIS A 58 2.28 4.63 -0.73
CA HIS A 58 2.19 3.27 -1.25
C HIS A 58 0.76 2.96 -1.69
N PHE A 59 -0.20 3.39 -0.89
CA PHE A 59 -1.61 3.16 -1.21
C PHE A 59 -2.01 3.86 -2.51
N LEU A 60 -1.85 5.18 -2.52
CA LEU A 60 -2.20 5.97 -3.70
C LEU A 60 -1.79 5.24 -4.98
N ARG A 61 -0.60 4.63 -4.96
CA ARG A 61 -0.10 3.90 -6.11
C ARG A 61 -0.99 2.70 -6.43
N LEU A 62 -1.21 1.85 -5.44
CA LEU A 62 -2.05 0.67 -5.61
C LEU A 62 -3.21 0.96 -6.55
N PRO A 63 -3.70 -0.08 -7.24
CA PRO A 63 -4.82 0.03 -8.18
C PRO A 63 -6.14 0.31 -7.47
N ILE A 64 -7.24 0.25 -8.23
CA ILE A 64 -8.56 0.49 -7.68
C ILE A 64 -9.35 -0.81 -7.57
N GLU A 65 -9.11 -1.73 -8.50
CA GLU A 65 -9.80 -3.01 -8.51
C GLU A 65 -8.88 -4.12 -9.00
N ASP A 66 -9.37 -5.35 -8.95
CA ASP A 66 -8.59 -6.51 -9.40
C ASP A 66 -7.66 -6.13 -10.54
N PRO A 67 -6.39 -5.82 -10.20
CA PRO A 67 -5.38 -5.44 -11.18
C PRO A 67 -4.96 -6.61 -12.06
N TYR A 68 -5.08 -7.82 -11.53
CA TYR A 68 -4.70 -9.01 -12.27
C TYR A 68 -5.90 -9.94 -12.44
N LEU A 69 -6.95 -9.43 -13.07
CA LEU A 69 -8.16 -10.21 -13.30
C LEU A 69 -9.04 -9.56 -14.36
N GLU A 70 -9.21 -10.25 -15.49
CA GLU A 70 -10.03 -9.74 -16.58
C GLU A 70 -11.49 -10.14 -16.39
N ASN A 71 -12.40 -9.31 -16.91
CA ASN A 71 -13.82 -9.58 -16.80
C ASN A 71 -14.48 -9.58 -18.18
N SER A 72 -15.18 -10.67 -18.49
CA SER A 72 -15.86 -10.81 -19.77
C SER A 72 -17.21 -10.09 -19.75
N ASP A 73 -17.17 -8.77 -19.91
CA ASP A 73 -18.38 -7.97 -19.92
C ASP A 73 -18.51 -7.19 -21.23
N SER A 74 -19.76 -6.91 -21.62
CA SER A 74 -20.02 -6.17 -22.85
C SER A 74 -19.64 -4.70 -22.71
N GLY A 75 -19.56 -4.01 -23.84
CA GLY A 75 -19.20 -2.60 -23.81
C GLY A 75 -19.17 -1.99 -25.19
N PRO A 76 -19.33 -0.65 -25.25
CA PRO A 76 -19.33 0.08 -26.53
C PRO A 76 -17.96 0.11 -27.18
N SER A 77 -17.84 0.86 -28.27
CA SER A 77 -16.58 0.98 -28.99
C SER A 77 -16.41 2.37 -29.60
N SER A 78 -15.17 2.74 -29.88
CA SER A 78 -14.87 4.04 -30.45
C SER A 78 -13.82 3.93 -31.55
N GLY A 79 -14.17 4.39 -32.75
CA GLY A 79 -13.24 4.32 -33.87
C GLY A 79 -12.96 5.69 -34.45
N GLY A 1 5.90 -12.66 13.69
CA GLY A 1 5.72 -14.00 13.18
C GLY A 1 6.09 -14.12 11.72
N SER A 2 7.32 -14.53 11.45
CA SER A 2 7.80 -14.68 10.08
C SER A 2 7.60 -16.11 9.58
N SER A 3 6.38 -16.40 9.12
CA SER A 3 6.05 -17.73 8.62
C SER A 3 4.77 -17.69 7.78
N GLY A 4 4.61 -18.69 6.93
CA GLY A 4 3.43 -18.76 6.08
C GLY A 4 3.77 -19.11 4.64
N SER A 5 3.10 -20.13 4.12
CA SER A 5 3.33 -20.57 2.74
C SER A 5 3.51 -19.36 1.81
N SER A 6 4.66 -19.31 1.15
CA SER A 6 4.96 -18.21 0.24
C SER A 6 3.75 -17.91 -0.66
N GLY A 7 3.31 -18.93 -1.39
CA GLY A 7 2.18 -18.75 -2.29
C GLY A 7 2.60 -18.48 -3.71
N THR A 8 2.29 -19.41 -4.61
CA THR A 8 2.64 -19.27 -6.02
C THR A 8 1.74 -18.25 -6.71
N LEU A 9 2.12 -16.99 -6.65
CA LEU A 9 1.36 -15.92 -7.27
C LEU A 9 1.99 -15.47 -8.58
N ALA A 10 1.26 -14.67 -9.35
CA ALA A 10 1.76 -14.17 -10.63
C ALA A 10 1.64 -12.65 -10.71
N LYS A 11 2.51 -11.96 -9.96
CA LYS A 11 2.51 -10.50 -9.95
C LYS A 11 2.75 -9.95 -11.35
N SER A 12 2.84 -8.62 -11.44
CA SER A 12 3.08 -7.97 -12.72
C SER A 12 4.09 -6.83 -12.57
N LYS A 13 4.94 -6.67 -13.58
CA LYS A 13 5.96 -5.62 -13.56
C LYS A 13 5.45 -4.36 -14.27
N GLY A 14 5.74 -3.21 -13.68
CA GLY A 14 5.32 -1.95 -14.27
C GLY A 14 6.44 -0.96 -14.40
N ALA A 15 7.17 -0.75 -13.30
CA ALA A 15 8.29 0.19 -13.30
C ALA A 15 9.17 -0.01 -12.07
N SER A 16 10.48 0.07 -12.25
CA SER A 16 11.42 -0.10 -11.16
C SER A 16 11.60 1.19 -10.38
N ALA A 17 10.94 1.29 -9.23
CA ALA A 17 11.02 2.46 -8.39
C ALA A 17 11.97 2.24 -7.22
N GLY A 18 13.26 2.44 -7.45
CA GLY A 18 14.24 2.26 -6.40
C GLY A 18 13.91 1.08 -5.50
N ARG A 19 13.49 1.38 -4.27
CA ARG A 19 13.14 0.34 -3.32
C ARG A 19 11.63 0.26 -3.12
N GLU A 20 10.97 -0.53 -3.95
CA GLU A 20 9.52 -0.69 -3.88
C GLU A 20 9.14 -1.71 -2.80
N TRP A 21 8.00 -1.50 -2.16
CA TRP A 21 7.54 -2.40 -1.11
C TRP A 21 7.62 -3.85 -1.57
N THR A 22 7.29 -4.77 -0.66
CA THR A 22 7.35 -6.19 -0.97
C THR A 22 5.97 -6.83 -0.82
N GLU A 23 5.86 -8.10 -1.19
CA GLU A 23 4.60 -8.82 -1.10
C GLU A 23 3.97 -8.66 0.28
N GLN A 24 4.78 -8.86 1.32
CA GLN A 24 4.30 -8.74 2.68
C GLN A 24 3.96 -7.29 3.01
N GLU A 25 4.99 -6.46 3.13
CA GLU A 25 4.79 -5.04 3.43
C GLU A 25 3.55 -4.51 2.75
N THR A 26 3.37 -4.85 1.48
CA THR A 26 2.22 -4.41 0.71
C THR A 26 0.91 -4.78 1.40
N LEU A 27 0.78 -6.05 1.75
CA LEU A 27 -0.42 -6.54 2.42
C LEU A 27 -0.61 -5.85 3.76
N LEU A 28 0.42 -5.89 4.60
CA LEU A 28 0.37 -5.25 5.91
C LEU A 28 -0.33 -3.90 5.84
N LEU A 29 0.10 -3.08 4.89
CA LEU A 29 -0.47 -1.75 4.72
C LEU A 29 -1.99 -1.83 4.60
N LEU A 30 -2.46 -2.64 3.66
CA LEU A 30 -3.89 -2.82 3.45
C LEU A 30 -4.59 -3.26 4.73
N GLU A 31 -4.12 -4.37 5.30
CA GLU A 31 -4.69 -4.90 6.52
C GLU A 31 -4.96 -3.78 7.54
N ALA A 32 -3.90 -3.08 7.92
CA ALA A 32 -4.01 -1.99 8.87
C ALA A 32 -4.92 -0.89 8.34
N LEU A 33 -4.77 -0.57 7.05
CA LEU A 33 -5.58 0.46 6.43
C LEU A 33 -7.07 0.23 6.69
N GLU A 34 -7.41 -0.99 7.10
CA GLU A 34 -8.79 -1.33 7.39
C GLU A 34 -9.15 -1.00 8.85
N MET A 35 -8.16 -1.13 9.73
CA MET A 35 -8.37 -0.85 11.14
C MET A 35 -7.86 0.55 11.50
N TYR A 36 -6.59 0.80 11.21
CA TYR A 36 -5.99 2.09 11.51
C TYR A 36 -6.13 3.04 10.32
N LYS A 37 -7.16 2.82 9.51
CA LYS A 37 -7.41 3.65 8.34
C LYS A 37 -7.01 5.10 8.61
N ASP A 38 -7.83 5.80 9.40
CA ASP A 38 -7.56 7.19 9.74
C ASP A 38 -6.53 7.29 10.86
N ASP A 39 -6.34 6.19 11.57
CA ASP A 39 -5.38 6.16 12.68
C ASP A 39 -3.99 5.74 12.17
N TRP A 40 -3.55 6.38 11.10
CA TRP A 40 -2.24 6.08 10.52
C TRP A 40 -1.17 5.99 11.61
N ASN A 41 -1.27 6.85 12.61
CA ASN A 41 -0.32 6.85 13.71
C ASN A 41 0.08 5.43 14.08
N LYS A 42 -0.87 4.51 13.99
CA LYS A 42 -0.62 3.11 14.32
C LYS A 42 -0.10 2.34 13.11
N VAL A 43 -0.70 2.61 11.94
CA VAL A 43 -0.31 1.95 10.71
C VAL A 43 1.21 1.81 10.62
N SER A 44 1.91 2.94 10.73
CA SER A 44 3.36 2.94 10.66
C SER A 44 3.94 1.78 11.45
N GLU A 45 3.46 1.60 12.68
CA GLU A 45 3.93 0.52 13.53
C GLU A 45 3.56 -0.84 12.95
N HIS A 46 2.33 -0.94 12.46
CA HIS A 46 1.84 -2.19 11.88
C HIS A 46 2.84 -2.74 10.86
N VAL A 47 3.17 -1.93 9.87
CA VAL A 47 4.12 -2.34 8.83
C VAL A 47 5.45 -2.76 9.43
N GLY A 48 6.15 -1.81 10.04
CA GLY A 48 7.43 -2.11 10.65
C GLY A 48 8.54 -1.21 10.15
N SER A 49 8.86 -1.34 8.86
CA SER A 49 9.91 -0.53 8.26
C SER A 49 9.32 0.58 7.39
N ARG A 50 8.25 1.21 7.88
CA ARG A 50 7.59 2.28 7.15
C ARG A 50 6.97 3.29 8.11
N THR A 51 6.65 4.46 7.59
CA THR A 51 6.05 5.52 8.40
C THR A 51 4.66 5.87 7.92
N GLN A 52 4.01 6.82 8.60
CA GLN A 52 2.67 7.24 8.24
C GLN A 52 2.61 7.68 6.79
N ASP A 53 3.34 8.75 6.46
CA ASP A 53 3.37 9.27 5.10
C ASP A 53 3.57 8.15 4.09
N GLU A 54 4.70 7.47 4.19
CA GLU A 54 5.02 6.36 3.29
C GLU A 54 3.79 5.51 3.03
N CYS A 55 3.23 4.94 4.10
CA CYS A 55 2.05 4.09 3.98
C CYS A 55 1.02 4.71 3.04
N ILE A 56 0.70 5.98 3.29
CA ILE A 56 -0.27 6.70 2.46
C ILE A 56 0.17 6.73 1.01
N LEU A 57 1.45 7.00 0.78
CA LEU A 57 2.00 7.06 -0.56
C LEU A 57 1.88 5.71 -1.26
N HIS A 58 2.42 4.68 -0.62
CA HIS A 58 2.37 3.32 -1.19
C HIS A 58 0.92 2.90 -1.47
N PHE A 59 0.00 3.44 -0.68
CA PHE A 59 -1.42 3.12 -0.85
C PHE A 59 -1.94 3.62 -2.19
N LEU A 60 -1.63 4.87 -2.50
CA LEU A 60 -2.07 5.47 -3.75
C LEU A 60 -1.80 4.54 -4.93
N ARG A 61 -0.64 3.90 -4.93
CA ARG A 61 -0.26 2.98 -5.99
C ARG A 61 -1.24 1.81 -6.07
N LEU A 62 -1.38 1.08 -4.96
CA LEU A 62 -2.29 -0.06 -4.90
C LEU A 62 -3.55 0.21 -5.72
N PRO A 63 -4.10 -0.86 -6.33
CA PRO A 63 -5.30 -0.76 -7.15
C PRO A 63 -6.55 -0.49 -6.32
N ILE A 64 -7.05 0.74 -6.41
CA ILE A 64 -8.24 1.14 -5.68
C ILE A 64 -9.45 0.30 -6.07
N GLU A 65 -10.10 -0.31 -5.08
CA GLU A 65 -11.27 -1.14 -5.32
C GLU A 65 -12.26 -0.42 -6.23
N ASP A 66 -12.40 -0.93 -7.46
CA ASP A 66 -13.32 -0.34 -8.43
C ASP A 66 -13.46 -1.23 -9.65
N PRO A 67 -14.68 -1.28 -10.22
CA PRO A 67 -14.97 -2.09 -11.41
C PRO A 67 -14.30 -1.53 -12.66
N TYR A 68 -14.50 -0.24 -12.91
CA TYR A 68 -13.93 0.41 -14.08
C TYR A 68 -13.27 1.73 -13.70
N LEU A 69 -13.96 2.49 -12.85
CA LEU A 69 -13.45 3.79 -12.41
C LEU A 69 -11.98 3.68 -12.01
N GLU A 70 -11.11 4.33 -12.78
CA GLU A 70 -9.68 4.31 -12.50
C GLU A 70 -9.26 5.55 -11.71
N ASN A 71 -8.90 5.35 -10.45
CA ASN A 71 -8.49 6.45 -9.58
C ASN A 71 -7.10 6.18 -9.00
N SER A 72 -6.20 5.66 -9.83
CA SER A 72 -4.85 5.36 -9.40
C SER A 72 -3.82 6.09 -10.27
N ASP A 73 -3.43 7.29 -9.82
CA ASP A 73 -2.45 8.09 -10.54
C ASP A 73 -1.75 9.08 -9.62
N SER A 74 -0.44 8.95 -9.50
CA SER A 74 0.35 9.82 -8.64
C SER A 74 0.54 11.18 -9.29
N GLY A 75 0.93 11.18 -10.56
CA GLY A 75 1.14 12.43 -11.27
C GLY A 75 2.53 13.00 -11.03
N PRO A 76 2.67 14.31 -11.27
CA PRO A 76 3.95 15.01 -11.08
C PRO A 76 4.33 15.13 -9.60
N SER A 77 5.55 15.59 -9.35
CA SER A 77 6.04 15.75 -7.98
C SER A 77 6.01 14.41 -7.24
N SER A 78 6.38 13.35 -7.93
CA SER A 78 6.38 12.01 -7.34
C SER A 78 7.42 11.93 -6.22
N GLY A 79 6.99 11.42 -5.07
CA GLY A 79 7.89 11.29 -3.94
C GLY A 79 7.21 11.64 -2.62
N GLY A 1 39.93 -13.20 3.16
CA GLY A 1 39.09 -13.49 2.00
C GLY A 1 37.94 -12.51 1.88
N SER A 2 37.69 -12.05 0.66
CA SER A 2 36.62 -11.10 0.41
C SER A 2 35.47 -11.77 -0.35
N SER A 3 34.26 -11.29 -0.12
CA SER A 3 33.07 -11.83 -0.77
C SER A 3 32.49 -10.83 -1.76
N GLY A 4 32.68 -11.10 -3.05
CA GLY A 4 32.17 -10.22 -4.08
C GLY A 4 32.31 -10.81 -5.48
N SER A 5 32.20 -9.95 -6.49
CA SER A 5 32.31 -10.40 -7.87
C SER A 5 31.28 -11.48 -8.19
N SER A 6 30.06 -11.28 -7.69
CA SER A 6 28.98 -12.24 -7.90
C SER A 6 28.53 -12.22 -9.36
N GLY A 7 27.62 -13.13 -9.70
CA GLY A 7 27.12 -13.20 -11.06
C GLY A 7 25.67 -12.77 -11.17
N THR A 8 25.45 -11.47 -11.28
CA THR A 8 24.11 -10.92 -11.39
C THR A 8 24.10 -9.61 -12.17
N LEU A 9 23.47 -9.63 -13.33
CA LEU A 9 23.40 -8.44 -14.18
C LEU A 9 22.31 -7.48 -13.67
N ALA A 10 22.73 -6.49 -12.89
CA ALA A 10 21.80 -5.50 -12.35
C ALA A 10 21.61 -4.35 -13.32
N LYS A 11 20.62 -3.51 -13.03
CA LYS A 11 20.32 -2.35 -13.87
C LYS A 11 20.91 -1.07 -13.28
N SER A 12 20.72 -0.89 -11.97
CA SER A 12 21.21 0.29 -11.28
C SER A 12 22.72 0.17 -11.02
N LYS A 13 23.47 1.18 -11.42
CA LYS A 13 24.91 1.18 -11.24
C LYS A 13 25.27 1.77 -9.88
N GLY A 14 25.95 0.97 -9.06
CA GLY A 14 26.35 1.43 -7.73
C GLY A 14 25.84 0.52 -6.63
N ALA A 15 25.77 1.06 -5.42
CA ALA A 15 25.29 0.29 -4.27
C ALA A 15 23.92 0.77 -3.82
N SER A 16 22.90 -0.03 -4.11
CA SER A 16 21.53 0.30 -3.74
C SER A 16 21.04 -0.57 -2.59
N ALA A 17 20.20 0.00 -1.74
CA ALA A 17 19.65 -0.72 -0.59
C ALA A 17 18.21 -1.14 -0.85
N GLY A 18 17.73 -2.10 -0.06
CA GLY A 18 16.36 -2.57 -0.21
C GLY A 18 15.35 -1.59 0.34
N ARG A 19 15.32 -0.39 -0.21
CA ARG A 19 14.39 0.64 0.24
C ARG A 19 13.15 0.67 -0.65
N GLU A 20 12.55 -0.50 -0.86
CA GLU A 20 11.35 -0.60 -1.69
C GLU A 20 10.26 -1.39 -0.99
N TRP A 21 9.02 -1.16 -1.37
CA TRP A 21 7.89 -1.85 -0.77
C TRP A 21 7.82 -3.30 -1.25
N THR A 22 7.87 -4.23 -0.31
CA THR A 22 7.82 -5.65 -0.64
C THR A 22 6.39 -6.19 -0.52
N GLU A 23 6.16 -7.37 -1.08
CA GLU A 23 4.84 -8.00 -1.03
C GLU A 23 4.36 -8.15 0.40
N GLN A 24 5.22 -8.74 1.25
CA GLN A 24 4.89 -8.95 2.65
C GLN A 24 4.35 -7.66 3.28
N GLU A 25 5.02 -6.55 3.00
CA GLU A 25 4.63 -5.26 3.55
C GLU A 25 3.32 -4.78 2.91
N THR A 26 3.29 -4.79 1.58
CA THR A 26 2.11 -4.35 0.84
C THR A 26 0.83 -4.86 1.50
N LEU A 27 0.83 -6.13 1.87
CA LEU A 27 -0.34 -6.74 2.50
C LEU A 27 -0.61 -6.10 3.86
N LEU A 28 0.43 -6.02 4.70
CA LEU A 28 0.30 -5.43 6.01
C LEU A 28 -0.35 -4.04 5.94
N LEU A 29 0.12 -3.24 4.99
CA LEU A 29 -0.41 -1.88 4.81
C LEU A 29 -1.94 -1.92 4.70
N LEU A 30 -2.44 -2.66 3.72
CA LEU A 30 -3.89 -2.77 3.52
C LEU A 30 -4.56 -3.40 4.73
N GLU A 31 -3.89 -4.38 5.33
CA GLU A 31 -4.42 -5.06 6.50
C GLU A 31 -4.58 -4.10 7.68
N ALA A 32 -3.77 -3.05 7.68
CA ALA A 32 -3.81 -2.05 8.74
C ALA A 32 -4.78 -0.93 8.39
N LEU A 33 -4.67 -0.42 7.17
CA LEU A 33 -5.54 0.65 6.70
C LEU A 33 -7.00 0.37 7.05
N GLU A 34 -7.43 -0.85 6.78
CA GLU A 34 -8.80 -1.25 7.06
C GLU A 34 -9.19 -0.92 8.50
N MET A 35 -8.19 -0.92 9.38
CA MET A 35 -8.42 -0.62 10.79
C MET A 35 -8.07 0.83 11.10
N TYR A 36 -6.79 1.17 10.92
CA TYR A 36 -6.33 2.52 11.18
C TYR A 36 -6.33 3.36 9.90
N LYS A 37 -7.33 3.13 9.06
CA LYS A 37 -7.46 3.86 7.81
C LYS A 37 -7.03 5.31 7.98
N ASP A 38 -7.68 6.02 8.91
CA ASP A 38 -7.35 7.42 9.17
C ASP A 38 -6.34 7.54 10.31
N ASP A 39 -6.26 6.50 11.13
CA ASP A 39 -5.33 6.49 12.26
C ASP A 39 -3.95 5.99 11.82
N TRP A 40 -3.45 6.55 10.73
CA TRP A 40 -2.15 6.17 10.21
C TRP A 40 -1.13 6.02 11.34
N ASN A 41 -1.20 6.93 12.31
CA ASN A 41 -0.28 6.91 13.44
C ASN A 41 0.02 5.47 13.86
N LYS A 42 -0.97 4.59 13.73
CA LYS A 42 -0.80 3.19 14.09
C LYS A 42 -0.34 2.37 12.88
N VAL A 43 -0.91 2.67 11.72
CA VAL A 43 -0.55 1.96 10.49
C VAL A 43 0.95 1.79 10.37
N SER A 44 1.69 2.86 10.67
CA SER A 44 3.15 2.82 10.59
C SER A 44 3.71 1.65 11.39
N GLU A 45 3.29 1.57 12.66
CA GLU A 45 3.76 0.50 13.53
C GLU A 45 3.41 -0.87 12.97
N HIS A 46 2.14 -1.05 12.61
CA HIS A 46 1.68 -2.31 12.04
C HIS A 46 2.70 -2.88 11.07
N VAL A 47 3.04 -2.09 10.05
CA VAL A 47 4.01 -2.51 9.05
C VAL A 47 5.31 -2.99 9.70
N GLY A 48 6.02 -2.07 10.35
CA GLY A 48 7.26 -2.43 11.01
C GLY A 48 8.37 -1.43 10.72
N SER A 49 8.67 -1.24 9.44
CA SER A 49 9.71 -0.30 9.03
C SER A 49 9.18 0.72 8.04
N ARG A 50 8.06 1.36 8.39
CA ARG A 50 7.45 2.36 7.52
C ARG A 50 6.77 3.44 8.35
N THR A 51 6.72 4.65 7.79
CA THR A 51 6.11 5.78 8.47
C THR A 51 4.72 6.09 7.90
N GLN A 52 4.06 7.10 8.46
CA GLN A 52 2.74 7.49 8.01
C GLN A 52 2.76 7.84 6.53
N ASP A 53 3.56 8.84 6.18
CA ASP A 53 3.67 9.28 4.79
C ASP A 53 3.91 8.09 3.86
N GLU A 54 5.05 7.44 4.02
CA GLU A 54 5.40 6.30 3.20
C GLU A 54 4.21 5.35 3.04
N CYS A 55 3.70 4.88 4.17
CA CYS A 55 2.56 3.96 4.17
C CYS A 55 1.45 4.48 3.25
N ILE A 56 1.14 5.77 3.36
CA ILE A 56 0.11 6.38 2.55
C ILE A 56 0.40 6.19 1.06
N LEU A 57 1.53 6.74 0.61
CA LEU A 57 1.92 6.63 -0.79
C LEU A 57 1.59 5.26 -1.35
N HIS A 58 2.27 4.23 -0.84
CA HIS A 58 2.04 2.87 -1.28
C HIS A 58 0.56 2.61 -1.51
N PHE A 59 -0.28 3.08 -0.60
CA PHE A 59 -1.72 2.90 -0.71
C PHE A 59 -2.29 3.74 -1.85
N LEU A 60 -1.95 5.02 -1.85
CA LEU A 60 -2.43 5.94 -2.89
C LEU A 60 -2.29 5.31 -4.27
N ARG A 61 -1.17 4.61 -4.49
CA ARG A 61 -0.91 3.97 -5.77
C ARG A 61 -1.70 2.66 -5.89
N LEU A 62 -1.66 1.86 -4.83
CA LEU A 62 -2.38 0.58 -4.82
C LEU A 62 -3.77 0.73 -5.39
N PRO A 63 -4.33 -0.38 -5.90
CA PRO A 63 -5.66 -0.40 -6.50
C PRO A 63 -6.77 -0.21 -5.46
N ILE A 64 -7.46 0.91 -5.54
CA ILE A 64 -8.54 1.22 -4.60
C ILE A 64 -9.87 1.38 -5.33
N GLU A 65 -10.95 1.39 -4.57
CA GLU A 65 -12.29 1.54 -5.14
C GLU A 65 -12.48 2.94 -5.72
N ASP A 66 -12.58 3.03 -7.04
CA ASP A 66 -12.77 4.30 -7.71
C ASP A 66 -14.14 4.88 -7.41
N PRO A 67 -14.19 6.21 -7.22
CA PRO A 67 -15.44 6.92 -6.93
C PRO A 67 -16.39 6.95 -8.12
N TYR A 68 -15.84 6.77 -9.32
CA TYR A 68 -16.64 6.77 -10.54
C TYR A 68 -17.70 5.67 -10.50
N LEU A 69 -17.31 4.51 -9.99
CA LEU A 69 -18.23 3.38 -9.90
C LEU A 69 -19.05 3.44 -8.61
N GLU A 70 -19.78 4.53 -8.44
CA GLU A 70 -20.61 4.71 -7.25
C GLU A 70 -22.07 4.42 -7.56
N ASN A 71 -22.56 4.94 -8.69
CA ASN A 71 -23.93 4.73 -9.09
C ASN A 71 -24.38 3.30 -8.80
N SER A 72 -23.55 2.33 -9.18
CA SER A 72 -23.86 0.93 -8.96
C SER A 72 -24.15 0.65 -7.49
N ASP A 73 -25.25 -0.04 -7.23
CA ASP A 73 -25.64 -0.37 -5.86
C ASP A 73 -24.55 -1.16 -5.16
N SER A 74 -23.66 -0.44 -4.46
CA SER A 74 -22.57 -1.07 -3.74
C SER A 74 -21.79 -0.05 -2.91
N GLY A 75 -21.82 -0.22 -1.59
CA GLY A 75 -21.12 0.71 -0.72
C GLY A 75 -22.07 1.59 0.07
N PRO A 76 -21.64 1.98 1.28
CA PRO A 76 -22.44 2.83 2.17
C PRO A 76 -22.56 4.26 1.63
N SER A 77 -21.99 4.50 0.46
CA SER A 77 -22.03 5.82 -0.15
C SER A 77 -23.38 6.49 0.09
N SER A 78 -24.45 5.72 -0.03
CA SER A 78 -25.79 6.24 0.18
C SER A 78 -26.81 5.11 0.23
N GLY A 79 -27.76 5.21 1.15
CA GLY A 79 -28.79 4.19 1.28
C GLY A 79 -30.02 4.69 2.02
N GLY A 1 -10.32 26.28 -24.04
CA GLY A 1 -9.10 26.11 -24.81
C GLY A 1 -7.92 25.74 -23.94
N SER A 2 -7.79 26.41 -22.80
CA SER A 2 -6.69 26.14 -21.87
C SER A 2 -6.57 24.65 -21.59
N SER A 3 -5.42 24.25 -21.05
CA SER A 3 -5.18 22.84 -20.71
C SER A 3 -4.82 22.69 -19.25
N GLY A 4 -3.73 23.33 -18.84
CA GLY A 4 -3.28 23.25 -17.47
C GLY A 4 -1.78 23.11 -17.34
N SER A 5 -1.30 22.87 -16.13
CA SER A 5 0.13 22.74 -15.87
C SER A 5 0.62 21.35 -16.26
N SER A 6 1.73 21.30 -16.98
CA SER A 6 2.30 20.03 -17.42
C SER A 6 2.53 19.09 -16.24
N GLY A 7 3.09 19.64 -15.16
CA GLY A 7 3.36 18.85 -13.97
C GLY A 7 4.84 18.76 -13.65
N THR A 8 5.28 17.59 -13.21
CA THR A 8 6.67 17.38 -12.86
C THR A 8 7.30 16.27 -13.71
N LEU A 9 8.57 16.44 -14.06
CA LEU A 9 9.27 15.45 -14.86
C LEU A 9 10.60 15.06 -14.21
N ALA A 10 11.15 13.92 -14.63
CA ALA A 10 12.41 13.44 -14.09
C ALA A 10 13.01 12.36 -14.98
N LYS A 11 14.20 11.88 -14.60
CA LYS A 11 14.88 10.85 -15.37
C LYS A 11 14.21 9.50 -15.17
N SER A 12 14.72 8.48 -15.86
CA SER A 12 14.18 7.13 -15.76
C SER A 12 14.98 6.29 -14.78
N LYS A 13 15.27 6.86 -13.62
CA LYS A 13 16.03 6.16 -12.59
C LYS A 13 15.25 4.97 -12.04
N GLY A 14 14.03 5.24 -11.59
CA GLY A 14 13.19 4.18 -11.05
C GLY A 14 13.07 2.99 -11.99
N ALA A 15 12.44 3.21 -13.14
CA ALA A 15 12.27 2.16 -14.12
C ALA A 15 11.93 0.84 -13.44
N SER A 16 11.02 0.89 -12.48
CA SER A 16 10.59 -0.31 -11.75
C SER A 16 11.77 -1.25 -11.55
N ALA A 17 12.91 -0.70 -11.13
CA ALA A 17 14.10 -1.49 -10.88
C ALA A 17 14.30 -1.75 -9.40
N GLY A 18 14.16 -0.71 -8.59
CA GLY A 18 14.32 -0.86 -7.15
C GLY A 18 13.00 -0.79 -6.41
N ARG A 19 12.39 -1.95 -6.20
CA ARG A 19 11.11 -2.01 -5.49
C ARG A 19 11.23 -1.41 -4.10
N GLU A 20 10.76 -0.17 -3.96
CA GLU A 20 10.82 0.52 -2.67
C GLU A 20 10.00 -0.22 -1.62
N TRP A 21 9.19 -1.17 -2.08
CA TRP A 21 8.35 -1.95 -1.17
C TRP A 21 8.45 -3.44 -1.50
N THR A 22 7.85 -4.27 -0.64
CA THR A 22 7.87 -5.71 -0.83
C THR A 22 6.46 -6.29 -0.77
N GLU A 23 6.32 -7.54 -1.22
CA GLU A 23 5.03 -8.21 -1.23
C GLU A 23 4.41 -8.19 0.18
N GLN A 24 5.21 -8.52 1.18
CA GLN A 24 4.74 -8.54 2.55
C GLN A 24 4.21 -7.18 2.97
N GLU A 25 5.07 -6.18 2.97
CA GLU A 25 4.69 -4.82 3.35
C GLU A 25 3.35 -4.45 2.73
N THR A 26 3.20 -4.73 1.43
CA THR A 26 1.96 -4.43 0.72
C THR A 26 0.76 -5.04 1.42
N LEU A 27 0.87 -6.32 1.77
CA LEU A 27 -0.22 -7.03 2.45
C LEU A 27 -0.50 -6.40 3.82
N LEU A 28 0.55 -6.25 4.61
CA LEU A 28 0.41 -5.66 5.94
C LEU A 28 -0.31 -4.32 5.88
N LEU A 29 0.20 -3.42 5.05
CA LEU A 29 -0.40 -2.10 4.89
C LEU A 29 -1.91 -2.19 4.81
N LEU A 30 -2.40 -2.96 3.83
CA LEU A 30 -3.83 -3.13 3.65
C LEU A 30 -4.52 -3.52 4.95
N GLU A 31 -3.93 -4.50 5.65
CA GLU A 31 -4.48 -4.96 6.92
C GLU A 31 -4.85 -3.79 7.81
N ALA A 32 -3.86 -2.99 8.19
CA ALA A 32 -4.07 -1.83 9.04
C ALA A 32 -5.01 -0.83 8.37
N LEU A 33 -4.83 -0.64 7.06
CA LEU A 33 -5.66 0.29 6.30
C LEU A 33 -7.14 0.01 6.53
N GLU A 34 -7.45 -1.17 7.06
CA GLU A 34 -8.82 -1.55 7.33
C GLU A 34 -9.26 -1.12 8.72
N MET A 35 -8.33 -1.18 9.67
CA MET A 35 -8.61 -0.79 11.05
C MET A 35 -8.20 0.67 11.28
N TYR A 36 -6.93 0.97 11.04
CA TYR A 36 -6.41 2.32 11.23
C TYR A 36 -6.43 3.10 9.92
N LYS A 37 -7.41 2.82 9.08
CA LYS A 37 -7.55 3.48 7.79
C LYS A 37 -7.14 4.96 7.91
N ASP A 38 -7.73 5.65 8.87
CA ASP A 38 -7.43 7.07 9.08
C ASP A 38 -6.28 7.24 10.07
N ASP A 39 -6.31 6.46 11.14
CA ASP A 39 -5.26 6.51 12.15
C ASP A 39 -3.93 6.03 11.59
N TRP A 40 -3.32 6.86 10.75
CA TRP A 40 -2.04 6.52 10.13
C TRP A 40 -0.98 6.26 11.21
N ASN A 41 -1.18 6.84 12.38
CA ASN A 41 -0.24 6.67 13.48
C ASN A 41 0.09 5.19 13.69
N LYS A 42 -0.94 4.37 13.86
CA LYS A 42 -0.76 2.94 14.06
C LYS A 42 -0.45 2.24 12.75
N VAL A 43 -0.85 2.85 11.64
CA VAL A 43 -0.61 2.29 10.31
C VAL A 43 0.88 2.05 10.09
N SER A 44 1.70 3.04 10.45
CA SER A 44 3.14 2.94 10.29
C SER A 44 3.74 1.96 11.30
N GLU A 45 3.06 1.80 12.42
CA GLU A 45 3.53 0.89 13.47
C GLU A 45 3.12 -0.55 13.16
N HIS A 46 1.99 -0.70 12.47
CA HIS A 46 1.49 -2.03 12.12
C HIS A 46 2.42 -2.70 11.10
N VAL A 47 2.82 -1.96 10.09
CA VAL A 47 3.70 -2.49 9.05
C VAL A 47 4.99 -3.02 9.66
N GLY A 48 5.77 -2.13 10.29
CA GLY A 48 7.01 -2.54 10.90
C GLY A 48 8.15 -1.60 10.56
N SER A 49 8.50 -1.54 9.28
CA SER A 49 9.59 -0.68 8.82
C SER A 49 9.09 0.35 7.81
N ARG A 50 7.91 0.91 8.08
CA ARG A 50 7.31 1.91 7.19
C ARG A 50 6.72 3.06 8.00
N THR A 51 7.07 4.28 7.61
CA THR A 51 6.58 5.47 8.29
C THR A 51 5.16 5.81 7.83
N GLN A 52 4.54 6.77 8.53
CA GLN A 52 3.18 7.19 8.19
C GLN A 52 3.08 7.61 6.73
N ASP A 53 3.87 8.61 6.36
CA ASP A 53 3.87 9.11 4.98
C ASP A 53 4.07 7.97 3.99
N GLU A 54 5.21 7.29 4.11
CA GLU A 54 5.52 6.17 3.23
C GLU A 54 4.30 5.28 3.01
N CYS A 55 3.67 4.90 4.11
CA CYS A 55 2.48 4.05 4.05
C CYS A 55 1.39 4.68 3.19
N ILE A 56 1.14 5.96 3.42
CA ILE A 56 0.12 6.68 2.67
C ILE A 56 0.40 6.65 1.17
N LEU A 57 1.66 6.90 0.81
CA LEU A 57 2.06 6.88 -0.59
C LEU A 57 1.75 5.53 -1.24
N HIS A 58 2.40 4.49 -0.73
CA HIS A 58 2.19 3.14 -1.26
C HIS A 58 0.71 2.87 -1.50
N PHE A 59 -0.13 3.34 -0.57
CA PHE A 59 -1.57 3.15 -0.68
C PHE A 59 -2.12 3.82 -1.94
N LEU A 60 -1.89 5.12 -2.05
CA LEU A 60 -2.36 5.88 -3.21
C LEU A 60 -2.30 5.03 -4.47
N ARG A 61 -1.22 4.28 -4.63
CA ARG A 61 -1.05 3.42 -5.79
C ARG A 61 -2.10 2.31 -5.81
N LEU A 62 -2.02 1.42 -4.82
CA LEU A 62 -2.97 0.32 -4.73
C LEU A 62 -4.36 0.73 -5.19
N PRO A 63 -5.12 -0.22 -5.72
CA PRO A 63 -6.48 0.02 -6.21
C PRO A 63 -7.46 0.30 -5.07
N ILE A 64 -8.13 1.44 -5.14
CA ILE A 64 -9.09 1.83 -4.13
C ILE A 64 -9.83 0.61 -3.57
N GLU A 65 -10.02 0.60 -2.25
CA GLU A 65 -10.70 -0.51 -1.60
C GLU A 65 -11.86 -1.02 -2.44
N ASP A 66 -11.95 -2.33 -2.58
CA ASP A 66 -13.01 -2.95 -3.37
C ASP A 66 -14.32 -2.99 -2.58
N PRO A 67 -15.45 -2.81 -3.29
CA PRO A 67 -16.77 -2.82 -2.68
C PRO A 67 -17.18 -4.22 -2.21
N TYR A 68 -17.06 -5.20 -3.11
CA TYR A 68 -17.42 -6.57 -2.78
C TYR A 68 -16.95 -7.53 -3.87
N LEU A 69 -15.88 -8.26 -3.59
CA LEU A 69 -15.32 -9.21 -4.54
C LEU A 69 -14.77 -10.44 -3.83
N GLU A 70 -15.28 -11.62 -4.20
CA GLU A 70 -14.82 -12.86 -3.59
C GLU A 70 -15.13 -12.89 -2.09
N ASN A 71 -16.32 -12.41 -1.74
CA ASN A 71 -16.75 -12.37 -0.34
C ASN A 71 -17.40 -13.69 0.06
N SER A 72 -17.10 -14.15 1.27
CA SER A 72 -17.66 -15.40 1.78
C SER A 72 -18.41 -15.17 3.09
N ASP A 73 -19.23 -16.14 3.47
CA ASP A 73 -20.00 -16.05 4.71
C ASP A 73 -19.10 -16.19 5.93
N SER A 74 -19.63 -15.85 7.10
CA SER A 74 -18.87 -15.93 8.34
C SER A 74 -19.51 -16.92 9.31
N GLY A 75 -18.82 -17.18 10.42
CA GLY A 75 -19.34 -18.11 11.40
C GLY A 75 -18.26 -18.63 12.33
N PRO A 76 -18.53 -19.79 12.97
CA PRO A 76 -17.58 -20.42 13.88
C PRO A 76 -16.35 -20.98 13.18
N SER A 77 -15.18 -20.72 13.75
CA SER A 77 -13.93 -21.19 13.16
C SER A 77 -13.85 -22.71 13.21
N SER A 78 -12.93 -23.28 12.43
CA SER A 78 -12.75 -24.72 12.37
C SER A 78 -11.32 -25.10 12.74
N GLY A 79 -11.19 -26.05 13.67
CA GLY A 79 -9.87 -26.49 14.10
C GLY A 79 -9.65 -27.97 13.85
N GLY A 1 -18.64 -9.11 -17.89
CA GLY A 1 -18.83 -7.92 -17.09
C GLY A 1 -17.55 -7.50 -16.37
N SER A 2 -17.49 -6.22 -16.00
CA SER A 2 -16.31 -5.70 -15.30
C SER A 2 -16.37 -6.04 -13.81
N SER A 3 -16.00 -7.27 -13.48
CA SER A 3 -16.01 -7.72 -12.09
C SER A 3 -15.20 -6.77 -11.21
N GLY A 4 -15.77 -6.39 -10.08
CA GLY A 4 -15.09 -5.49 -9.16
C GLY A 4 -14.58 -6.20 -7.93
N SER A 5 -13.38 -6.77 -8.03
CA SER A 5 -12.78 -7.49 -6.91
C SER A 5 -11.26 -7.37 -6.95
N SER A 6 -10.61 -7.71 -5.84
CA SER A 6 -9.16 -7.64 -5.73
C SER A 6 -8.54 -9.04 -5.86
N GLY A 7 -7.22 -9.08 -6.00
CA GLY A 7 -6.53 -10.34 -6.13
C GLY A 7 -5.40 -10.29 -7.15
N THR A 8 -4.22 -10.76 -6.75
CA THR A 8 -3.06 -10.76 -7.64
C THR A 8 -2.78 -12.16 -8.16
N LEU A 9 -2.95 -12.35 -9.46
CA LEU A 9 -2.71 -13.64 -10.10
C LEU A 9 -1.62 -13.53 -11.17
N ALA A 10 -1.01 -14.66 -11.49
CA ALA A 10 0.04 -14.69 -12.50
C ALA A 10 1.27 -13.93 -12.03
N LYS A 11 1.79 -14.30 -10.86
CA LYS A 11 2.97 -13.65 -10.30
C LYS A 11 4.24 -14.23 -10.90
N SER A 12 4.31 -14.26 -12.23
CA SER A 12 5.48 -14.79 -12.92
C SER A 12 6.48 -13.68 -13.25
N LYS A 13 5.99 -12.67 -13.97
CA LYS A 13 6.83 -11.54 -14.35
C LYS A 13 7.46 -10.89 -13.11
N GLY A 14 6.70 -10.83 -12.03
CA GLY A 14 7.19 -10.23 -10.80
C GLY A 14 7.32 -8.73 -10.91
N ALA A 15 8.16 -8.14 -10.06
CA ALA A 15 8.38 -6.70 -10.06
C ALA A 15 9.37 -6.30 -11.14
N SER A 16 8.88 -6.08 -12.35
CA SER A 16 9.73 -5.69 -13.47
C SER A 16 9.84 -4.17 -13.56
N ALA A 17 8.70 -3.48 -13.54
CA ALA A 17 8.67 -2.04 -13.62
C ALA A 17 9.46 -1.41 -12.48
N GLY A 18 9.29 -1.96 -11.28
CA GLY A 18 10.00 -1.44 -10.11
C GLY A 18 9.48 -2.03 -8.82
N ARG A 19 10.40 -2.47 -7.97
CA ARG A 19 10.04 -3.07 -6.69
C ARG A 19 10.35 -2.12 -5.54
N GLU A 20 9.39 -1.25 -5.21
CA GLU A 20 9.57 -0.29 -4.13
C GLU A 20 9.01 -0.83 -2.82
N TRP A 21 8.14 -1.84 -2.92
CA TRP A 21 7.54 -2.44 -1.75
C TRP A 21 7.51 -3.96 -1.87
N THR A 22 7.53 -4.65 -0.73
CA THR A 22 7.50 -6.11 -0.72
C THR A 22 6.09 -6.63 -0.42
N GLU A 23 5.79 -7.82 -0.92
CA GLU A 23 4.49 -8.43 -0.70
C GLU A 23 4.06 -8.29 0.76
N GLN A 24 4.98 -8.62 1.67
CA GLN A 24 4.70 -8.55 3.10
C GLN A 24 4.18 -7.15 3.47
N GLU A 25 5.02 -6.15 3.27
CA GLU A 25 4.64 -4.77 3.59
C GLU A 25 3.31 -4.41 2.95
N THR A 26 3.20 -4.64 1.64
CA THR A 26 1.99 -4.34 0.90
C THR A 26 0.76 -4.90 1.61
N LEU A 27 0.78 -6.21 1.88
CA LEU A 27 -0.33 -6.87 2.56
C LEU A 27 -0.62 -6.21 3.90
N LEU A 28 0.43 -6.01 4.69
CA LEU A 28 0.30 -5.40 6.00
C LEU A 28 -0.46 -4.07 5.92
N LEU A 29 -0.01 -3.19 5.03
CA LEU A 29 -0.66 -1.90 4.84
C LEU A 29 -2.15 -2.06 4.65
N LEU A 30 -2.55 -3.00 3.80
CA LEU A 30 -3.96 -3.26 3.53
C LEU A 30 -4.68 -3.72 4.80
N GLU A 31 -4.05 -4.66 5.51
CA GLU A 31 -4.63 -5.19 6.74
C GLU A 31 -4.98 -4.06 7.71
N ALA A 32 -4.00 -3.20 7.99
CA ALA A 32 -4.20 -2.08 8.91
C ALA A 32 -5.21 -1.09 8.33
N LEU A 33 -5.15 -0.88 7.02
CA LEU A 33 -6.05 0.05 6.35
C LEU A 33 -7.50 -0.25 6.73
N GLU A 34 -7.74 -1.44 7.25
CA GLU A 34 -9.08 -1.85 7.65
C GLU A 34 -9.39 -1.40 9.07
N MET A 35 -8.42 -1.56 9.96
CA MET A 35 -8.59 -1.17 11.36
C MET A 35 -8.18 0.29 11.56
N TYR A 36 -6.94 0.61 11.22
CA TYR A 36 -6.43 1.96 11.37
C TYR A 36 -6.56 2.74 10.06
N LYS A 37 -7.63 2.46 9.31
CA LYS A 37 -7.87 3.13 8.04
C LYS A 37 -7.39 4.58 8.09
N ASP A 38 -7.87 5.33 9.07
CA ASP A 38 -7.49 6.73 9.23
C ASP A 38 -6.33 6.87 10.20
N ASP A 39 -6.32 6.04 11.25
CA ASP A 39 -5.27 6.06 12.25
C ASP A 39 -3.91 5.74 11.62
N TRP A 40 -3.36 6.70 10.90
CA TRP A 40 -2.06 6.52 10.24
C TRP A 40 -0.96 6.32 11.28
N ASN A 41 -1.11 6.94 12.43
CA ASN A 41 -0.13 6.83 13.51
C ASN A 41 0.34 5.39 13.66
N LYS A 42 -0.60 4.48 13.84
CA LYS A 42 -0.29 3.06 13.99
C LYS A 42 0.03 2.42 12.65
N VAL A 43 -0.76 2.76 11.63
CA VAL A 43 -0.56 2.22 10.29
C VAL A 43 0.93 2.01 10.00
N SER A 44 1.76 2.88 10.57
CA SER A 44 3.20 2.78 10.36
C SER A 44 3.78 1.60 11.14
N GLU A 45 3.53 1.57 12.44
CA GLU A 45 4.02 0.50 13.29
C GLU A 45 3.53 -0.86 12.80
N HIS A 46 2.27 -0.90 12.35
CA HIS A 46 1.67 -2.13 11.86
C HIS A 46 2.56 -2.78 10.79
N VAL A 47 3.04 -1.96 9.87
CA VAL A 47 3.90 -2.45 8.79
C VAL A 47 5.26 -2.89 9.32
N GLY A 48 6.00 -1.94 9.88
CA GLY A 48 7.32 -2.25 10.42
C GLY A 48 8.30 -1.11 10.23
N SER A 49 8.92 -1.06 9.06
CA SER A 49 9.90 -0.02 8.76
C SER A 49 9.33 0.97 7.74
N ARG A 50 8.09 1.39 7.95
CA ARG A 50 7.44 2.33 7.06
C ARG A 50 6.71 3.42 7.86
N THR A 51 7.13 4.67 7.67
CA THR A 51 6.53 5.79 8.37
C THR A 51 5.10 6.01 7.90
N GLN A 52 4.37 6.87 8.62
CA GLN A 52 2.99 7.18 8.28
C GLN A 52 2.87 7.64 6.82
N ASP A 53 3.58 8.70 6.49
CA ASP A 53 3.55 9.24 5.13
C ASP A 53 3.76 8.14 4.11
N GLU A 54 4.95 7.54 4.12
CA GLU A 54 5.26 6.46 3.19
C GLU A 54 4.06 5.55 2.97
N CYS A 55 3.52 5.04 4.07
CA CYS A 55 2.36 4.15 4.00
C CYS A 55 1.27 4.73 3.09
N ILE A 56 1.03 6.02 3.23
CA ILE A 56 0.03 6.70 2.42
C ILE A 56 0.42 6.71 0.95
N LEU A 57 1.68 7.04 0.68
CA LEU A 57 2.18 7.09 -0.68
C LEU A 57 1.98 5.75 -1.39
N HIS A 58 2.57 4.70 -0.84
CA HIS A 58 2.46 3.37 -1.41
C HIS A 58 0.99 3.03 -1.71
N PHE A 59 0.11 3.37 -0.78
CA PHE A 59 -1.31 3.10 -0.95
C PHE A 59 -1.85 3.81 -2.19
N LEU A 60 -1.63 5.12 -2.26
CA LEU A 60 -2.10 5.91 -3.39
C LEU A 60 -1.91 5.16 -4.70
N ARG A 61 -0.74 4.54 -4.86
CA ARG A 61 -0.43 3.78 -6.07
C ARG A 61 -1.50 2.73 -6.33
N LEU A 62 -1.84 1.96 -5.31
CA LEU A 62 -2.86 0.91 -5.44
C LEU A 62 -3.95 1.34 -6.40
N PRO A 63 -4.52 0.35 -7.11
CA PRO A 63 -5.59 0.60 -8.09
C PRO A 63 -6.89 1.00 -7.42
N ILE A 64 -7.34 2.23 -7.68
CA ILE A 64 -8.58 2.73 -7.11
C ILE A 64 -9.76 2.48 -8.04
N GLU A 65 -10.75 1.74 -7.56
CA GLU A 65 -11.93 1.43 -8.34
C GLU A 65 -11.56 1.04 -9.76
N ASP A 66 -10.58 0.15 -9.88
CA ASP A 66 -10.12 -0.32 -11.19
C ASP A 66 -9.86 -1.82 -11.18
N PRO A 67 -10.43 -2.54 -12.15
CA PRO A 67 -10.27 -3.98 -12.28
C PRO A 67 -8.85 -4.38 -12.68
N TYR A 68 -8.34 -3.74 -13.72
CA TYR A 68 -6.99 -4.03 -14.21
C TYR A 68 -6.24 -2.74 -14.50
N LEU A 69 -5.51 -2.24 -13.49
CA LEU A 69 -4.74 -1.02 -13.64
C LEU A 69 -3.50 -1.24 -14.50
N GLU A 70 -3.52 -0.71 -15.72
CA GLU A 70 -2.41 -0.86 -16.64
C GLU A 70 -1.90 -2.30 -16.65
N ASN A 71 -2.83 -3.26 -16.58
CA ASN A 71 -2.46 -4.68 -16.58
C ASN A 71 -3.03 -5.38 -17.79
N SER A 72 -2.17 -6.10 -18.52
CA SER A 72 -2.57 -6.82 -19.71
C SER A 72 -2.90 -8.27 -19.38
N ASP A 73 -3.71 -8.90 -20.23
CA ASP A 73 -4.08 -10.30 -20.03
C ASP A 73 -3.92 -11.09 -21.31
N SER A 74 -2.95 -12.00 -21.33
CA SER A 74 -2.68 -12.82 -22.51
C SER A 74 -3.10 -14.27 -22.26
N GLY A 75 -2.63 -14.83 -21.16
CA GLY A 75 -2.97 -16.21 -20.82
C GLY A 75 -1.74 -17.10 -20.76
N PRO A 76 -1.95 -18.42 -20.91
CA PRO A 76 -0.87 -19.40 -20.88
C PRO A 76 0.04 -19.32 -22.10
N SER A 77 -0.24 -18.35 -22.96
CA SER A 77 0.55 -18.16 -24.18
C SER A 77 2.02 -18.48 -23.92
N SER A 78 2.46 -19.62 -24.44
CA SER A 78 3.85 -20.05 -24.26
C SER A 78 4.67 -19.76 -25.52
N GLY A 79 5.91 -19.33 -25.33
CA GLY A 79 6.77 -19.03 -26.46
C GLY A 79 7.41 -20.27 -27.04
N GLY A 1 6.70 3.17 -13.40
CA GLY A 1 6.65 3.83 -14.70
C GLY A 1 7.82 4.76 -14.91
N SER A 2 8.19 5.50 -13.88
CA SER A 2 9.31 6.43 -13.95
C SER A 2 10.58 5.82 -13.36
N SER A 3 10.46 5.27 -12.15
CA SER A 3 11.59 4.66 -11.48
C SER A 3 12.49 3.93 -12.48
N GLY A 4 13.79 4.21 -12.40
CA GLY A 4 14.73 3.57 -13.29
C GLY A 4 16.07 4.28 -13.33
N SER A 5 17.15 3.51 -13.25
CA SER A 5 18.50 4.08 -13.26
C SER A 5 18.70 4.98 -14.47
N SER A 6 18.66 6.29 -14.24
CA SER A 6 18.84 7.26 -15.31
C SER A 6 20.24 7.84 -15.31
N GLY A 7 20.65 8.38 -14.16
CA GLY A 7 21.98 8.96 -14.04
C GLY A 7 22.04 10.04 -12.98
N THR A 8 21.41 11.17 -13.25
CA THR A 8 21.40 12.29 -12.31
C THR A 8 21.13 11.81 -10.89
N LEU A 9 20.05 11.04 -10.73
CA LEU A 9 19.68 10.51 -9.42
C LEU A 9 19.76 11.60 -8.36
N ALA A 10 19.30 12.80 -8.70
CA ALA A 10 19.32 13.92 -7.77
C ALA A 10 18.33 13.71 -6.62
N LYS A 11 18.84 13.31 -5.47
CA LYS A 11 18.01 13.07 -4.30
C LYS A 11 18.87 12.74 -3.08
N SER A 12 18.43 13.22 -1.91
CA SER A 12 19.16 12.98 -0.68
C SER A 12 19.53 11.51 -0.54
N LYS A 13 20.80 11.20 -0.73
CA LYS A 13 21.29 9.83 -0.62
C LYS A 13 20.60 9.09 0.52
N GLY A 14 19.81 8.09 0.19
CA GLY A 14 19.12 7.32 1.20
C GLY A 14 19.59 5.88 1.27
N ALA A 15 19.85 5.40 2.48
CA ALA A 15 20.31 4.03 2.67
C ALA A 15 19.26 3.20 3.39
N SER A 16 18.02 3.29 2.92
CA SER A 16 16.92 2.53 3.52
C SER A 16 16.86 1.11 2.96
N ALA A 17 18.03 0.49 2.85
CA ALA A 17 18.11 -0.87 2.34
C ALA A 17 17.34 -1.02 1.03
N GLY A 18 17.46 -0.01 0.18
CA GLY A 18 16.77 -0.05 -1.10
C GLY A 18 15.26 0.12 -0.95
N ARG A 19 14.81 1.38 -0.90
CA ARG A 19 13.40 1.67 -0.76
C ARG A 19 12.57 0.89 -1.78
N GLU A 20 12.05 -0.26 -1.35
CA GLU A 20 11.24 -1.10 -2.21
C GLU A 20 10.22 -1.90 -1.40
N TRP A 21 8.95 -1.81 -1.80
CA TRP A 21 7.88 -2.52 -1.12
C TRP A 21 7.82 -3.98 -1.57
N THR A 22 7.50 -4.86 -0.63
CA THR A 22 7.40 -6.29 -0.93
C THR A 22 6.02 -6.84 -0.57
N GLU A 23 5.66 -7.96 -1.20
CA GLU A 23 4.36 -8.57 -0.94
C GLU A 23 4.05 -8.59 0.55
N GLN A 24 5.09 -8.75 1.37
CA GLN A 24 4.91 -8.79 2.81
C GLN A 24 4.34 -7.47 3.33
N GLU A 25 4.97 -6.36 2.93
CA GLU A 25 4.54 -5.05 3.36
C GLU A 25 3.15 -4.73 2.79
N THR A 26 3.01 -4.86 1.48
CA THR A 26 1.74 -4.59 0.82
C THR A 26 0.57 -5.13 1.61
N LEU A 27 0.63 -6.42 1.95
CA LEU A 27 -0.42 -7.07 2.72
C LEU A 27 -0.63 -6.36 4.06
N LEU A 28 0.47 -6.07 4.75
CA LEU A 28 0.40 -5.39 6.05
C LEU A 28 -0.35 -4.08 5.93
N LEU A 29 0.06 -3.25 4.96
CA LEU A 29 -0.58 -1.95 4.75
C LEU A 29 -2.09 -2.10 4.66
N LEU A 30 -2.54 -3.05 3.85
CA LEU A 30 -3.97 -3.30 3.66
C LEU A 30 -4.61 -3.78 4.96
N GLU A 31 -3.89 -4.61 5.70
CA GLU A 31 -4.38 -5.14 6.97
C GLU A 31 -4.74 -4.01 7.93
N ALA A 32 -3.80 -3.08 8.12
CA ALA A 32 -4.02 -1.94 9.01
C ALA A 32 -5.04 -0.98 8.42
N LEU A 33 -5.09 -0.91 7.10
CA LEU A 33 -6.03 -0.02 6.42
C LEU A 33 -7.47 -0.40 6.75
N GLU A 34 -7.65 -1.56 7.37
CA GLU A 34 -8.97 -2.03 7.74
C GLU A 34 -9.29 -1.67 9.19
N MET A 35 -8.27 -1.65 10.03
CA MET A 35 -8.44 -1.32 11.45
C MET A 35 -8.09 0.15 11.70
N TYR A 36 -6.88 0.53 11.33
CA TYR A 36 -6.42 1.90 11.52
C TYR A 36 -6.54 2.71 10.23
N LYS A 37 -7.57 2.40 9.45
CA LYS A 37 -7.80 3.10 8.18
C LYS A 37 -7.40 4.56 8.28
N ASP A 38 -7.99 5.28 9.23
CA ASP A 38 -7.68 6.69 9.43
C ASP A 38 -6.50 6.86 10.37
N ASP A 39 -6.47 6.06 11.43
CA ASP A 39 -5.39 6.12 12.41
C ASP A 39 -4.05 5.80 11.75
N TRP A 40 -3.51 6.75 11.00
CA TRP A 40 -2.24 6.55 10.32
C TRP A 40 -1.11 6.39 11.33
N ASN A 41 -1.30 6.94 12.52
CA ASN A 41 -0.29 6.85 13.58
C ASN A 41 0.21 5.42 13.74
N LYS A 42 -0.72 4.49 13.93
CA LYS A 42 -0.38 3.09 14.09
C LYS A 42 -0.08 2.44 12.75
N VAL A 43 -0.84 2.83 11.72
CA VAL A 43 -0.65 2.29 10.39
C VAL A 43 0.82 2.08 10.08
N SER A 44 1.62 3.11 10.35
CA SER A 44 3.05 3.05 10.09
C SER A 44 3.71 1.93 10.91
N GLU A 45 3.22 1.73 12.13
CA GLU A 45 3.74 0.70 13.01
C GLU A 45 3.30 -0.69 12.55
N HIS A 46 2.00 -0.85 12.37
CA HIS A 46 1.45 -2.13 11.93
C HIS A 46 2.35 -2.79 10.90
N VAL A 47 2.84 -1.98 9.96
CA VAL A 47 3.71 -2.49 8.90
C VAL A 47 5.07 -2.90 9.46
N GLY A 48 5.79 -1.93 10.01
CA GLY A 48 7.10 -2.21 10.58
C GLY A 48 8.13 -1.18 10.19
N SER A 49 8.75 -1.37 9.02
CA SER A 49 9.76 -0.45 8.53
C SER A 49 9.16 0.56 7.56
N ARG A 50 8.10 1.22 7.98
CA ARG A 50 7.43 2.21 7.15
C ARG A 50 6.83 3.33 7.99
N THR A 51 6.97 4.57 7.52
CA THR A 51 6.45 5.73 8.24
C THR A 51 5.09 6.13 7.70
N GLN A 52 4.33 6.86 8.51
CA GLN A 52 3.00 7.32 8.12
C GLN A 52 3.01 7.81 6.68
N ASP A 53 3.79 8.85 6.40
CA ASP A 53 3.89 9.41 5.06
C ASP A 53 4.06 8.30 4.03
N GLU A 54 5.18 7.59 4.11
CA GLU A 54 5.47 6.51 3.17
C GLU A 54 4.23 5.64 2.95
N CYS A 55 3.71 5.07 4.03
CA CYS A 55 2.54 4.21 3.95
C CYS A 55 1.47 4.84 3.06
N ILE A 56 1.07 6.07 3.40
CA ILE A 56 0.05 6.77 2.62
C ILE A 56 0.36 6.71 1.13
N LEU A 57 1.56 7.12 0.75
CA LEU A 57 1.98 7.12 -0.64
C LEU A 57 1.76 5.74 -1.26
N HIS A 58 2.42 4.73 -0.70
CA HIS A 58 2.29 3.37 -1.21
C HIS A 58 0.86 3.07 -1.60
N PHE A 59 -0.09 3.47 -0.76
CA PHE A 59 -1.50 3.24 -1.03
C PHE A 59 -1.95 3.97 -2.29
N LEU A 60 -1.59 5.25 -2.39
CA LEU A 60 -1.96 6.06 -3.55
C LEU A 60 -1.54 5.36 -4.84
N ARG A 61 -0.44 4.64 -4.78
CA ARG A 61 0.07 3.92 -5.96
C ARG A 61 -0.93 2.86 -6.42
N LEU A 62 -1.42 2.06 -5.49
CA LEU A 62 -2.39 1.01 -5.80
C LEU A 62 -3.34 1.46 -6.90
N PRO A 63 -3.79 0.50 -7.72
CA PRO A 63 -4.70 0.77 -8.83
C PRO A 63 -6.10 1.14 -8.35
N ILE A 64 -6.99 1.43 -9.28
CA ILE A 64 -8.36 1.80 -8.95
C ILE A 64 -8.91 0.95 -7.81
N GLU A 65 -8.34 -0.26 -7.66
CA GLU A 65 -8.76 -1.17 -6.61
C GLU A 65 -8.73 -0.48 -5.25
N ASP A 66 -9.92 -0.12 -4.75
CA ASP A 66 -10.01 0.55 -3.46
C ASP A 66 -10.43 -0.44 -2.37
N PRO A 67 -10.17 -0.08 -1.11
CA PRO A 67 -10.50 -0.91 0.05
C PRO A 67 -12.01 -1.01 0.28
N TYR A 68 -12.78 -0.43 -0.63
CA TYR A 68 -14.23 -0.45 -0.52
C TYR A 68 -14.70 0.31 0.72
N LEU A 69 -13.97 1.37 1.05
CA LEU A 69 -14.30 2.19 2.21
C LEU A 69 -15.79 2.55 2.21
N GLU A 70 -16.49 2.11 3.24
CA GLU A 70 -17.93 2.38 3.37
C GLU A 70 -18.71 1.67 2.28
N ASN A 71 -18.49 0.35 2.16
CA ASN A 71 -19.19 -0.44 1.15
C ASN A 71 -19.98 -1.57 1.80
N SER A 72 -20.91 -2.15 1.04
CA SER A 72 -21.74 -3.24 1.54
C SER A 72 -20.91 -4.20 2.40
N ASP A 73 -21.04 -4.05 3.71
CA ASP A 73 -20.31 -4.91 4.64
C ASP A 73 -21.03 -4.98 5.98
N SER A 74 -20.45 -5.74 6.92
CA SER A 74 -21.03 -5.90 8.25
C SER A 74 -21.08 -4.57 8.99
N GLY A 75 -21.59 -4.58 10.21
CA GLY A 75 -21.68 -3.37 11.00
C GLY A 75 -22.69 -3.49 12.12
N PRO A 76 -22.37 -4.32 13.13
CA PRO A 76 -23.25 -4.53 14.29
C PRO A 76 -23.33 -3.32 15.19
N SER A 77 -22.18 -2.71 15.48
CA SER A 77 -22.11 -1.53 16.33
C SER A 77 -20.72 -0.91 16.30
N SER A 78 -20.66 0.42 16.37
CA SER A 78 -19.40 1.13 16.35
C SER A 78 -19.61 2.62 16.61
N GLY A 79 -19.14 3.09 17.76
CA GLY A 79 -19.28 4.49 18.11
C GLY A 79 -18.92 5.41 16.97
#